data_2ZVF
#
_entry.id   2ZVF
#
_cell.length_a   124.109
_cell.length_b   131.714
_cell.length_c   138.823
_cell.angle_alpha   90.00
_cell.angle_beta   90.00
_cell.angle_gamma   90.00
#
_symmetry.space_group_name_H-M   'P 2 2 21'
#
loop_
_entity.id
_entity.type
_entity.pdbx_description
1 polymer 'Alanyl-tRNA synthetase'
2 non-polymer 'SULFATE ION'
3 water water
#
_entity_poly.entity_id   1
_entity_poly.type   'polypeptide(L)'
_entity_poly.pdbx_seq_one_letter_code
;(MSE)GEAAIEAVEE(MSE)ERLLREASSILRVEPAKLPKTVERFFEEWKDQRKEIERLKSVIADLWADIL(MSE)ERAE
EFDS(MSE)KVVAEVVDAD(MSE)QALQKLAERLAEKGAVGCL(MSE)AKGEGKVFVVTFSGQKYDARELLREIGRVAKG
SGGGRKDVAQGAVQQLLDREE(MSE)LDVIFRFLSEHEG
;
_entity_poly.pdbx_strand_id   A,B,C,D,E,F,G,H
#
loop_
_chem_comp.id
_chem_comp.type
_chem_comp.name
_chem_comp.formula
SO4 non-polymer 'SULFATE ION' 'O4 S -2'
#
# COMPACT_ATOMS: atom_id res chain seq x y z
N GLY A 2 -26.42 -1.19 -25.43
CA GLY A 2 -25.81 -2.22 -26.34
C GLY A 2 -24.46 -2.72 -25.86
N GLU A 3 -24.06 -2.30 -24.66
CA GLU A 3 -22.78 -2.72 -24.08
C GLU A 3 -22.90 -4.15 -23.57
N ALA A 4 -24.12 -4.69 -23.67
CA ALA A 4 -24.42 -6.04 -23.24
C ALA A 4 -24.30 -6.96 -24.45
N ALA A 5 -23.75 -6.44 -25.54
CA ALA A 5 -23.58 -7.23 -26.77
C ALA A 5 -22.22 -7.92 -26.72
N ILE A 6 -21.37 -7.48 -25.79
CA ILE A 6 -20.04 -8.05 -25.61
C ILE A 6 -20.08 -9.04 -24.45
N GLU A 7 -20.84 -8.72 -23.41
CA GLU A 7 -20.94 -9.60 -22.26
C GLU A 7 -21.58 -10.94 -22.66
N ALA A 8 -22.33 -10.92 -23.76
CA ALA A 8 -22.98 -12.11 -24.27
C ALA A 8 -21.96 -12.93 -25.08
N VAL A 9 -21.09 -12.24 -25.80
CA VAL A 9 -20.06 -12.91 -26.58
C VAL A 9 -19.18 -13.71 -25.63
N GLU A 10 -19.01 -13.20 -24.41
CA GLU A 10 -18.20 -13.90 -23.43
C GLU A 10 -18.93 -15.17 -23.03
N GLU A 11 -20.24 -15.04 -22.90
CA GLU A 11 -21.12 -16.15 -22.56
C GLU A 11 -20.86 -17.31 -23.51
N MSE A 12 -21.06 -17.06 -24.80
CA MSE A 12 -20.84 -18.05 -25.83
C MSE A 12 -19.45 -18.71 -25.69
O MSE A 12 -19.35 -19.93 -25.53
CB MSE A 12 -21.00 -17.40 -27.21
CG MSE A 12 -20.75 -18.31 -28.40
SE MSE A 12 -18.91 -18.30 -29.05
CE MSE A 12 -18.86 -16.50 -29.75
N GLU A 13 -18.40 -17.91 -25.72
CA GLU A 13 -17.04 -18.44 -25.62
C GLU A 13 -16.84 -19.25 -24.36
N ARG A 14 -17.60 -18.90 -23.33
CA ARG A 14 -17.53 -19.59 -22.05
C ARG A 14 -18.08 -20.99 -22.27
N LEU A 15 -19.39 -21.05 -22.49
CA LEU A 15 -20.09 -22.29 -22.75
C LEU A 15 -19.30 -23.22 -23.70
N LEU A 16 -18.80 -22.69 -24.81
CA LEU A 16 -18.09 -23.55 -25.73
C LEU A 16 -16.91 -24.17 -25.06
N ARG A 17 -15.97 -23.37 -24.56
CA ARG A 17 -14.79 -23.95 -23.94
C ARG A 17 -15.09 -24.90 -22.75
N GLU A 18 -16.18 -24.63 -22.02
CA GLU A 18 -16.57 -25.47 -20.91
C GLU A 18 -16.76 -26.88 -21.44
N ALA A 19 -17.85 -27.07 -22.20
CA ALA A 19 -18.18 -28.36 -22.81
C ALA A 19 -17.02 -28.97 -23.58
N SER A 20 -16.37 -28.11 -24.36
CA SER A 20 -15.24 -28.51 -25.17
C SER A 20 -14.13 -29.09 -24.29
N SER A 21 -14.09 -28.64 -23.03
CA SER A 21 -13.05 -29.11 -22.12
C SER A 21 -13.39 -30.42 -21.42
N ILE A 22 -14.61 -30.53 -20.92
CA ILE A 22 -15.01 -31.75 -20.23
C ILE A 22 -14.92 -33.00 -21.12
N LEU A 23 -14.51 -32.81 -22.38
CA LEU A 23 -14.36 -33.94 -23.31
C LEU A 23 -12.94 -33.96 -23.80
N ARG A 24 -12.14 -33.04 -23.29
CA ARG A 24 -10.73 -32.98 -23.66
C ARG A 24 -10.56 -32.92 -25.17
N VAL A 25 -10.96 -31.83 -25.80
CA VAL A 25 -10.78 -31.69 -27.24
C VAL A 25 -10.66 -30.24 -27.64
N GLU A 26 -10.10 -30.01 -28.83
CA GLU A 26 -9.96 -28.66 -29.34
C GLU A 26 -11.38 -28.16 -29.52
N PRO A 27 -11.64 -26.89 -29.16
CA PRO A 27 -12.99 -26.33 -29.31
C PRO A 27 -13.49 -26.43 -30.75
N ALA A 28 -12.57 -26.67 -31.67
CA ALA A 28 -12.88 -26.79 -33.09
C ALA A 28 -13.23 -28.22 -33.49
N LYS A 29 -12.76 -29.19 -32.71
CA LYS A 29 -13.02 -30.60 -32.97
C LYS A 29 -14.12 -31.08 -32.03
N LEU A 30 -14.82 -30.13 -31.40
CA LEU A 30 -15.86 -30.48 -30.48
C LEU A 30 -17.06 -31.13 -31.15
N PRO A 31 -17.81 -30.40 -31.98
CA PRO A 31 -18.97 -31.03 -32.64
C PRO A 31 -18.75 -32.48 -33.09
N LYS A 32 -17.65 -32.74 -33.78
CA LYS A 32 -17.32 -34.08 -34.27
C LYS A 32 -17.31 -35.15 -33.16
N THR A 33 -16.62 -34.85 -32.07
CA THR A 33 -16.53 -35.79 -30.97
C THR A 33 -17.88 -35.93 -30.24
N VAL A 34 -18.59 -34.82 -30.07
CA VAL A 34 -19.90 -34.84 -29.40
C VAL A 34 -20.84 -35.79 -30.16
N GLU A 35 -20.80 -35.71 -31.49
CA GLU A 35 -21.62 -36.56 -32.35
C GLU A 35 -21.19 -38.00 -32.08
N ARG A 36 -19.88 -38.25 -32.15
CA ARG A 36 -19.36 -39.59 -31.91
C ARG A 36 -19.82 -40.07 -30.54
N PHE A 37 -19.51 -39.33 -29.49
CA PHE A 37 -19.94 -39.73 -28.16
C PHE A 37 -21.43 -39.95 -28.07
N PHE A 38 -22.22 -39.10 -28.72
CA PHE A 38 -23.65 -39.30 -28.62
C PHE A 38 -24.04 -40.63 -29.27
N GLU A 39 -23.27 -41.03 -30.28
CA GLU A 39 -23.54 -42.28 -30.97
C GLU A 39 -23.22 -43.41 -30.02
N GLU A 40 -21.95 -43.50 -29.62
CA GLU A 40 -21.54 -44.54 -28.70
C GLU A 40 -22.59 -44.61 -27.59
N TRP A 41 -22.91 -43.47 -26.99
CA TRP A 41 -23.89 -43.44 -25.92
C TRP A 41 -25.18 -44.15 -26.28
N LYS A 42 -25.63 -44.00 -27.52
CA LYS A 42 -26.86 -44.67 -27.95
C LYS A 42 -26.58 -46.14 -28.19
N ASP A 43 -25.43 -46.45 -28.77
CA ASP A 43 -25.07 -47.83 -29.03
C ASP A 43 -25.00 -48.57 -27.69
N GLN A 44 -24.16 -48.08 -26.79
CA GLN A 44 -23.99 -48.67 -25.47
C GLN A 44 -25.32 -48.94 -24.79
N ARG A 45 -26.25 -48.00 -24.96
CA ARG A 45 -27.57 -48.16 -24.37
C ARG A 45 -28.26 -49.41 -24.88
N LYS A 46 -28.22 -49.62 -26.19
CA LYS A 46 -28.86 -50.80 -26.76
C LYS A 46 -28.05 -52.05 -26.43
N GLU A 47 -26.73 -51.95 -26.52
CA GLU A 47 -25.84 -53.08 -26.25
C GLU A 47 -26.09 -53.67 -24.88
N ILE A 48 -26.16 -52.80 -23.88
CA ILE A 48 -26.41 -53.20 -22.51
C ILE A 48 -27.76 -53.94 -22.45
N GLU A 49 -28.73 -53.42 -23.17
CA GLU A 49 -30.01 -54.07 -23.15
C GLU A 49 -29.88 -55.42 -23.82
N ARG A 50 -29.01 -55.51 -24.81
CA ARG A 50 -28.84 -56.78 -25.49
C ARG A 50 -28.26 -57.77 -24.47
N LEU A 51 -27.13 -57.42 -23.87
CA LEU A 51 -26.48 -58.27 -22.89
C LEU A 51 -27.41 -58.75 -21.81
N LYS A 52 -28.21 -57.83 -21.27
CA LYS A 52 -29.15 -58.19 -20.23
C LYS A 52 -30.01 -59.35 -20.72
N SER A 53 -30.39 -59.32 -21.99
CA SER A 53 -31.20 -60.40 -22.56
C SER A 53 -30.49 -61.73 -22.44
N VAL A 54 -29.36 -61.84 -23.15
CA VAL A 54 -28.53 -63.04 -23.16
C VAL A 54 -28.36 -63.65 -21.76
N ILE A 55 -28.08 -62.81 -20.76
CA ILE A 55 -27.88 -63.32 -19.42
C ILE A 55 -29.08 -64.10 -18.95
N ALA A 56 -30.26 -63.56 -19.18
CA ALA A 56 -31.48 -64.28 -18.78
C ALA A 56 -31.63 -65.52 -19.66
N ASP A 57 -31.12 -65.43 -20.89
CA ASP A 57 -31.20 -66.55 -21.81
C ASP A 57 -30.42 -67.70 -21.22
N LEU A 58 -29.12 -67.50 -21.14
CA LEU A 58 -28.24 -68.52 -20.57
C LEU A 58 -28.85 -69.01 -19.26
N TRP A 59 -29.14 -68.06 -18.38
CA TRP A 59 -29.71 -68.33 -17.06
C TRP A 59 -30.89 -69.31 -17.13
N ALA A 60 -31.82 -69.04 -18.03
CA ALA A 60 -32.96 -69.93 -18.14
C ALA A 60 -32.42 -71.29 -18.56
N ASP A 61 -31.56 -71.32 -19.58
CA ASP A 61 -30.99 -72.58 -20.06
C ASP A 61 -30.42 -73.42 -18.91
N ILE A 62 -29.66 -72.77 -18.02
CA ILE A 62 -29.07 -73.43 -16.87
C ILE A 62 -30.16 -73.98 -15.96
N LEU A 63 -31.26 -73.27 -15.86
CA LEU A 63 -32.37 -73.73 -15.01
C LEU A 63 -33.01 -75.02 -15.54
N MSE A 64 -33.00 -75.19 -16.86
CA MSE A 64 -33.55 -76.38 -17.48
C MSE A 64 -32.67 -77.59 -17.24
O MSE A 64 -33.13 -78.72 -17.29
CB MSE A 64 -33.63 -76.19 -18.99
CG MSE A 64 -34.61 -75.15 -19.42
SE MSE A 64 -36.37 -75.84 -19.49
CE MSE A 64 -36.35 -76.40 -21.32
N GLU A 65 -31.38 -77.33 -16.99
CA GLU A 65 -30.40 -78.38 -16.78
C GLU A 65 -30.67 -79.24 -15.56
N ARG A 66 -31.59 -78.83 -14.70
CA ARG A 66 -31.82 -79.64 -13.51
C ARG A 66 -33.29 -79.98 -13.39
N ALA A 67 -34.02 -79.83 -14.50
CA ALA A 67 -35.45 -80.10 -14.53
C ALA A 67 -35.84 -81.52 -14.19
N GLU A 68 -37.08 -81.69 -13.75
CA GLU A 68 -37.62 -83.00 -13.42
C GLU A 68 -38.64 -83.34 -14.49
N GLU A 69 -38.96 -84.61 -14.66
CA GLU A 69 -39.93 -85.01 -15.67
C GLU A 69 -41.23 -85.53 -15.10
N PHE A 70 -42.32 -85.19 -15.76
CA PHE A 70 -43.64 -85.59 -15.33
C PHE A 70 -44.52 -85.56 -16.56
N ASP A 71 -44.65 -86.73 -17.20
CA ASP A 71 -45.45 -86.87 -18.41
C ASP A 71 -44.75 -86.23 -19.60
N SER A 72 -43.46 -86.54 -19.77
CA SER A 72 -42.69 -86.00 -20.89
C SER A 72 -42.51 -84.49 -20.73
N MSE A 73 -43.14 -83.96 -19.68
CA MSE A 73 -43.10 -82.54 -19.38
C MSE A 73 -41.96 -82.26 -18.43
O MSE A 73 -41.77 -82.96 -17.44
CB MSE A 73 -44.38 -82.11 -18.71
CG MSE A 73 -45.61 -82.27 -19.56
SE MSE A 73 -46.99 -81.27 -18.75
CE MSE A 73 -47.19 -82.35 -17.17
N LYS A 74 -41.21 -81.21 -18.72
CA LYS A 74 -40.10 -80.89 -17.87
C LYS A 74 -40.57 -79.87 -16.82
N VAL A 75 -40.56 -80.27 -15.55
CA VAL A 75 -40.95 -79.38 -14.45
C VAL A 75 -39.68 -78.78 -13.83
N VAL A 76 -39.69 -77.46 -13.67
CA VAL A 76 -38.55 -76.74 -13.13
C VAL A 76 -38.92 -76.09 -11.82
N ALA A 77 -38.14 -76.33 -10.78
CA ALA A 77 -38.43 -75.75 -9.48
C ALA A 77 -37.10 -75.50 -8.78
N GLU A 78 -36.77 -74.23 -8.64
CA GLU A 78 -35.47 -73.85 -8.08
C GLU A 78 -35.53 -72.50 -7.32
N VAL A 79 -34.74 -72.38 -6.25
CA VAL A 79 -34.64 -71.15 -5.47
C VAL A 79 -33.58 -70.36 -6.24
N VAL A 80 -33.81 -69.08 -6.50
CA VAL A 80 -32.84 -68.30 -7.28
C VAL A 80 -32.48 -66.93 -6.70
N ASP A 81 -31.27 -66.48 -7.02
CA ASP A 81 -30.73 -65.20 -6.55
C ASP A 81 -31.12 -64.15 -7.58
N ALA A 82 -32.40 -63.78 -7.56
CA ALA A 82 -32.92 -62.80 -8.50
C ALA A 82 -33.97 -61.86 -7.94
N ASP A 83 -34.06 -60.68 -8.54
CA ASP A 83 -35.05 -59.70 -8.17
C ASP A 83 -36.25 -60.10 -9.02
N MSE A 84 -37.42 -59.60 -8.66
CA MSE A 84 -38.62 -59.95 -9.41
C MSE A 84 -38.48 -59.77 -10.91
O MSE A 84 -38.73 -60.69 -11.66
CB MSE A 84 -39.80 -59.13 -8.90
CG MSE A 84 -41.15 -59.51 -9.52
SE MSE A 84 -41.72 -61.32 -9.11
CE MSE A 84 -42.04 -61.14 -7.22
N GLN A 85 -38.05 -58.59 -11.35
CA GLN A 85 -37.93 -58.38 -12.78
C GLN A 85 -37.19 -59.54 -13.45
N ALA A 86 -36.19 -60.07 -12.76
CA ALA A 86 -35.42 -61.18 -13.32
C ALA A 86 -36.32 -62.42 -13.37
N LEU A 87 -36.85 -62.80 -12.21
CA LEU A 87 -37.71 -63.97 -12.13
C LEU A 87 -38.76 -63.95 -13.24
N GLN A 88 -39.18 -62.76 -13.62
CA GLN A 88 -40.17 -62.65 -14.67
C GLN A 88 -39.55 -62.93 -16.02
N LYS A 89 -38.32 -62.45 -16.22
CA LYS A 89 -37.62 -62.64 -17.50
C LYS A 89 -37.26 -64.11 -17.67
N LEU A 90 -37.19 -64.82 -16.56
CA LEU A 90 -36.88 -66.22 -16.60
C LEU A 90 -38.17 -67.00 -16.82
N ALA A 91 -39.22 -66.66 -16.08
CA ALA A 91 -40.50 -67.34 -16.22
C ALA A 91 -40.91 -67.46 -17.68
N GLU A 92 -40.92 -66.34 -18.39
CA GLU A 92 -41.30 -66.34 -19.79
C GLU A 92 -40.48 -67.35 -20.56
N ARG A 93 -39.16 -67.18 -20.50
CA ARG A 93 -38.21 -68.03 -21.20
C ARG A 93 -38.42 -69.52 -20.96
N LEU A 94 -38.56 -69.92 -19.70
CA LEU A 94 -38.76 -71.33 -19.37
C LEU A 94 -40.03 -71.79 -20.03
N ALA A 95 -41.06 -70.96 -19.93
CA ALA A 95 -42.34 -71.27 -20.53
C ALA A 95 -42.19 -71.54 -22.04
N GLU A 96 -41.66 -70.57 -22.78
CA GLU A 96 -41.48 -70.76 -24.21
C GLU A 96 -40.81 -72.07 -24.59
N LYS A 97 -40.11 -72.68 -23.62
CA LYS A 97 -39.42 -73.95 -23.85
C LYS A 97 -40.35 -75.11 -23.51
N GLY A 98 -41.62 -74.76 -23.26
CA GLY A 98 -42.63 -75.74 -22.93
C GLY A 98 -42.44 -76.40 -21.58
N ALA A 99 -41.98 -75.63 -20.61
CA ALA A 99 -41.76 -76.18 -19.29
C ALA A 99 -42.80 -75.65 -18.34
N VAL A 100 -42.86 -76.27 -17.17
CA VAL A 100 -43.82 -75.87 -16.16
C VAL A 100 -43.23 -75.98 -14.79
N GLY A 101 -43.48 -74.96 -13.97
CA GLY A 101 -42.96 -74.97 -12.62
C GLY A 101 -43.08 -73.64 -11.89
N CYS A 102 -42.15 -73.41 -10.97
CA CYS A 102 -42.12 -72.22 -10.16
C CYS A 102 -40.71 -71.85 -9.67
N LEU A 103 -40.43 -70.55 -9.64
CA LEU A 103 -39.16 -69.99 -9.18
C LEU A 103 -39.39 -69.01 -8.03
N MSE A 104 -38.63 -69.16 -6.96
CA MSE A 104 -38.74 -68.29 -5.80
C MSE A 104 -37.40 -67.60 -5.59
O MSE A 104 -36.38 -68.11 -6.05
CB MSE A 104 -39.13 -69.08 -4.55
CG MSE A 104 -40.53 -69.69 -4.61
SE MSE A 104 -41.03 -70.70 -3.02
CE MSE A 104 -41.86 -69.31 -2.00
N ALA A 105 -37.42 -66.45 -4.93
CA ALA A 105 -36.20 -65.67 -4.68
C ALA A 105 -36.36 -64.79 -3.43
N LYS A 106 -35.41 -64.89 -2.50
CA LYS A 106 -35.49 -64.09 -1.28
C LYS A 106 -35.45 -62.60 -1.54
N GLY A 107 -36.37 -61.88 -0.91
CA GLY A 107 -36.43 -60.45 -1.05
C GLY A 107 -36.31 -59.89 0.35
N GLU A 108 -36.07 -58.58 0.46
CA GLU A 108 -35.96 -57.97 1.78
C GLU A 108 -37.35 -57.90 2.37
N GLY A 109 -37.56 -58.62 3.47
CA GLY A 109 -38.84 -58.62 4.13
C GLY A 109 -39.84 -59.61 3.56
N LYS A 110 -39.62 -60.03 2.31
CA LYS A 110 -40.53 -60.99 1.68
C LYS A 110 -39.83 -61.88 0.65
N VAL A 111 -40.57 -62.87 0.15
CA VAL A 111 -40.06 -63.80 -0.84
C VAL A 111 -40.77 -63.57 -2.16
N PHE A 112 -40.01 -63.38 -3.23
CA PHE A 112 -40.58 -63.16 -4.56
C PHE A 112 -40.90 -64.53 -5.20
N VAL A 113 -42.07 -64.69 -5.80
CA VAL A 113 -42.40 -65.98 -6.42
C VAL A 113 -42.92 -65.84 -7.84
N VAL A 114 -42.70 -66.86 -8.65
CA VAL A 114 -43.17 -66.83 -10.03
C VAL A 114 -43.55 -68.24 -10.48
N THR A 115 -44.52 -68.34 -11.39
CA THR A 115 -44.92 -69.64 -11.86
C THR A 115 -45.09 -69.56 -13.37
N PHE A 116 -44.59 -70.56 -14.08
CA PHE A 116 -44.67 -70.56 -15.54
C PHE A 116 -45.27 -71.85 -16.07
N SER A 117 -45.93 -71.75 -17.23
CA SER A 117 -46.55 -72.90 -17.86
C SER A 117 -46.50 -72.90 -19.39
N GLY A 118 -45.89 -73.94 -19.94
CA GLY A 118 -45.81 -74.08 -21.37
C GLY A 118 -46.80 -75.14 -21.77
N GLN A 119 -47.65 -75.49 -20.83
CA GLN A 119 -48.65 -76.50 -21.06
C GLN A 119 -50.03 -75.98 -20.73
N LYS A 120 -51.02 -76.85 -20.92
CA LYS A 120 -52.42 -76.52 -20.67
C LYS A 120 -52.69 -75.99 -19.25
N TYR A 121 -51.88 -76.41 -18.29
CA TYR A 121 -52.03 -75.96 -16.92
C TYR A 121 -52.00 -74.45 -16.88
N ASP A 122 -52.50 -73.86 -15.81
CA ASP A 122 -52.51 -72.41 -15.71
C ASP A 122 -51.55 -71.87 -14.65
N ALA A 123 -50.72 -70.91 -15.06
CA ALA A 123 -49.74 -70.32 -14.16
C ALA A 123 -50.40 -69.85 -12.88
N ARG A 124 -51.34 -68.92 -13.03
CA ARG A 124 -52.08 -68.33 -11.93
C ARG A 124 -52.61 -69.42 -11.01
N GLU A 125 -53.11 -70.49 -11.61
CA GLU A 125 -53.65 -71.60 -10.86
C GLU A 125 -52.54 -72.25 -10.01
N LEU A 126 -51.39 -72.52 -10.62
CA LEU A 126 -50.29 -73.15 -9.89
C LEU A 126 -49.84 -72.26 -8.75
N LEU A 127 -49.72 -70.97 -9.03
CA LEU A 127 -49.28 -69.99 -8.04
C LEU A 127 -50.08 -70.00 -6.73
N ARG A 128 -51.39 -69.87 -6.82
CA ARG A 128 -52.25 -69.89 -5.65
C ARG A 128 -51.93 -71.15 -4.89
N GLU A 129 -51.96 -72.26 -5.61
CA GLU A 129 -51.70 -73.55 -5.04
C GLU A 129 -50.48 -73.52 -4.11
N ILE A 130 -49.35 -72.97 -4.57
CA ILE A 130 -48.15 -72.91 -3.74
C ILE A 130 -48.23 -71.69 -2.82
N GLY A 131 -49.09 -70.75 -3.19
CA GLY A 131 -49.24 -69.56 -2.37
C GLY A 131 -49.88 -69.95 -1.05
N ARG A 132 -50.80 -70.91 -1.13
CA ARG A 132 -51.50 -71.41 0.04
C ARG A 132 -50.46 -72.01 0.98
N VAL A 133 -49.52 -72.75 0.42
CA VAL A 133 -48.48 -73.40 1.20
C VAL A 133 -47.50 -72.44 1.88
N ALA A 134 -46.99 -71.48 1.12
CA ALA A 134 -46.02 -70.52 1.62
C ALA A 134 -46.66 -69.28 2.26
N LYS A 135 -47.99 -69.22 2.19
CA LYS A 135 -48.77 -68.12 2.76
C LYS A 135 -48.53 -66.78 2.07
N GLY A 136 -49.11 -66.64 0.88
CA GLY A 136 -48.97 -65.42 0.12
C GLY A 136 -49.88 -65.48 -1.10
N SER A 137 -49.96 -64.39 -1.85
CA SER A 137 -50.82 -64.39 -3.01
C SER A 137 -50.21 -63.61 -4.15
N GLY A 138 -50.79 -63.78 -5.33
CA GLY A 138 -50.31 -63.08 -6.51
C GLY A 138 -51.12 -63.53 -7.70
N GLY A 139 -50.96 -62.83 -8.82
CA GLY A 139 -51.69 -63.18 -10.04
C GLY A 139 -50.91 -62.87 -11.30
N GLY A 140 -51.42 -63.29 -12.45
CA GLY A 140 -50.74 -63.02 -13.71
C GLY A 140 -51.50 -63.50 -14.94
N ARG A 141 -50.81 -64.24 -15.80
CA ARG A 141 -51.42 -64.78 -17.01
C ARG A 141 -51.50 -66.29 -16.92
N LYS A 142 -51.79 -66.94 -18.04
CA LYS A 142 -51.93 -68.40 -18.10
C LYS A 142 -50.57 -69.10 -18.13
N ASP A 143 -49.62 -68.46 -18.80
CA ASP A 143 -48.27 -68.98 -18.95
C ASP A 143 -47.28 -68.49 -17.89
N VAL A 144 -47.54 -67.31 -17.30
CA VAL A 144 -46.64 -66.75 -16.27
C VAL A 144 -47.45 -66.06 -15.16
N ALA A 145 -46.97 -66.09 -13.93
CA ALA A 145 -47.67 -65.45 -12.83
C ALA A 145 -46.69 -64.93 -11.78
N GLN A 146 -46.84 -63.67 -11.40
CA GLN A 146 -45.98 -63.03 -10.40
C GLN A 146 -46.64 -63.19 -9.03
N GLY A 147 -45.85 -63.12 -7.97
CA GLY A 147 -46.40 -63.25 -6.62
C GLY A 147 -45.41 -62.98 -5.50
N ALA A 148 -45.92 -62.69 -4.32
CA ALA A 148 -45.04 -62.44 -3.18
C ALA A 148 -45.51 -63.32 -2.02
N VAL A 149 -44.57 -63.89 -1.27
CA VAL A 149 -44.94 -64.74 -0.16
C VAL A 149 -44.01 -64.51 1.04
N GLN A 150 -44.25 -65.21 2.15
CA GLN A 150 -43.39 -64.99 3.30
C GLN A 150 -42.44 -66.13 3.67
N GLN A 151 -42.79 -67.35 3.27
CA GLN A 151 -41.93 -68.49 3.58
C GLN A 151 -41.17 -68.99 2.34
N LEU A 152 -39.87 -69.25 2.47
CA LEU A 152 -39.08 -69.77 1.34
C LEU A 152 -39.17 -71.30 1.35
N LEU A 153 -39.60 -71.90 0.24
CA LEU A 153 -39.76 -73.35 0.16
C LEU A 153 -38.58 -74.04 -0.54
N ASP A 154 -38.38 -75.32 -0.22
CA ASP A 154 -37.31 -76.17 -0.80
C ASP A 154 -37.64 -76.47 -2.25
N ARG A 155 -36.67 -77.01 -2.95
CA ARG A 155 -36.94 -77.40 -4.32
C ARG A 155 -37.84 -78.62 -4.14
N GLU A 156 -37.64 -79.33 -3.04
CA GLU A 156 -38.42 -80.51 -2.76
C GLU A 156 -39.81 -80.05 -2.41
N GLU A 157 -39.94 -79.25 -1.37
CA GLU A 157 -41.25 -78.75 -0.98
C GLU A 157 -41.96 -78.25 -2.23
N MSE A 158 -41.25 -77.48 -3.06
CA MSE A 158 -41.84 -76.95 -4.28
C MSE A 158 -42.32 -78.05 -5.20
O MSE A 158 -43.52 -78.19 -5.43
CB MSE A 158 -40.86 -76.07 -5.01
CG MSE A 158 -40.71 -74.70 -4.38
SE MSE A 158 -39.66 -73.47 -5.43
CE MSE A 158 -38.07 -73.50 -4.37
N LEU A 159 -41.39 -78.84 -5.71
CA LEU A 159 -41.71 -79.96 -6.60
C LEU A 159 -42.91 -80.72 -6.04
N ASP A 160 -42.89 -80.97 -4.75
CA ASP A 160 -43.97 -81.67 -4.08
C ASP A 160 -45.28 -80.95 -4.38
N VAL A 161 -45.31 -79.66 -4.07
CA VAL A 161 -46.49 -78.85 -4.30
C VAL A 161 -46.94 -78.89 -5.73
N ILE A 162 -46.02 -78.56 -6.63
CA ILE A 162 -46.34 -78.53 -8.04
C ILE A 162 -46.69 -79.91 -8.60
N PHE A 163 -46.12 -80.98 -8.05
CA PHE A 163 -46.46 -82.31 -8.55
C PHE A 163 -47.93 -82.61 -8.33
N ARG A 164 -48.42 -82.29 -7.15
CA ARG A 164 -49.82 -82.53 -6.85
C ARG A 164 -50.63 -81.77 -7.89
N PHE A 165 -50.43 -80.46 -7.93
CA PHE A 165 -51.12 -79.58 -8.89
C PHE A 165 -51.17 -80.19 -10.30
N LEU A 166 -50.10 -80.87 -10.69
CA LEU A 166 -50.05 -81.47 -12.03
C LEU A 166 -50.89 -82.72 -12.15
N SER A 167 -50.58 -83.69 -11.29
CA SER A 167 -51.28 -84.97 -11.29
C SER A 167 -52.77 -84.82 -10.99
N GLU A 168 -53.16 -83.69 -10.42
CA GLU A 168 -54.56 -83.51 -10.10
C GLU A 168 -55.31 -82.50 -10.93
N HIS A 169 -54.97 -81.22 -10.80
CA HIS A 169 -55.65 -80.15 -11.53
C HIS A 169 -55.77 -80.33 -13.03
N GLU A 170 -54.98 -81.23 -13.63
CA GLU A 170 -55.13 -81.41 -15.07
C GLU A 170 -55.03 -82.83 -15.61
N GLY A 171 -55.03 -83.81 -14.72
CA GLY A 171 -55.01 -85.17 -15.22
C GLY A 171 -54.26 -86.19 -14.40
N GLY B 2 -7.46 -7.83 -37.85
CA GLY B 2 -8.28 -8.58 -36.88
C GLY B 2 -9.61 -9.02 -37.45
N GLU B 3 -9.83 -8.77 -38.73
CA GLU B 3 -11.07 -9.16 -39.40
C GLU B 3 -11.09 -10.68 -39.53
N ALA B 4 -9.91 -11.26 -39.71
CA ALA B 4 -9.75 -12.70 -39.82
C ALA B 4 -10.05 -13.31 -38.45
N ALA B 5 -10.45 -12.46 -37.53
CA ALA B 5 -10.78 -12.87 -36.17
C ALA B 5 -12.24 -12.52 -35.90
N ILE B 6 -12.79 -11.61 -36.69
CA ILE B 6 -14.19 -11.20 -36.52
C ILE B 6 -15.04 -12.35 -37.03
N GLU B 7 -14.45 -13.20 -37.86
CA GLU B 7 -15.13 -14.37 -38.41
C GLU B 7 -14.77 -15.60 -37.58
N ALA B 8 -13.65 -15.53 -36.87
CA ALA B 8 -13.20 -16.62 -36.01
C ALA B 8 -14.14 -16.71 -34.83
N VAL B 9 -14.75 -15.59 -34.48
CA VAL B 9 -15.69 -15.56 -33.40
C VAL B 9 -16.96 -16.17 -33.93
N GLU B 10 -17.31 -15.83 -35.16
CA GLU B 10 -18.52 -16.38 -35.79
C GLU B 10 -18.38 -17.90 -35.72
N GLU B 11 -17.20 -18.39 -36.14
CA GLU B 11 -16.85 -19.80 -36.14
C GLU B 11 -17.31 -20.52 -34.85
N MSE B 12 -16.84 -20.03 -33.71
CA MSE B 12 -17.19 -20.60 -32.44
C MSE B 12 -18.68 -20.51 -32.20
O MSE B 12 -19.24 -21.36 -31.53
CB MSE B 12 -16.48 -19.86 -31.31
CG MSE B 12 -15.03 -19.55 -31.63
SE MSE B 12 -14.20 -18.48 -30.27
CE MSE B 12 -15.65 -17.25 -29.98
N GLU B 13 -19.33 -19.50 -32.75
CA GLU B 13 -20.77 -19.40 -32.55
C GLU B 13 -21.37 -20.63 -33.22
N ARG B 14 -20.84 -20.99 -34.38
CA ARG B 14 -21.31 -22.16 -35.11
C ARG B 14 -20.92 -23.42 -34.38
N LEU B 15 -19.64 -23.54 -34.06
CA LEU B 15 -19.16 -24.68 -33.31
C LEU B 15 -20.06 -24.96 -32.11
N LEU B 16 -20.31 -23.93 -31.29
CA LEU B 16 -21.14 -24.09 -30.12
C LEU B 16 -22.53 -24.54 -30.52
N ARG B 17 -23.10 -23.81 -31.47
CA ARG B 17 -24.42 -24.11 -31.95
C ARG B 17 -24.59 -25.51 -32.55
N GLU B 18 -23.52 -26.06 -33.10
CA GLU B 18 -23.59 -27.41 -33.66
C GLU B 18 -23.66 -28.45 -32.54
N ALA B 19 -22.69 -28.38 -31.62
CA ALA B 19 -22.68 -29.33 -30.50
C ALA B 19 -24.05 -29.29 -29.85
N SER B 20 -24.47 -28.11 -29.44
CA SER B 20 -25.76 -27.92 -28.80
C SER B 20 -26.81 -28.65 -29.62
N SER B 21 -26.78 -28.36 -30.92
CA SER B 21 -27.70 -28.94 -31.88
C SER B 21 -27.78 -30.46 -31.89
N ILE B 22 -26.65 -31.14 -31.76
CA ILE B 22 -26.71 -32.59 -31.84
C ILE B 22 -27.25 -33.28 -30.61
N LEU B 23 -27.07 -32.67 -29.44
CA LEU B 23 -27.57 -33.21 -28.16
C LEU B 23 -28.92 -32.59 -27.86
N ARG B 24 -29.50 -32.02 -28.91
CA ARG B 24 -30.81 -31.38 -28.84
C ARG B 24 -31.01 -30.46 -27.64
N VAL B 25 -30.10 -29.53 -27.40
CA VAL B 25 -30.27 -28.63 -26.26
C VAL B 25 -29.84 -27.18 -26.55
N GLU B 26 -30.43 -26.24 -25.81
CA GLU B 26 -30.11 -24.82 -25.94
C GLU B 26 -28.64 -24.67 -25.53
N PRO B 27 -27.81 -24.03 -26.37
CA PRO B 27 -26.38 -23.81 -26.12
C PRO B 27 -26.07 -23.33 -24.71
N ALA B 28 -27.02 -22.64 -24.11
CA ALA B 28 -26.88 -22.12 -22.75
C ALA B 28 -26.64 -23.26 -21.79
N LYS B 29 -27.50 -24.28 -21.93
CA LYS B 29 -27.47 -25.49 -21.12
C LYS B 29 -26.65 -26.60 -21.78
N LEU B 30 -25.56 -26.28 -22.48
CA LEU B 30 -24.81 -27.34 -23.14
C LEU B 30 -23.89 -28.10 -22.21
N PRO B 31 -22.89 -27.43 -21.65
CA PRO B 31 -21.97 -28.15 -20.75
C PRO B 31 -22.65 -29.08 -19.74
N LYS B 32 -23.82 -28.65 -19.23
CA LYS B 32 -24.59 -29.45 -18.27
C LYS B 32 -24.88 -30.79 -18.94
N THR B 33 -25.38 -30.74 -20.18
CA THR B 33 -25.70 -31.95 -20.90
C THR B 33 -24.47 -32.72 -21.35
N VAL B 34 -23.45 -32.03 -21.82
CA VAL B 34 -22.25 -32.75 -22.25
C VAL B 34 -21.69 -33.51 -21.06
N GLU B 35 -22.02 -33.04 -19.86
CA GLU B 35 -21.53 -33.68 -18.64
C GLU B 35 -22.32 -34.93 -18.31
N ARG B 36 -23.63 -34.77 -18.10
CA ARG B 36 -24.49 -35.89 -17.81
C ARG B 36 -24.13 -37.07 -18.74
N PHE B 37 -24.28 -36.87 -20.05
CA PHE B 37 -23.97 -37.92 -21.02
C PHE B 37 -22.62 -38.51 -20.74
N PHE B 38 -21.58 -37.69 -20.79
CA PHE B 38 -20.23 -38.18 -20.53
C PHE B 38 -20.20 -39.09 -19.32
N GLU B 39 -20.94 -38.74 -18.28
CA GLU B 39 -21.01 -39.58 -17.09
C GLU B 39 -21.68 -40.87 -17.53
N GLU B 40 -22.94 -40.76 -17.92
CA GLU B 40 -23.70 -41.93 -18.36
C GLU B 40 -22.92 -42.76 -19.37
N TRP B 41 -21.98 -42.14 -20.07
CA TRP B 41 -21.17 -42.84 -21.05
C TRP B 41 -20.23 -43.80 -20.34
N LYS B 42 -19.42 -43.26 -19.44
CA LYS B 42 -18.49 -44.08 -18.69
C LYS B 42 -19.24 -45.18 -17.93
N ASP B 43 -20.34 -44.83 -17.27
CA ASP B 43 -21.12 -45.81 -16.51
C ASP B 43 -21.48 -47.01 -17.38
N GLN B 44 -22.03 -46.71 -18.56
CA GLN B 44 -22.42 -47.73 -19.50
C GLN B 44 -21.24 -48.65 -19.81
N ARG B 45 -20.09 -48.06 -20.15
CA ARG B 45 -18.91 -48.85 -20.47
C ARG B 45 -18.58 -49.84 -19.36
N LYS B 46 -18.76 -49.40 -18.13
CA LYS B 46 -18.48 -50.24 -16.97
C LYS B 46 -19.52 -51.35 -16.99
N GLU B 47 -20.79 -50.97 -16.88
CA GLU B 47 -21.92 -51.90 -16.89
C GLU B 47 -21.79 -52.98 -17.95
N ILE B 48 -21.44 -52.57 -19.16
CA ILE B 48 -21.27 -53.50 -20.24
C ILE B 48 -20.16 -54.51 -19.91
N GLU B 49 -19.02 -54.02 -19.43
CA GLU B 49 -17.91 -54.92 -19.11
C GLU B 49 -18.27 -55.88 -17.99
N ARG B 50 -19.25 -55.47 -17.19
CA ARG B 50 -19.73 -56.28 -16.09
C ARG B 50 -20.65 -57.35 -16.65
N LEU B 51 -21.68 -56.91 -17.38
CA LEU B 51 -22.60 -57.86 -17.97
C LEU B 51 -21.86 -58.92 -18.74
N LYS B 52 -20.75 -58.52 -19.35
CA LYS B 52 -19.97 -59.49 -20.11
C LYS B 52 -19.45 -60.55 -19.15
N SER B 53 -18.72 -60.15 -18.11
CA SER B 53 -18.17 -61.12 -17.16
C SER B 53 -19.22 -61.95 -16.48
N VAL B 54 -20.49 -61.67 -16.75
CA VAL B 54 -21.54 -62.44 -16.14
C VAL B 54 -21.98 -63.47 -17.12
N ILE B 55 -22.11 -63.03 -18.36
CA ILE B 55 -22.51 -63.94 -19.41
C ILE B 55 -21.44 -65.02 -19.39
N ALA B 56 -20.21 -64.61 -19.11
CA ALA B 56 -19.10 -65.55 -19.04
C ALA B 56 -19.35 -66.53 -17.93
N ASP B 57 -19.52 -66.01 -16.72
CA ASP B 57 -19.77 -66.88 -15.57
C ASP B 57 -20.81 -67.94 -15.89
N LEU B 58 -21.96 -67.52 -16.40
CA LEU B 58 -23.03 -68.45 -16.72
C LEU B 58 -22.65 -69.38 -17.86
N TRP B 59 -22.18 -68.81 -18.95
CA TRP B 59 -21.77 -69.60 -20.10
C TRP B 59 -20.89 -70.79 -19.71
N ALA B 60 -19.77 -70.50 -19.08
CA ALA B 60 -18.87 -71.55 -18.63
C ALA B 60 -19.65 -72.58 -17.81
N ASP B 61 -20.40 -72.10 -16.83
CA ASP B 61 -21.19 -73.00 -15.99
C ASP B 61 -21.93 -73.96 -16.90
N ILE B 62 -22.45 -73.49 -18.02
CA ILE B 62 -23.18 -74.43 -18.85
C ILE B 62 -22.32 -75.27 -19.78
N LEU B 63 -21.04 -74.95 -19.89
CA LEU B 63 -20.20 -75.76 -20.77
C LEU B 63 -19.79 -77.04 -20.06
N MSE B 64 -19.60 -76.94 -18.75
CA MSE B 64 -19.21 -78.09 -17.98
C MSE B 64 -20.33 -79.12 -17.97
O MSE B 64 -20.08 -80.32 -17.94
CB MSE B 64 -18.96 -77.69 -16.54
CG MSE B 64 -18.08 -76.53 -16.38
SE MSE B 64 -16.41 -77.13 -15.81
CE MSE B 64 -16.69 -77.08 -13.92
N GLU B 65 -21.57 -78.66 -18.00
CA GLU B 65 -22.70 -79.57 -17.96
C GLU B 65 -22.57 -80.63 -19.05
N ARG B 66 -21.72 -80.35 -20.03
CA ARG B 66 -21.52 -81.23 -21.18
C ARG B 66 -20.14 -81.88 -21.24
N ALA B 67 -19.35 -81.74 -20.20
CA ALA B 67 -17.99 -82.28 -20.22
C ALA B 67 -17.88 -83.78 -20.13
N GLU B 68 -16.88 -84.31 -20.82
CA GLU B 68 -16.57 -85.75 -20.81
C GLU B 68 -15.57 -85.86 -19.67
N GLU B 69 -15.17 -87.08 -19.32
CA GLU B 69 -14.18 -87.25 -18.25
C GLU B 69 -13.11 -88.23 -18.67
N PHE B 70 -11.89 -87.96 -18.24
CA PHE B 70 -10.75 -88.81 -18.56
C PHE B 70 -9.97 -89.02 -17.28
N ASP B 71 -10.26 -90.11 -16.59
CA ASP B 71 -9.55 -90.37 -15.36
C ASP B 71 -9.97 -89.37 -14.32
N SER B 72 -11.30 -89.28 -14.16
CA SER B 72 -12.00 -88.41 -13.23
C SER B 72 -11.90 -86.90 -13.47
N MSE B 73 -11.13 -86.49 -14.47
CA MSE B 73 -10.98 -85.08 -14.77
C MSE B 73 -11.99 -84.68 -15.82
O MSE B 73 -12.35 -85.50 -16.67
CB MSE B 73 -9.57 -84.81 -15.29
CG MSE B 73 -8.49 -85.25 -14.31
SE MSE B 73 -6.72 -84.83 -14.90
CE MSE B 73 -6.64 -86.05 -16.39
N LYS B 74 -12.50 -83.45 -15.78
CA LYS B 74 -13.48 -83.03 -16.77
C LYS B 74 -12.82 -82.44 -18.01
N VAL B 75 -13.28 -82.83 -19.19
CA VAL B 75 -12.71 -82.26 -20.41
C VAL B 75 -13.80 -81.60 -21.22
N VAL B 76 -13.63 -80.32 -21.50
CA VAL B 76 -14.61 -79.56 -22.26
C VAL B 76 -14.08 -79.39 -23.66
N ALA B 77 -14.93 -79.67 -24.63
CA ALA B 77 -14.57 -79.55 -26.04
C ALA B 77 -15.84 -79.14 -26.77
N GLU B 78 -15.88 -77.93 -27.31
CA GLU B 78 -17.08 -77.50 -28.00
C GLU B 78 -16.92 -76.33 -28.98
N VAL B 79 -17.88 -76.19 -29.89
CA VAL B 79 -17.87 -75.10 -30.85
C VAL B 79 -18.88 -74.09 -30.34
N VAL B 80 -18.44 -72.86 -30.11
CA VAL B 80 -19.31 -71.83 -29.58
C VAL B 80 -19.37 -70.53 -30.39
N ASP B 81 -20.47 -69.81 -30.21
CA ASP B 81 -20.69 -68.55 -30.90
C ASP B 81 -20.01 -67.46 -30.08
N ALA B 82 -18.69 -67.35 -30.21
CA ALA B 82 -17.96 -66.34 -29.44
C ALA B 82 -16.82 -65.69 -30.19
N ASP B 83 -16.39 -64.54 -29.69
CA ASP B 83 -15.28 -63.80 -30.25
C ASP B 83 -14.08 -64.11 -29.36
N MSE B 84 -12.88 -63.94 -29.88
CA MSE B 84 -11.71 -64.26 -29.11
C MSE B 84 -11.73 -63.68 -27.69
O MSE B 84 -11.20 -64.29 -26.78
CB MSE B 84 -10.45 -63.84 -29.84
CG MSE B 84 -9.15 -64.19 -29.12
SE MSE B 84 -8.84 -66.08 -28.93
CE MSE B 84 -7.94 -66.46 -30.57
N GLN B 85 -12.34 -62.51 -27.49
CA GLN B 85 -12.38 -61.96 -26.13
C GLN B 85 -13.22 -62.93 -25.30
N ALA B 86 -14.38 -63.29 -25.83
CA ALA B 86 -15.29 -64.23 -25.16
C ALA B 86 -14.53 -65.51 -24.82
N LEU B 87 -14.09 -66.22 -25.85
CA LEU B 87 -13.32 -67.44 -25.69
C LEU B 87 -12.37 -67.33 -24.50
N GLN B 88 -11.42 -66.40 -24.60
CA GLN B 88 -10.49 -66.20 -23.52
C GLN B 88 -11.17 -66.08 -22.17
N LYS B 89 -12.34 -65.45 -22.14
CA LYS B 89 -13.09 -65.27 -20.87
C LYS B 89 -13.55 -66.64 -20.36
N LEU B 90 -14.04 -67.46 -21.28
CA LEU B 90 -14.51 -68.80 -20.96
C LEU B 90 -13.34 -69.67 -20.52
N ALA B 91 -12.33 -69.79 -21.37
CA ALA B 91 -11.14 -70.59 -21.07
C ALA B 91 -10.63 -70.39 -19.65
N GLU B 92 -10.51 -69.13 -19.24
CA GLU B 92 -10.06 -68.83 -17.90
C GLU B 92 -11.05 -69.42 -16.91
N ARG B 93 -12.32 -69.11 -17.05
CA ARG B 93 -13.28 -69.66 -16.10
C ARG B 93 -13.19 -71.17 -16.04
N LEU B 94 -13.30 -71.81 -17.22
CA LEU B 94 -13.22 -73.27 -17.34
C LEU B 94 -11.99 -73.85 -16.65
N ALA B 95 -10.84 -73.19 -16.78
CA ALA B 95 -9.65 -73.69 -16.11
C ALA B 95 -9.72 -73.41 -14.61
N GLU B 96 -10.35 -72.32 -14.22
CA GLU B 96 -10.41 -72.00 -12.80
C GLU B 96 -11.25 -73.02 -12.08
N LYS B 97 -12.11 -73.70 -12.82
CA LYS B 97 -12.97 -74.73 -12.26
C LYS B 97 -12.29 -76.09 -12.37
N GLY B 98 -11.01 -76.09 -12.74
CA GLY B 98 -10.25 -77.34 -12.84
C GLY B 98 -10.69 -78.28 -13.96
N ALA B 99 -10.51 -77.83 -15.19
CA ALA B 99 -10.91 -78.61 -16.33
C ALA B 99 -9.88 -78.48 -17.43
N VAL B 100 -9.88 -79.46 -18.34
CA VAL B 100 -8.95 -79.47 -19.46
C VAL B 100 -9.80 -79.42 -20.69
N GLY B 101 -9.26 -78.88 -21.78
CA GLY B 101 -10.07 -78.83 -22.96
C GLY B 101 -9.72 -77.73 -23.94
N CYS B 102 -10.56 -77.64 -24.96
CA CYS B 102 -10.39 -76.70 -26.01
C CYS B 102 -11.73 -76.23 -26.56
N LEU B 103 -11.81 -74.92 -26.85
CA LEU B 103 -13.00 -74.27 -27.43
C LEU B 103 -12.56 -73.65 -28.76
N MSE B 104 -13.42 -73.72 -29.76
CA MSE B 104 -13.14 -73.18 -31.07
C MSE B 104 -14.37 -72.43 -31.56
O MSE B 104 -15.50 -72.86 -31.32
CB MSE B 104 -12.81 -74.27 -32.09
CG MSE B 104 -11.37 -74.81 -32.04
SE MSE B 104 -11.07 -76.28 -33.29
CE MSE B 104 -10.58 -75.29 -34.88
N ALA B 105 -14.13 -71.31 -32.25
CA ALA B 105 -15.21 -70.49 -32.78
C ALA B 105 -14.85 -70.00 -34.20
N LYS B 106 -15.86 -69.93 -35.06
CA LYS B 106 -15.67 -69.48 -36.44
C LYS B 106 -15.60 -67.96 -36.52
N GLY B 107 -14.67 -67.46 -37.32
CA GLY B 107 -14.53 -66.02 -37.46
C GLY B 107 -14.44 -65.58 -38.90
N GLU B 108 -14.03 -64.33 -39.09
CA GLU B 108 -13.89 -63.79 -40.42
C GLU B 108 -12.66 -64.41 -41.04
N GLY B 109 -12.88 -65.35 -41.94
CA GLY B 109 -11.77 -65.99 -42.62
C GLY B 109 -10.89 -66.94 -41.83
N LYS B 110 -11.12 -67.10 -40.54
CA LYS B 110 -10.31 -68.05 -39.77
C LYS B 110 -11.11 -68.62 -38.60
N VAL B 111 -10.49 -69.56 -37.88
CA VAL B 111 -11.11 -70.20 -36.73
C VAL B 111 -10.27 -69.86 -35.50
N PHE B 112 -10.92 -69.44 -34.41
CA PHE B 112 -10.17 -69.10 -33.21
C PHE B 112 -10.14 -70.27 -32.26
N VAL B 113 -8.99 -70.46 -31.64
CA VAL B 113 -8.76 -71.56 -30.73
C VAL B 113 -8.39 -71.11 -29.34
N VAL B 114 -8.88 -71.83 -28.35
CA VAL B 114 -8.60 -71.50 -26.98
C VAL B 114 -8.49 -72.79 -26.20
N THR B 115 -7.30 -73.17 -25.74
CA THR B 115 -7.20 -74.37 -24.95
C THR B 115 -6.95 -73.93 -23.51
N PHE B 116 -7.12 -74.85 -22.56
CA PHE B 116 -6.95 -74.52 -21.15
C PHE B 116 -6.72 -75.76 -20.31
N SER B 117 -6.17 -75.55 -19.13
CA SER B 117 -5.88 -76.65 -18.24
C SER B 117 -5.81 -76.32 -16.75
N GLY B 118 -6.79 -76.79 -15.99
CA GLY B 118 -6.78 -76.58 -14.57
C GLY B 118 -6.15 -77.81 -13.92
N GLN B 119 -5.24 -78.42 -14.65
CA GLN B 119 -4.57 -79.63 -14.20
C GLN B 119 -3.11 -79.53 -14.53
N LYS B 120 -2.37 -80.61 -14.27
CA LYS B 120 -0.95 -80.62 -14.55
C LYS B 120 -0.61 -80.32 -16.00
N TYR B 121 -1.47 -80.73 -16.92
CA TYR B 121 -1.23 -80.49 -18.35
C TYR B 121 -1.07 -79.02 -18.73
N ASP B 122 -0.22 -78.73 -19.70
CA ASP B 122 -0.03 -77.35 -20.11
C ASP B 122 -0.86 -76.93 -21.33
N ALA B 123 -1.75 -75.97 -21.11
CA ALA B 123 -2.65 -75.46 -22.15
C ALA B 123 -1.98 -75.28 -23.50
N ARG B 124 -0.72 -74.86 -23.46
CA ARG B 124 0.06 -74.64 -24.65
C ARG B 124 0.35 -75.94 -25.37
N GLU B 125 0.92 -76.89 -24.62
CA GLU B 125 1.23 -78.21 -25.16
C GLU B 125 0.04 -78.63 -25.98
N LEU B 126 -1.13 -78.62 -25.32
CA LEU B 126 -2.38 -79.03 -25.95
C LEU B 126 -2.72 -78.20 -27.18
N LEU B 127 -2.60 -76.88 -27.10
CA LEU B 127 -2.92 -76.04 -28.24
C LEU B 127 -2.05 -76.48 -29.40
N ARG B 128 -0.76 -76.60 -29.12
CA ARG B 128 0.22 -77.01 -30.11
C ARG B 128 -0.27 -78.25 -30.83
N GLU B 129 -0.82 -79.18 -30.05
CA GLU B 129 -1.34 -80.44 -30.57
C GLU B 129 -2.58 -80.31 -31.45
N ILE B 130 -3.61 -79.60 -30.96
CA ILE B 130 -4.83 -79.40 -31.74
C ILE B 130 -4.50 -78.50 -32.94
N GLY B 131 -3.58 -77.57 -32.75
CA GLY B 131 -3.23 -76.69 -33.86
C GLY B 131 -2.61 -77.46 -35.01
N ARG B 132 -1.81 -78.46 -34.65
CA ARG B 132 -1.12 -79.32 -35.61
C ARG B 132 -2.12 -80.07 -36.48
N VAL B 133 -3.31 -80.30 -35.96
CA VAL B 133 -4.32 -81.04 -36.70
C VAL B 133 -5.25 -80.20 -37.53
N ALA B 134 -5.57 -79.02 -37.04
CA ALA B 134 -6.50 -78.14 -37.72
C ALA B 134 -5.77 -77.13 -38.58
N LYS B 135 -4.44 -77.22 -38.58
CA LYS B 135 -3.60 -76.34 -39.36
C LYS B 135 -3.68 -74.94 -38.74
N GLY B 136 -2.76 -74.65 -37.82
CA GLY B 136 -2.75 -73.34 -37.18
C GLY B 136 -1.80 -73.26 -36.01
N SER B 137 -1.79 -72.12 -35.33
CA SER B 137 -0.91 -71.93 -34.17
C SER B 137 -1.35 -70.77 -33.27
N GLY B 138 -0.81 -70.75 -32.05
CA GLY B 138 -1.12 -69.71 -31.08
C GLY B 138 -0.12 -69.87 -29.94
N GLY B 139 -0.43 -69.34 -28.77
CA GLY B 139 0.48 -69.47 -27.64
C GLY B 139 -0.26 -69.06 -26.38
N GLY B 140 0.47 -68.81 -25.30
CA GLY B 140 -0.17 -68.40 -24.07
C GLY B 140 0.60 -68.86 -22.86
N ARG B 141 -0.08 -68.99 -21.74
CA ARG B 141 0.55 -69.45 -20.50
C ARG B 141 0.23 -70.93 -20.28
N LYS B 142 0.60 -71.43 -19.11
CA LYS B 142 0.41 -72.83 -18.74
C LYS B 142 -1.04 -73.25 -18.65
N ASP B 143 -1.91 -72.35 -18.20
CA ASP B 143 -3.33 -72.66 -18.03
C ASP B 143 -4.29 -72.19 -19.14
N VAL B 144 -3.89 -71.24 -19.96
CA VAL B 144 -4.76 -70.81 -21.05
C VAL B 144 -3.96 -70.46 -22.31
N ALA B 145 -4.54 -70.69 -23.47
CA ALA B 145 -3.83 -70.40 -24.71
C ALA B 145 -4.72 -70.05 -25.90
N GLN B 146 -4.36 -68.94 -26.54
CA GLN B 146 -5.05 -68.39 -27.70
C GLN B 146 -4.28 -68.88 -28.92
N GLY B 147 -4.96 -69.00 -30.05
CA GLY B 147 -4.29 -69.43 -31.26
C GLY B 147 -5.30 -69.35 -32.38
N ALA B 148 -4.84 -69.41 -33.63
CA ALA B 148 -5.74 -69.34 -34.78
C ALA B 148 -5.54 -70.57 -35.63
N VAL B 149 -6.59 -70.99 -36.29
CA VAL B 149 -6.53 -72.18 -37.10
C VAL B 149 -7.40 -71.99 -38.33
N GLN B 150 -7.09 -72.69 -39.41
CA GLN B 150 -7.89 -72.52 -40.63
C GLN B 150 -9.13 -73.40 -40.76
N GLN B 151 -9.05 -74.62 -40.25
CA GLN B 151 -10.18 -75.55 -40.30
C GLN B 151 -10.88 -75.68 -38.93
N LEU B 152 -12.20 -75.60 -38.95
CA LEU B 152 -13.00 -75.70 -37.73
C LEU B 152 -13.28 -77.14 -37.38
N LEU B 153 -12.74 -77.61 -36.26
CA LEU B 153 -12.96 -79.01 -35.85
C LEU B 153 -14.32 -79.32 -35.24
N ASP B 154 -14.70 -80.58 -35.37
CA ASP B 154 -15.95 -81.10 -34.83
C ASP B 154 -15.63 -81.38 -33.38
N ARG B 155 -16.65 -81.65 -32.56
CA ARG B 155 -16.42 -81.96 -31.16
C ARG B 155 -15.72 -83.33 -31.05
N GLU B 156 -16.13 -84.24 -31.91
CA GLU B 156 -15.54 -85.55 -31.92
C GLU B 156 -14.07 -85.35 -32.17
N GLU B 157 -13.78 -84.61 -33.23
CA GLU B 157 -12.40 -84.31 -33.61
C GLU B 157 -11.62 -83.69 -32.47
N MSE B 158 -12.20 -82.68 -31.82
CA MSE B 158 -11.48 -82.06 -30.72
C MSE B 158 -11.25 -83.02 -29.60
O MSE B 158 -10.14 -83.15 -29.11
CB MSE B 158 -12.26 -80.87 -30.18
CG MSE B 158 -12.09 -79.61 -30.96
SE MSE B 158 -13.20 -78.27 -30.23
CE MSE B 158 -14.76 -78.65 -31.26
N LEU B 159 -12.32 -83.69 -29.17
CA LEU B 159 -12.20 -84.64 -28.07
C LEU B 159 -11.17 -85.68 -28.47
N ASP B 160 -11.24 -86.11 -29.72
CA ASP B 160 -10.32 -87.11 -30.23
C ASP B 160 -8.88 -86.70 -29.92
N VAL B 161 -8.56 -85.47 -30.28
CA VAL B 161 -7.23 -84.91 -30.08
C VAL B 161 -6.91 -84.75 -28.60
N ILE B 162 -7.81 -84.09 -27.90
CA ILE B 162 -7.59 -83.83 -26.50
C ILE B 162 -7.37 -85.09 -25.65
N PHE B 163 -7.99 -86.20 -26.06
CA PHE B 163 -7.82 -87.45 -25.32
C PHE B 163 -6.52 -88.14 -25.66
N ARG B 164 -6.18 -88.19 -26.95
CA ARG B 164 -4.93 -88.82 -27.37
C ARG B 164 -3.83 -88.16 -26.55
N PHE B 165 -3.83 -86.83 -26.55
CA PHE B 165 -2.85 -86.04 -25.82
C PHE B 165 -2.83 -86.41 -24.34
N LEU B 166 -4.01 -86.51 -23.75
CA LEU B 166 -4.10 -86.86 -22.34
C LEU B 166 -3.51 -88.24 -22.08
N SER B 167 -3.71 -89.15 -23.04
CA SER B 167 -3.23 -90.51 -22.95
C SER B 167 -1.74 -90.64 -23.05
N GLU B 168 -1.10 -89.80 -23.86
CA GLU B 168 0.35 -89.88 -24.02
C GLU B 168 1.04 -89.45 -22.71
N HIS B 169 0.52 -88.40 -22.09
CA HIS B 169 1.06 -87.90 -20.83
C HIS B 169 0.49 -88.70 -19.68
N GLU B 170 -0.02 -89.89 -19.98
CA GLU B 170 -0.62 -90.78 -19.00
C GLU B 170 -0.10 -92.22 -19.13
N GLY B 171 1.03 -92.38 -19.82
CA GLY B 171 1.59 -93.70 -20.00
C GLY B 171 3.03 -93.64 -20.46
N ALA C 4 -21.60 94.41 20.76
CA ALA C 4 -20.48 95.00 21.58
C ALA C 4 -19.41 93.93 21.84
N ALA C 5 -19.84 92.78 22.33
CA ALA C 5 -18.95 91.67 22.61
C ALA C 5 -18.85 90.88 21.30
N ILE C 6 -18.66 91.60 20.20
CA ILE C 6 -18.55 90.99 18.88
C ILE C 6 -17.11 90.61 18.63
N GLU C 7 -16.24 91.09 19.52
CA GLU C 7 -14.83 90.80 19.43
C GLU C 7 -14.67 89.34 19.83
N ALA C 8 -15.77 88.75 20.29
CA ALA C 8 -15.75 87.36 20.68
C ALA C 8 -15.61 86.50 19.43
N VAL C 9 -16.42 86.80 18.41
CA VAL C 9 -16.37 86.06 17.16
C VAL C 9 -14.94 86.10 16.62
N GLU C 10 -14.34 87.27 16.74
CA GLU C 10 -12.97 87.49 16.29
C GLU C 10 -12.11 86.39 16.87
N GLU C 11 -12.04 86.38 18.20
CA GLU C 11 -11.25 85.40 18.94
C GLU C 11 -11.53 83.98 18.43
N MSE C 12 -12.78 83.68 18.14
CA MSE C 12 -13.13 82.35 17.64
C MSE C 12 -12.43 82.09 16.32
O MSE C 12 -11.81 81.04 16.13
CB MSE C 12 -14.63 82.20 17.44
CG MSE C 12 -15.39 81.97 18.72
SE MSE C 12 -17.07 81.19 18.28
CE MSE C 12 -18.11 82.81 18.12
N GLU C 13 -12.58 83.03 15.40
CA GLU C 13 -11.96 82.90 14.08
C GLU C 13 -10.45 82.85 14.28
N ARG C 14 -9.92 83.85 14.96
CA ARG C 14 -8.50 83.93 15.26
C ARG C 14 -8.12 82.54 15.72
N LEU C 15 -8.74 82.09 16.81
CA LEU C 15 -8.47 80.77 17.36
C LEU C 15 -8.58 79.66 16.33
N LEU C 16 -9.81 79.41 15.87
CA LEU C 16 -10.05 78.36 14.88
C LEU C 16 -9.02 78.41 13.74
N ARG C 17 -8.65 79.63 13.34
CA ARG C 17 -7.70 79.85 12.26
C ARG C 17 -6.29 79.38 12.58
N GLU C 18 -5.69 79.93 13.63
CA GLU C 18 -4.33 79.55 14.02
C GLU C 18 -4.18 78.04 14.13
N ALA C 19 -4.87 77.44 15.10
CA ALA C 19 -4.81 76.00 15.33
C ALA C 19 -4.96 75.22 14.03
N SER C 20 -5.95 75.61 13.24
CA SER C 20 -6.22 74.95 11.97
C SER C 20 -5.01 75.07 11.04
N SER C 21 -4.31 76.20 11.12
CA SER C 21 -3.14 76.40 10.29
C SER C 21 -1.96 75.53 10.74
N ILE C 22 -1.62 75.62 12.02
CA ILE C 22 -0.53 74.85 12.61
C ILE C 22 -0.49 73.38 12.19
N LEU C 23 -1.61 72.88 11.68
CA LEU C 23 -1.71 71.49 11.26
C LEU C 23 -1.86 71.37 9.75
N ARG C 24 -1.91 72.52 9.08
CA ARG C 24 -2.06 72.51 7.62
C ARG C 24 -3.32 71.76 7.20
N VAL C 25 -4.48 72.17 7.73
CA VAL C 25 -5.72 71.50 7.34
C VAL C 25 -6.95 72.38 7.29
N GLU C 26 -7.97 71.92 6.57
CA GLU C 26 -9.24 72.64 6.46
C GLU C 26 -9.77 72.72 7.87
N PRO C 27 -10.16 73.92 8.32
CA PRO C 27 -10.69 73.99 9.70
C PRO C 27 -11.71 72.89 9.97
N ALA C 28 -12.47 72.55 8.93
CA ALA C 28 -13.48 71.50 8.99
C ALA C 28 -12.84 70.20 9.41
N LYS C 29 -11.59 70.00 8.99
CA LYS C 29 -10.85 68.79 9.31
C LYS C 29 -9.94 68.95 10.54
N LEU C 30 -10.09 70.06 11.25
CA LEU C 30 -9.27 70.29 12.43
C LEU C 30 -9.50 69.21 13.48
N PRO C 31 -10.75 69.08 13.98
CA PRO C 31 -11.03 68.06 14.99
C PRO C 31 -10.41 66.70 14.66
N LYS C 32 -10.73 66.18 13.48
CA LYS C 32 -10.23 64.87 13.05
C LYS C 32 -8.71 64.72 13.09
N THR C 33 -8.00 65.72 12.59
CA THR C 33 -6.55 65.68 12.56
C THR C 33 -6.02 65.83 13.98
N VAL C 34 -6.63 66.72 14.76
CA VAL C 34 -6.17 66.89 16.13
C VAL C 34 -6.21 65.54 16.82
N GLU C 35 -7.18 64.72 16.44
CA GLU C 35 -7.30 63.40 17.01
C GLU C 35 -6.13 62.57 16.51
N ARG C 36 -6.14 62.32 15.19
CA ARG C 36 -5.11 61.54 14.51
C ARG C 36 -3.71 61.84 15.02
N PHE C 37 -3.31 63.11 14.99
CA PHE C 37 -1.97 63.48 15.46
C PHE C 37 -1.80 63.16 16.94
N PHE C 38 -2.74 63.59 17.76
CA PHE C 38 -2.63 63.33 19.18
C PHE C 38 -2.45 61.86 19.50
N GLU C 39 -3.16 61.01 18.79
CA GLU C 39 -3.03 59.59 19.00
C GLU C 39 -1.60 59.18 18.69
N GLU C 40 -1.14 59.49 17.47
CA GLU C 40 0.20 59.15 17.04
C GLU C 40 1.21 59.61 18.07
N TRP C 41 0.94 60.76 18.67
CA TRP C 41 1.83 61.30 19.67
C TRP C 41 2.00 60.29 20.79
N LYS C 42 0.88 59.82 21.35
CA LYS C 42 0.86 58.85 22.43
C LYS C 42 1.48 57.52 22.02
N ASP C 43 1.28 57.14 20.76
CA ASP C 43 1.83 55.90 20.25
C ASP C 43 3.34 56.08 20.14
N GLN C 44 3.77 57.10 19.42
CA GLN C 44 5.19 57.39 19.24
C GLN C 44 5.92 57.39 20.56
N ARG C 45 5.29 57.96 21.59
CA ARG C 45 5.87 57.97 22.93
C ARG C 45 6.22 56.52 23.30
N LYS C 46 5.20 55.68 23.30
CA LYS C 46 5.32 54.26 23.63
C LYS C 46 6.37 53.62 22.73
N GLU C 47 6.36 54.04 21.46
CA GLU C 47 7.26 53.55 20.42
C GLU C 47 8.74 53.75 20.70
N ILE C 48 9.14 55.00 20.95
CA ILE C 48 10.55 55.29 21.24
C ILE C 48 10.99 54.47 22.42
N GLU C 49 10.08 54.24 23.35
CA GLU C 49 10.41 53.46 24.53
C GLU C 49 10.72 52.01 24.16
N ARG C 50 9.88 51.42 23.32
CA ARG C 50 10.07 50.05 22.87
C ARG C 50 11.40 49.94 22.13
N LEU C 51 11.56 50.77 21.11
CA LEU C 51 12.77 50.82 20.29
C LEU C 51 14.04 50.96 21.12
N LYS C 52 13.98 51.83 22.12
CA LYS C 52 15.13 52.02 22.98
C LYS C 52 15.48 50.68 23.59
N SER C 53 14.51 50.06 24.25
CA SER C 53 14.78 48.78 24.87
C SER C 53 15.46 47.85 23.87
N VAL C 54 14.83 47.63 22.73
CA VAL C 54 15.37 46.74 21.69
C VAL C 54 16.88 46.90 21.52
N ILE C 55 17.31 48.15 21.46
CA ILE C 55 18.72 48.48 21.32
C ILE C 55 19.48 47.88 22.51
N ALA C 56 19.04 48.16 23.73
CA ALA C 56 19.69 47.61 24.89
C ALA C 56 19.81 46.11 24.74
N ASP C 57 18.67 45.46 24.46
CA ASP C 57 18.67 44.01 24.30
C ASP C 57 19.71 43.58 23.28
N LEU C 58 19.71 44.25 22.14
CA LEU C 58 20.66 43.93 21.06
C LEU C 58 22.09 44.39 21.36
N TRP C 59 22.22 45.31 22.30
CA TRP C 59 23.54 45.81 22.64
C TRP C 59 24.28 44.81 23.52
N ALA C 60 23.60 44.35 24.56
CA ALA C 60 24.15 43.37 25.49
C ALA C 60 24.61 42.10 24.77
N ASP C 61 23.85 41.67 23.77
CA ASP C 61 24.19 40.47 23.03
C ASP C 61 25.55 40.64 22.36
N ILE C 62 25.69 41.69 21.56
CA ILE C 62 26.95 41.95 20.87
C ILE C 62 28.04 42.10 21.94
N LEU C 63 27.63 42.46 23.14
CA LEU C 63 28.57 42.62 24.24
C LEU C 63 28.98 41.25 24.80
N MSE C 64 28.06 40.28 24.74
CA MSE C 64 28.35 38.94 25.23
C MSE C 64 29.35 38.21 24.35
O MSE C 64 30.29 37.58 24.83
CB MSE C 64 27.06 38.11 25.30
CG MSE C 64 26.15 38.48 26.44
SE MSE C 64 26.91 38.02 28.16
CE MSE C 64 27.36 36.18 27.75
N GLU C 65 29.13 38.30 23.04
CA GLU C 65 29.97 37.64 22.07
C GLU C 65 31.45 37.72 22.39
N ARG C 66 31.87 38.85 22.95
CA ARG C 66 33.29 39.00 23.26
C ARG C 66 33.63 38.76 24.72
N ALA C 67 32.78 38.00 25.41
CA ALA C 67 32.99 37.70 26.83
C ALA C 67 33.97 36.54 27.08
N GLU C 68 34.77 36.69 28.14
CA GLU C 68 35.75 35.67 28.53
C GLU C 68 35.07 34.70 29.51
N GLU C 69 35.70 33.55 29.76
CA GLU C 69 35.17 32.54 30.66
C GLU C 69 36.05 32.17 31.86
N PHE C 70 35.42 32.11 33.02
CA PHE C 70 36.10 31.78 34.25
C PHE C 70 35.46 30.51 34.80
N ASP C 71 35.85 29.37 34.23
CA ASP C 71 35.30 28.08 34.62
C ASP C 71 33.79 27.96 34.42
N SER C 72 33.40 27.88 33.15
CA SER C 72 32.00 27.75 32.76
C SER C 72 31.22 29.05 32.88
N MSE C 73 31.82 30.07 33.50
CA MSE C 73 31.17 31.36 33.66
C MSE C 73 31.65 32.34 32.59
O MSE C 73 32.69 32.12 31.97
CB MSE C 73 31.47 31.94 35.03
CG MSE C 73 30.93 31.14 36.21
SE MSE C 73 31.36 32.04 37.87
CE MSE C 73 33.07 31.19 38.24
N LYS C 74 30.91 33.42 32.39
CA LYS C 74 31.26 34.42 31.38
C LYS C 74 31.38 35.83 31.98
N VAL C 75 32.57 36.40 31.86
CA VAL C 75 32.86 37.75 32.36
C VAL C 75 32.80 38.74 31.21
N VAL C 76 32.43 39.98 31.52
CA VAL C 76 32.32 41.01 30.51
C VAL C 76 32.86 42.35 30.98
N ALA C 77 33.79 42.90 30.22
CA ALA C 77 34.37 44.19 30.57
C ALA C 77 34.79 44.89 29.29
N GLU C 78 34.04 45.93 28.93
CA GLU C 78 34.31 46.69 27.72
C GLU C 78 34.06 48.15 28.03
N VAL C 79 34.72 49.03 27.29
CA VAL C 79 34.53 50.47 27.44
C VAL C 79 33.42 50.72 26.44
N VAL C 80 32.36 51.40 26.88
CA VAL C 80 31.22 51.63 26.00
C VAL C 80 30.80 53.07 25.85
N ASP C 81 30.24 53.36 24.68
CA ASP C 81 29.77 54.70 24.36
C ASP C 81 28.34 54.85 24.82
N ALA C 82 28.14 55.19 26.09
CA ALA C 82 26.80 55.34 26.63
C ALA C 82 26.74 56.27 27.83
N ASP C 83 25.54 56.66 28.22
CA ASP C 83 25.33 57.53 29.36
C ASP C 83 25.04 56.61 30.52
N MSE C 84 24.85 57.18 31.71
CA MSE C 84 24.57 56.34 32.87
C MSE C 84 23.29 55.53 32.67
O MSE C 84 23.29 54.32 32.87
CB MSE C 84 24.48 57.19 34.14
CG MSE C 84 24.47 56.37 35.43
SE MSE C 84 25.88 55.02 35.50
CE MSE C 84 27.32 56.09 36.23
N GLN C 85 22.22 56.20 32.26
CA GLN C 85 20.95 55.51 32.03
C GLN C 85 21.22 54.25 31.21
N ALA C 86 21.91 54.43 30.08
CA ALA C 86 22.25 53.34 29.18
C ALA C 86 23.03 52.25 29.88
N LEU C 87 24.18 52.60 30.43
CA LEU C 87 25.04 51.65 31.13
C LEU C 87 24.24 50.77 32.08
N GLN C 88 23.25 51.37 32.75
CA GLN C 88 22.43 50.61 33.68
C GLN C 88 21.59 49.60 32.93
N LYS C 89 20.80 50.10 31.97
CA LYS C 89 19.93 49.24 31.16
C LYS C 89 20.71 48.08 30.57
N LEU C 90 21.99 48.31 30.29
CA LEU C 90 22.84 47.28 29.74
C LEU C 90 23.23 46.30 30.84
N ALA C 91 23.63 46.85 31.98
CA ALA C 91 24.03 46.01 33.11
C ALA C 91 22.92 45.03 33.42
N GLU C 92 21.79 45.57 33.90
CA GLU C 92 20.64 44.76 34.26
C GLU C 92 20.42 43.62 33.28
N ARG C 93 20.61 43.90 32.00
CA ARG C 93 20.45 42.90 30.94
C ARG C 93 21.52 41.83 30.93
N LEU C 94 22.77 42.22 31.17
CA LEU C 94 23.86 41.25 31.17
C LEU C 94 23.76 40.37 32.41
N ALA C 95 23.39 40.98 33.54
CA ALA C 95 23.23 40.26 34.79
C ALA C 95 22.10 39.26 34.60
N GLU C 96 20.91 39.76 34.27
CA GLU C 96 19.77 38.88 34.04
C GLU C 96 20.12 37.82 33.00
N LYS C 97 21.21 38.02 32.26
CA LYS C 97 21.65 37.03 31.27
C LYS C 97 22.55 36.04 31.96
N GLY C 98 22.98 36.39 33.17
CA GLY C 98 23.83 35.51 33.94
C GLY C 98 25.30 35.63 33.55
N ALA C 99 25.91 36.71 34.00
CA ALA C 99 27.33 36.96 33.73
C ALA C 99 27.79 38.07 34.65
N VAL C 100 29.09 38.23 34.77
CA VAL C 100 29.61 39.26 35.64
C VAL C 100 30.65 40.10 34.93
N GLY C 101 30.71 41.38 35.32
CA GLY C 101 31.66 42.28 34.71
C GLY C 101 31.41 43.76 34.96
N CYS C 102 32.03 44.58 34.12
CA CYS C 102 31.90 46.01 34.23
C CYS C 102 31.86 46.70 32.87
N LEU C 103 31.03 47.74 32.78
CA LEU C 103 30.87 48.54 31.57
C LEU C 103 31.20 49.98 31.92
N MSE C 104 32.36 50.46 31.50
CA MSE C 104 32.75 51.83 31.78
C MSE C 104 32.58 52.73 30.57
O MSE C 104 32.95 52.39 29.45
CB MSE C 104 34.21 51.90 32.23
CG MSE C 104 34.42 51.52 33.68
SE MSE C 104 36.28 51.64 34.16
CE MSE C 104 36.35 53.49 34.68
N ALA C 105 31.99 53.90 30.81
CA ALA C 105 31.74 54.85 29.76
C ALA C 105 32.24 56.23 30.17
N LYS C 106 32.87 56.92 29.22
CA LYS C 106 33.41 58.25 29.46
C LYS C 106 32.34 59.31 29.59
N GLY C 107 32.54 60.25 30.50
CA GLY C 107 31.56 61.31 30.68
C GLY C 107 32.20 62.69 30.66
N GLU C 108 31.40 63.70 31.00
CA GLU C 108 31.88 65.07 31.07
C GLU C 108 32.46 65.29 32.46
N GLY C 109 33.79 65.34 32.55
CA GLY C 109 34.43 65.54 33.84
C GLY C 109 34.78 64.24 34.54
N LYS C 110 33.87 63.25 34.47
CA LYS C 110 34.11 61.95 35.11
C LYS C 110 33.78 60.75 34.23
N VAL C 111 34.32 59.60 34.61
CA VAL C 111 34.08 58.37 33.87
C VAL C 111 32.87 57.69 34.54
N PHE C 112 32.01 57.09 33.74
CA PHE C 112 30.85 56.40 34.28
C PHE C 112 31.14 54.91 34.39
N VAL C 113 30.88 54.35 35.57
CA VAL C 113 31.12 52.93 35.79
C VAL C 113 29.91 52.18 36.33
N VAL C 114 29.76 50.95 35.86
CA VAL C 114 28.66 50.10 36.25
C VAL C 114 29.11 48.63 36.27
N THR C 115 28.97 47.98 37.43
CA THR C 115 29.32 46.58 37.60
C THR C 115 28.04 45.77 37.70
N PHE C 116 28.11 44.51 37.34
CA PHE C 116 26.93 43.68 37.39
C PHE C 116 27.27 42.22 37.65
N SER C 117 26.40 41.53 38.39
CA SER C 117 26.62 40.14 38.73
C SER C 117 25.39 39.26 38.53
N GLY C 118 25.53 38.25 37.68
CA GLY C 118 24.46 37.31 37.44
C GLY C 118 24.73 36.08 38.28
N GLN C 119 25.76 36.19 39.13
CA GLN C 119 26.18 35.10 40.03
C GLN C 119 26.15 35.52 41.50
N LYS C 120 26.55 34.59 42.37
CA LYS C 120 26.56 34.81 43.82
C LYS C 120 27.43 35.98 44.28
N TYR C 121 28.19 36.55 43.36
CA TYR C 121 29.07 37.66 43.70
C TYR C 121 28.26 38.94 43.87
N ASP C 122 28.65 39.74 44.84
CA ASP C 122 27.96 40.99 45.11
C ASP C 122 28.32 42.06 44.08
N ALA C 123 27.32 42.61 43.42
CA ALA C 123 27.56 43.66 42.43
C ALA C 123 28.26 44.84 43.11
N ARG C 124 27.60 45.42 44.12
CA ARG C 124 28.14 46.55 44.88
C ARG C 124 29.59 46.32 45.25
N GLU C 125 29.93 45.05 45.43
CA GLU C 125 31.26 44.62 45.81
C GLU C 125 32.24 44.94 44.69
N LEU C 126 32.03 44.33 43.52
CA LEU C 126 32.91 44.53 42.38
C LEU C 126 33.07 46.01 42.00
N LEU C 127 32.15 46.84 42.48
CA LEU C 127 32.20 48.27 42.20
C LEU C 127 33.30 48.94 43.02
N ARG C 128 33.40 48.57 44.31
CA ARG C 128 34.43 49.14 45.19
C ARG C 128 35.81 48.62 44.79
N GLU C 129 35.84 47.37 44.32
CA GLU C 129 37.07 46.72 43.89
C GLU C 129 37.75 47.58 42.81
N ILE C 130 36.96 48.04 41.84
CA ILE C 130 37.44 48.89 40.73
C ILE C 130 37.38 50.36 41.14
N GLY C 131 36.40 50.72 41.96
CA GLY C 131 36.27 52.09 42.41
C GLY C 131 37.60 52.48 43.01
N ARG C 132 38.27 51.49 43.59
CA ARG C 132 39.58 51.70 44.19
C ARG C 132 40.56 52.09 43.09
N VAL C 133 40.76 51.19 42.13
CA VAL C 133 41.68 51.40 41.01
C VAL C 133 41.37 52.62 40.15
N ALA C 134 40.24 53.27 40.39
CA ALA C 134 39.84 54.42 39.59
C ALA C 134 39.39 55.61 40.40
N LYS C 135 39.44 55.50 41.73
CA LYS C 135 39.02 56.57 42.61
C LYS C 135 37.55 56.87 42.36
N GLY C 136 36.70 56.04 42.95
CA GLY C 136 35.25 56.23 42.77
C GLY C 136 34.39 55.31 43.63
N SER C 137 33.10 55.59 43.62
CA SER C 137 32.16 54.80 44.39
C SER C 137 30.71 55.15 44.00
N GLY C 138 29.77 54.79 44.86
CA GLY C 138 28.37 55.06 44.57
C GLY C 138 27.44 54.13 45.32
N GLY C 139 27.09 53.02 44.67
CA GLY C 139 26.19 52.08 45.31
C GLY C 139 25.58 51.13 44.32
N GLY C 140 24.40 50.61 44.67
CA GLY C 140 23.74 49.68 43.76
C GLY C 140 23.05 48.57 44.52
N ARG C 141 22.96 47.39 43.91
CA ARG C 141 22.32 46.25 44.56
C ARG C 141 23.14 44.97 44.46
N LYS C 142 22.50 43.85 44.82
CA LYS C 142 23.13 42.52 44.81
C LYS C 142 23.47 42.15 43.37
N ASP C 143 22.68 42.68 42.45
CA ASP C 143 22.83 42.40 41.03
C ASP C 143 23.53 43.47 40.19
N VAL C 144 23.14 44.73 40.32
CA VAL C 144 23.74 45.79 39.52
C VAL C 144 24.26 46.97 40.34
N ALA C 145 25.39 47.54 39.92
CA ALA C 145 25.99 48.68 40.64
C ALA C 145 26.42 49.84 39.72
N GLN C 146 26.16 51.07 40.19
CA GLN C 146 26.49 52.31 39.47
C GLN C 146 27.49 53.17 40.25
N GLY C 147 28.28 53.99 39.54
CA GLY C 147 29.24 54.85 40.22
C GLY C 147 30.07 55.84 39.39
N ALA C 148 30.58 56.86 40.09
CA ALA C 148 31.40 57.93 39.52
C ALA C 148 32.87 57.54 39.57
N VAL C 149 33.66 58.01 38.61
CA VAL C 149 35.07 57.69 38.59
C VAL C 149 35.83 58.78 37.83
N GLN C 150 37.15 58.78 37.97
CA GLN C 150 37.97 59.76 37.25
C GLN C 150 39.04 59.07 36.41
N GLN C 151 39.16 57.76 36.55
CA GLN C 151 40.15 57.01 35.80
C GLN C 151 39.52 55.94 34.88
N LEU C 152 39.42 56.25 33.59
CA LEU C 152 38.85 55.32 32.62
C LEU C 152 39.87 54.20 32.35
N LEU C 153 39.48 52.96 32.66
CA LEU C 153 40.37 51.82 32.49
C LEU C 153 40.28 51.04 31.19
N ASP C 154 41.29 50.20 30.98
CA ASP C 154 41.42 49.36 29.80
C ASP C 154 40.41 48.22 29.78
N ARG C 155 40.53 47.39 28.75
CA ARG C 155 39.66 46.22 28.61
C ARG C 155 40.27 45.24 29.58
N GLU C 156 41.56 45.03 29.41
CA GLU C 156 42.32 44.13 30.23
C GLU C 156 42.49 44.75 31.61
N GLU C 157 42.50 46.08 31.70
CA GLU C 157 42.64 46.68 33.01
C GLU C 157 41.44 46.28 33.86
N MSE C 158 40.27 46.20 33.23
CA MSE C 158 39.06 45.82 33.95
C MSE C 158 39.05 44.32 34.25
O MSE C 158 38.90 43.92 35.41
CB MSE C 158 37.81 46.19 33.15
CG MSE C 158 37.62 47.69 33.00
SE MSE C 158 35.89 48.14 32.32
CE MSE C 158 36.25 47.77 30.46
N LEU C 159 39.20 43.51 33.20
CA LEU C 159 39.23 42.06 33.36
C LEU C 159 40.16 41.72 34.51
N ASP C 160 41.19 42.54 34.66
CA ASP C 160 42.17 42.35 35.72
C ASP C 160 41.46 42.41 37.08
N VAL C 161 41.03 43.59 37.47
CA VAL C 161 40.37 43.76 38.74
C VAL C 161 39.31 42.70 38.99
N ILE C 162 38.39 42.52 38.04
CA ILE C 162 37.31 41.54 38.18
C ILE C 162 37.79 40.10 38.26
N PHE C 163 38.69 39.69 37.37
CA PHE C 163 39.21 38.33 37.36
C PHE C 163 39.79 37.93 38.72
N ARG C 164 40.56 38.85 39.31
CA ARG C 164 41.17 38.64 40.60
C ARG C 164 40.07 38.62 41.67
N PHE C 165 39.20 39.62 41.61
CA PHE C 165 38.06 39.74 42.53
C PHE C 165 37.29 38.43 42.61
N LEU C 166 37.24 37.70 41.50
CA LEU C 166 36.53 36.44 41.44
C LEU C 166 37.21 35.39 42.30
N SER C 167 38.46 35.09 42.00
CA SER C 167 39.20 34.10 42.76
C SER C 167 39.32 34.54 44.22
N GLU C 168 38.83 35.74 44.53
CA GLU C 168 38.91 36.29 45.88
C GLU C 168 37.78 35.81 46.80
N HIS C 169 36.61 35.54 46.23
CA HIS C 169 35.47 35.10 47.04
C HIS C 169 34.96 33.72 46.67
N MSE D 1 -26.44 84.50 3.38
CA MSE D 1 -25.68 85.12 4.48
C MSE D 1 -26.39 84.91 5.80
O MSE D 1 -25.83 84.30 6.71
CB MSE D 1 -25.48 86.64 4.24
CG MSE D 1 -26.78 87.43 4.00
SE MSE D 1 -26.58 89.40 3.94
CE MSE D 1 -27.43 89.88 5.62
N GLY D 2 -27.63 85.39 5.92
CA GLY D 2 -28.38 85.24 7.16
C GLY D 2 -28.48 83.82 7.67
N GLU D 3 -28.47 82.87 6.74
CA GLU D 3 -28.54 81.45 7.06
C GLU D 3 -27.15 80.96 7.44
N ALA D 4 -26.17 81.33 6.62
CA ALA D 4 -24.79 80.96 6.84
C ALA D 4 -24.29 81.60 8.12
N ALA D 5 -25.03 82.59 8.61
CA ALA D 5 -24.69 83.32 9.82
C ALA D 5 -24.67 82.40 11.02
N ILE D 6 -25.80 81.74 11.24
CA ILE D 6 -25.87 80.83 12.36
C ILE D 6 -25.07 79.58 12.08
N GLU D 7 -25.08 79.11 10.83
CA GLU D 7 -24.33 77.90 10.48
C GLU D 7 -22.84 78.09 10.73
N ALA D 8 -22.33 79.25 10.33
CA ALA D 8 -20.94 79.61 10.49
C ALA D 8 -20.58 79.76 11.96
N VAL D 9 -21.43 80.48 12.69
CA VAL D 9 -21.17 80.67 14.12
C VAL D 9 -21.28 79.35 14.85
N GLU D 10 -22.25 78.55 14.47
CA GLU D 10 -22.48 77.27 15.10
C GLU D 10 -21.37 76.28 14.78
N GLU D 11 -20.92 76.32 13.52
CA GLU D 11 -19.89 75.41 13.07
C GLU D 11 -18.51 75.76 13.59
N MSE D 12 -18.33 77.01 14.04
CA MSE D 12 -17.04 77.46 14.56
C MSE D 12 -16.88 77.02 15.99
O MSE D 12 -15.80 76.61 16.42
CB MSE D 12 -16.91 78.97 14.55
CG MSE D 12 -16.87 79.64 13.21
SE MSE D 12 -16.31 81.46 13.47
CE MSE D 12 -17.34 81.95 15.02
N GLU D 13 -17.97 77.16 16.73
CA GLU D 13 -17.97 76.78 18.13
C GLU D 13 -17.75 75.26 18.19
N ARG D 14 -18.31 74.55 17.21
CA ARG D 14 -18.20 73.10 17.14
C ARG D 14 -16.78 72.65 16.97
N LEU D 15 -16.16 73.14 15.91
CA LEU D 15 -14.79 72.77 15.62
C LEU D 15 -13.87 73.09 16.78
N LEU D 16 -14.01 74.29 17.34
CA LEU D 16 -13.17 74.67 18.46
C LEU D 16 -13.40 73.82 19.69
N ARG D 17 -14.68 73.53 19.97
CA ARG D 17 -15.00 72.69 21.12
C ARG D 17 -14.40 71.32 20.95
N GLU D 18 -14.84 70.61 19.92
CA GLU D 18 -14.33 69.28 19.65
C GLU D 18 -12.81 69.18 19.71
N ALA D 19 -12.15 69.86 18.79
CA ALA D 19 -10.68 69.84 18.75
C ALA D 19 -10.02 70.06 20.10
N SER D 20 -10.33 71.18 20.74
CA SER D 20 -9.73 71.48 22.03
C SER D 20 -10.16 70.51 23.11
N SER D 21 -11.25 69.80 22.86
CA SER D 21 -11.75 68.83 23.81
C SER D 21 -10.78 67.64 23.86
N ILE D 22 -10.49 67.06 22.69
CA ILE D 22 -9.58 65.92 22.59
C ILE D 22 -8.38 66.14 23.50
N LEU D 23 -7.85 67.35 23.49
CA LEU D 23 -6.69 67.68 24.29
C LEU D 23 -7.05 68.13 25.68
N ARG D 24 -8.33 68.08 26.02
CA ARG D 24 -8.76 68.49 27.34
C ARG D 24 -8.23 69.90 27.64
N VAL D 25 -8.62 70.88 26.83
CA VAL D 25 -8.16 72.24 27.04
C VAL D 25 -9.28 73.19 26.69
N GLU D 26 -9.19 74.41 27.21
CA GLU D 26 -10.18 75.43 26.89
C GLU D 26 -9.70 75.97 25.54
N PRO D 27 -10.62 76.13 24.58
CA PRO D 27 -10.26 76.64 23.27
C PRO D 27 -9.30 77.81 23.34
N ALA D 28 -9.60 78.76 24.22
CA ALA D 28 -8.78 79.96 24.38
C ALA D 28 -7.29 79.63 24.31
N LYS D 29 -6.90 78.45 24.80
CA LYS D 29 -5.49 78.04 24.81
C LYS D 29 -5.19 76.96 23.79
N LEU D 30 -6.16 76.65 22.93
CA LEU D 30 -5.99 75.61 21.93
C LEU D 30 -4.75 75.76 21.04
N PRO D 31 -4.57 76.91 20.37
CA PRO D 31 -3.41 77.14 19.50
C PRO D 31 -2.09 76.76 20.16
N LYS D 32 -1.89 77.26 21.39
CA LYS D 32 -0.67 76.98 22.15
C LYS D 32 -0.51 75.47 22.27
N THR D 33 -1.53 74.82 22.84
CA THR D 33 -1.53 73.37 23.04
C THR D 33 -1.27 72.59 21.76
N VAL D 34 -1.91 73.01 20.69
CA VAL D 34 -1.72 72.33 19.43
C VAL D 34 -0.26 72.50 19.04
N GLU D 35 0.35 73.60 19.49
CA GLU D 35 1.74 73.88 19.19
C GLU D 35 2.68 72.92 19.91
N ARG D 36 2.82 73.09 21.22
CA ARG D 36 3.72 72.23 22.00
C ARG D 36 3.66 70.77 21.53
N PHE D 37 2.46 70.26 21.32
CA PHE D 37 2.33 68.88 20.88
C PHE D 37 2.89 68.66 19.49
N PHE D 38 2.58 69.58 18.57
CA PHE D 38 3.07 69.44 17.21
C PHE D 38 4.57 69.31 17.13
N GLU D 39 5.27 70.12 17.91
CA GLU D 39 6.74 70.08 17.94
C GLU D 39 7.16 68.74 18.53
N GLU D 40 6.65 68.43 19.71
CA GLU D 40 6.99 67.15 20.33
C GLU D 40 6.76 66.04 19.34
N TRP D 41 5.73 66.20 18.50
CA TRP D 41 5.42 65.20 17.50
C TRP D 41 6.51 65.08 16.46
N LYS D 42 6.97 66.23 15.99
CA LYS D 42 8.03 66.29 14.99
C LYS D 42 9.26 65.55 15.52
N ASP D 43 9.70 65.93 16.71
CA ASP D 43 10.87 65.31 17.34
C ASP D 43 10.68 63.80 17.45
N GLN D 44 9.64 63.40 18.17
CA GLN D 44 9.34 62.00 18.35
C GLN D 44 9.60 61.24 17.06
N ARG D 45 9.19 61.83 15.94
CA ARG D 45 9.38 61.20 14.63
C ARG D 45 10.86 61.12 14.27
N LYS D 46 11.57 62.22 14.51
CA LYS D 46 12.98 62.30 14.22
C LYS D 46 13.70 61.30 15.13
N GLU D 47 13.34 61.27 16.40
CA GLU D 47 13.98 60.37 17.36
C GLU D 47 13.83 58.91 16.95
N ILE D 48 12.65 58.54 16.49
CA ILE D 48 12.40 57.17 16.09
C ILE D 48 13.24 56.75 14.89
N GLU D 49 13.22 57.57 13.84
CA GLU D 49 13.99 57.25 12.64
C GLU D 49 15.45 57.07 13.03
N ARG D 50 15.86 57.82 14.04
CA ARG D 50 17.21 57.75 14.57
C ARG D 50 17.34 56.39 15.23
N LEU D 51 16.58 56.18 16.31
CA LEU D 51 16.58 54.93 17.03
C LEU D 51 16.53 53.76 16.09
N LYS D 52 15.79 53.95 14.99
CA LYS D 52 15.65 52.92 13.98
C LYS D 52 17.01 52.62 13.37
N SER D 53 17.62 53.61 12.74
CA SER D 53 18.91 53.43 12.11
C SER D 53 19.87 52.69 13.03
N VAL D 54 19.84 53.02 14.31
CA VAL D 54 20.70 52.38 15.32
C VAL D 54 20.55 50.86 15.28
N ILE D 55 19.31 50.43 15.49
CA ILE D 55 18.95 49.02 15.49
C ILE D 55 19.37 48.38 14.18
N ALA D 56 19.41 49.17 13.11
CA ALA D 56 19.83 48.68 11.83
C ALA D 56 21.32 48.45 11.87
N ASP D 57 22.00 49.28 12.63
CA ASP D 57 23.44 49.15 12.75
C ASP D 57 23.79 47.96 13.62
N LEU D 58 23.08 47.81 14.73
CA LEU D 58 23.36 46.70 15.63
C LEU D 58 23.01 45.39 14.98
N TRP D 59 21.87 45.37 14.33
CA TRP D 59 21.38 44.17 13.65
C TRP D 59 22.45 43.73 12.66
N ALA D 60 22.78 44.61 11.72
CA ALA D 60 23.79 44.30 10.72
C ALA D 60 25.00 43.70 11.43
N ASP D 61 25.38 44.31 12.55
CA ASP D 61 26.52 43.82 13.33
C ASP D 61 26.35 42.35 13.70
N ILE D 62 25.27 42.01 14.38
CA ILE D 62 25.09 40.63 14.78
C ILE D 62 25.05 39.65 13.60
N LEU D 63 24.41 40.02 12.49
CA LEU D 63 24.35 39.14 11.32
C LEU D 63 25.76 38.79 10.86
N MSE D 64 26.65 39.76 10.96
CA MSE D 64 28.05 39.60 10.57
C MSE D 64 28.73 38.37 11.20
O MSE D 64 29.43 37.62 10.50
CB MSE D 64 28.83 40.84 10.94
CG MSE D 64 28.49 42.05 10.10
SE MSE D 64 28.95 41.70 8.27
CE MSE D 64 30.38 42.96 8.00
N GLU D 65 28.52 38.17 12.49
CA GLU D 65 29.14 37.06 13.20
C GLU D 65 28.64 35.69 12.74
N ARG D 66 27.51 35.66 12.06
CA ARG D 66 27.01 34.38 11.60
C ARG D 66 27.41 34.11 10.15
N ALA D 67 27.79 35.16 9.44
CA ALA D 67 28.18 35.06 8.05
C ALA D 67 29.22 33.99 7.72
N GLU D 68 29.00 33.29 6.60
CA GLU D 68 29.93 32.27 6.11
C GLU D 68 30.83 33.11 5.25
N GLU D 69 31.91 32.55 4.72
CA GLU D 69 32.77 33.36 3.90
C GLU D 69 33.31 32.59 2.73
N PHE D 70 33.20 33.21 1.57
CA PHE D 70 33.67 32.62 0.34
C PHE D 70 34.93 33.39 -0.03
N ASP D 71 36.05 32.66 -0.16
CA ASP D 71 37.33 33.28 -0.49
C ASP D 71 37.64 34.51 0.38
N SER D 72 37.42 34.36 1.69
CA SER D 72 37.70 35.41 2.66
C SER D 72 36.63 36.49 2.82
N MSE D 73 35.78 36.65 1.81
CA MSE D 73 34.71 37.64 1.84
C MSE D 73 33.51 37.09 2.58
O MSE D 73 33.14 35.93 2.41
CB MSE D 73 34.28 38.01 0.43
CG MSE D 73 35.42 38.42 -0.47
SE MSE D 73 34.92 38.69 -2.32
CE MSE D 73 35.01 36.87 -2.98
N LYS D 74 32.89 37.94 3.40
CA LYS D 74 31.73 37.53 4.18
C LYS D 74 30.42 37.52 3.37
N VAL D 75 29.65 36.45 3.50
CA VAL D 75 28.36 36.30 2.82
C VAL D 75 27.21 36.08 3.81
N VAL D 76 26.43 37.14 4.05
CA VAL D 76 25.28 37.05 4.93
C VAL D 76 24.08 36.66 4.07
N ALA D 77 23.33 35.67 4.54
CA ALA D 77 22.16 35.18 3.84
C ALA D 77 21.22 34.75 4.94
N GLU D 78 20.21 35.55 5.25
CA GLU D 78 19.29 35.17 6.31
C GLU D 78 17.82 35.42 5.97
N VAL D 79 16.93 34.81 6.74
CA VAL D 79 15.50 35.00 6.53
C VAL D 79 15.08 35.97 7.64
N VAL D 80 14.98 37.24 7.28
CA VAL D 80 14.64 38.27 8.24
C VAL D 80 13.19 38.73 8.29
N ASP D 81 12.72 38.92 9.52
CA ASP D 81 11.36 39.35 9.78
C ASP D 81 11.30 40.87 9.81
N ALA D 82 11.26 41.50 8.65
CA ALA D 82 11.20 42.96 8.57
C ALA D 82 10.62 43.45 7.25
N ASP D 83 9.87 44.54 7.27
CA ASP D 83 9.29 45.08 6.04
C ASP D 83 10.41 45.38 5.05
N MSE D 84 10.06 45.76 3.83
CA MSE D 84 11.07 46.07 2.83
C MSE D 84 12.01 47.15 3.30
O MSE D 84 13.23 46.97 3.30
CB MSE D 84 10.43 46.55 1.53
CG MSE D 84 11.46 47.02 0.50
SE MSE D 84 12.57 45.58 -0.06
CE MSE D 84 11.85 45.21 -1.81
N GLN D 85 11.45 48.30 3.68
CA GLN D 85 12.25 49.42 4.15
C GLN D 85 13.34 48.96 5.11
N ALA D 86 12.97 48.21 6.15
CA ALA D 86 13.92 47.72 7.14
C ALA D 86 14.98 46.81 6.54
N LEU D 87 14.67 46.21 5.39
CA LEU D 87 15.64 45.34 4.74
C LEU D 87 16.71 46.16 4.05
N GLN D 88 16.29 47.08 3.19
CA GLN D 88 17.24 47.93 2.48
C GLN D 88 18.21 48.53 3.51
N LYS D 89 17.68 48.96 4.65
CA LYS D 89 18.52 49.53 5.72
C LYS D 89 19.66 48.56 5.96
N LEU D 90 19.32 47.35 6.37
CA LEU D 90 20.34 46.36 6.64
C LEU D 90 21.23 46.14 5.41
N ALA D 91 20.63 45.96 4.25
CA ALA D 91 21.41 45.71 3.05
C ALA D 91 22.52 46.73 2.81
N GLU D 92 22.21 48.01 2.98
CA GLU D 92 23.21 49.09 2.79
C GLU D 92 24.33 48.93 3.80
N ARG D 93 23.93 48.83 5.06
CA ARG D 93 24.88 48.64 6.15
C ARG D 93 25.77 47.44 5.84
N LEU D 94 25.17 46.27 5.68
CA LEU D 94 25.93 45.06 5.35
C LEU D 94 26.83 45.17 4.11
N ALA D 95 26.64 46.22 3.31
CA ALA D 95 27.44 46.41 2.12
C ALA D 95 28.58 47.34 2.45
N GLU D 96 28.29 48.31 3.32
CA GLU D 96 29.31 49.23 3.75
C GLU D 96 30.37 48.40 4.44
N LYS D 97 29.93 47.40 5.20
CA LYS D 97 30.85 46.52 5.91
C LYS D 97 31.49 45.49 4.94
N GLY D 98 31.33 45.73 3.64
CA GLY D 98 31.91 44.87 2.61
C GLY D 98 31.47 43.41 2.50
N ALA D 99 30.16 43.17 2.56
CA ALA D 99 29.62 41.81 2.48
C ALA D 99 28.82 41.54 1.21
N VAL D 100 28.51 40.27 0.99
CA VAL D 100 27.78 39.85 -0.17
C VAL D 100 26.72 38.84 0.23
N GLY D 101 25.54 38.95 -0.36
CA GLY D 101 24.46 38.02 -0.03
C GLY D 101 23.10 38.63 -0.25
N CYS D 102 22.10 38.13 0.47
CA CYS D 102 20.76 38.68 0.33
C CYS D 102 19.84 38.35 1.49
N LEU D 103 18.81 39.17 1.65
CA LEU D 103 17.81 39.02 2.68
C LEU D 103 16.45 38.82 2.06
N MSE D 104 15.60 38.04 2.72
CA MSE D 104 14.25 37.78 2.26
C MSE D 104 13.28 37.77 3.43
O MSE D 104 13.53 37.11 4.45
CB MSE D 104 14.16 36.42 1.57
CG MSE D 104 14.88 36.37 0.25
SE MSE D 104 14.69 34.65 -0.59
CE MSE D 104 13.02 34.97 -1.52
N ALA D 105 12.19 38.50 3.28
CA ALA D 105 11.17 38.56 4.32
C ALA D 105 9.82 38.23 3.65
N LYS D 106 8.98 37.53 4.39
CA LYS D 106 7.67 37.14 3.88
C LYS D 106 6.65 38.26 4.09
N GLY D 107 6.39 38.99 3.02
CA GLY D 107 5.39 40.05 3.07
C GLY D 107 4.10 39.38 2.65
N GLU D 108 2.97 40.06 2.78
CA GLU D 108 1.71 39.46 2.37
C GLU D 108 1.53 39.49 0.87
N GLY D 109 1.33 38.31 0.29
CA GLY D 109 1.13 38.20 -1.14
C GLY D 109 2.39 38.02 -1.97
N LYS D 110 3.54 38.15 -1.34
CA LYS D 110 4.79 37.99 -2.05
C LYS D 110 5.95 38.16 -1.08
N VAL D 111 7.11 37.63 -1.43
CA VAL D 111 8.29 37.74 -0.60
C VAL D 111 9.10 38.96 -0.97
N PHE D 112 9.60 39.66 0.04
CA PHE D 112 10.41 40.82 -0.19
C PHE D 112 11.88 40.37 -0.24
N VAL D 113 12.57 40.67 -1.32
CA VAL D 113 13.96 40.26 -1.47
C VAL D 113 14.90 41.44 -1.60
N VAL D 114 16.02 41.39 -0.90
CA VAL D 114 16.99 42.48 -0.97
C VAL D 114 18.37 41.86 -1.00
N THR D 115 19.23 42.37 -1.89
CA THR D 115 20.60 41.88 -1.99
C THR D 115 21.58 43.03 -1.74
N PHE D 116 22.84 42.70 -1.52
CA PHE D 116 23.85 43.71 -1.25
C PHE D 116 25.21 43.16 -1.66
N SER D 117 26.09 44.07 -2.09
CA SER D 117 27.41 43.68 -2.51
C SER D 117 28.41 44.73 -2.11
N GLY D 118 29.16 44.44 -1.04
CA GLY D 118 30.18 45.38 -0.59
C GLY D 118 31.49 44.94 -1.22
N GLN D 119 31.39 44.28 -2.37
CA GLN D 119 32.54 43.80 -3.10
C GLN D 119 32.41 44.22 -4.54
N LYS D 120 33.27 43.66 -5.38
CA LYS D 120 33.29 43.96 -6.81
C LYS D 120 32.06 43.45 -7.53
N TYR D 121 31.33 42.55 -6.88
CA TYR D 121 30.15 41.96 -7.47
C TYR D 121 28.98 42.94 -7.57
N ASP D 122 28.08 42.67 -8.50
CA ASP D 122 26.93 43.53 -8.71
C ASP D 122 25.72 43.03 -7.96
N ALA D 123 25.13 43.89 -7.13
CA ALA D 123 23.94 43.50 -6.37
C ALA D 123 22.85 43.05 -7.33
N ARG D 124 22.62 43.87 -8.33
CA ARG D 124 21.61 43.60 -9.34
C ARG D 124 21.86 42.22 -9.95
N GLU D 125 23.10 41.91 -10.29
CA GLU D 125 23.40 40.61 -10.85
C GLU D 125 22.97 39.50 -9.88
N LEU D 126 23.43 39.60 -8.64
CA LEU D 126 23.11 38.59 -7.62
C LEU D 126 21.60 38.42 -7.47
N LEU D 127 20.85 39.51 -7.53
CA LEU D 127 19.39 39.46 -7.41
C LEU D 127 18.80 38.66 -8.59
N ARG D 128 19.12 39.11 -9.80
CA ARG D 128 18.68 38.45 -11.01
C ARG D 128 18.97 36.96 -10.96
N GLU D 129 19.99 36.58 -10.21
CA GLU D 129 20.35 35.18 -10.11
C GLU D 129 19.43 34.37 -9.18
N ILE D 130 19.03 34.97 -8.06
CA ILE D 130 18.14 34.26 -7.15
C ILE D 130 16.71 34.35 -7.64
N GLY D 131 16.36 35.46 -8.26
CA GLY D 131 15.01 35.61 -8.77
C GLY D 131 14.72 34.51 -9.77
N ARG D 132 15.74 34.20 -10.57
CA ARG D 132 15.62 33.16 -11.57
C ARG D 132 15.24 31.84 -10.89
N VAL D 133 15.51 31.71 -9.60
CA VAL D 133 15.18 30.46 -8.88
C VAL D 133 13.99 30.55 -7.94
N ALA D 134 13.75 31.73 -7.39
CA ALA D 134 12.64 31.90 -6.47
C ALA D 134 11.42 32.42 -7.21
N LYS D 135 11.59 32.69 -8.50
CA LYS D 135 10.51 33.20 -9.35
C LYS D 135 10.10 34.62 -8.97
N GLY D 136 10.99 35.57 -9.22
CA GLY D 136 10.75 36.97 -8.90
C GLY D 136 11.60 37.89 -9.76
N SER D 137 11.73 39.15 -9.37
CA SER D 137 12.51 40.10 -10.16
C SER D 137 12.66 41.34 -9.32
N GLY D 138 13.46 42.30 -9.76
CA GLY D 138 13.62 43.50 -8.98
C GLY D 138 14.69 44.39 -9.53
N GLY D 139 14.69 45.66 -9.13
CA GLY D 139 15.71 46.57 -9.62
C GLY D 139 16.74 46.86 -8.56
N GLY D 140 17.22 48.10 -8.55
CA GLY D 140 18.21 48.52 -7.58
C GLY D 140 19.49 48.99 -8.25
N ARG D 141 20.54 49.20 -7.46
CA ARG D 141 21.82 49.66 -7.99
C ARG D 141 22.93 48.63 -7.85
N LYS D 142 24.17 49.11 -8.02
CA LYS D 142 25.36 48.27 -7.96
C LYS D 142 25.60 47.49 -6.67
N ASP D 143 25.51 48.19 -5.55
CA ASP D 143 25.74 47.62 -4.22
C ASP D 143 24.50 47.11 -3.44
N VAL D 144 23.33 47.67 -3.70
CA VAL D 144 22.11 47.23 -3.03
C VAL D 144 21.03 47.08 -4.08
N ALA D 145 20.15 46.09 -3.91
CA ALA D 145 19.08 45.87 -4.89
C ALA D 145 17.81 45.31 -4.27
N GLN D 146 16.67 45.96 -4.51
CA GLN D 146 15.40 45.46 -3.98
C GLN D 146 14.78 44.50 -4.99
N GLY D 147 13.71 43.85 -4.58
CA GLY D 147 13.04 42.90 -5.46
C GLY D 147 11.86 42.21 -4.79
N ALA D 148 11.08 41.48 -5.59
CA ALA D 148 9.92 40.75 -5.10
C ALA D 148 9.97 39.38 -5.75
N VAL D 149 9.50 38.38 -5.03
CA VAL D 149 9.55 37.06 -5.57
C VAL D 149 8.45 36.26 -4.94
N GLN D 150 8.03 35.19 -5.61
CA GLN D 150 6.96 34.35 -5.09
C GLN D 150 7.48 33.36 -4.07
N GLN D 151 8.44 32.54 -4.49
CA GLN D 151 9.04 31.53 -3.61
C GLN D 151 9.89 32.16 -2.49
N LEU D 152 9.72 31.64 -1.27
CA LEU D 152 10.48 32.11 -0.12
C LEU D 152 11.54 31.06 0.09
N LEU D 153 12.79 31.49 -0.04
CA LEU D 153 13.94 30.60 0.08
C LEU D 153 14.50 30.31 1.46
N ASP D 154 15.08 29.13 1.56
CA ASP D 154 15.68 28.62 2.77
C ASP D 154 17.09 29.21 2.86
N ARG D 155 17.60 29.39 4.08
CA ARG D 155 18.94 29.96 4.24
C ARG D 155 19.92 29.17 3.39
N GLU D 156 20.02 27.87 3.65
CA GLU D 156 20.92 27.03 2.88
C GLU D 156 20.71 27.23 1.38
N GLU D 157 19.45 27.42 0.98
CA GLU D 157 19.10 27.62 -0.43
C GLU D 157 19.73 28.91 -0.93
N MSE D 158 19.61 29.98 -0.15
CA MSE D 158 20.18 31.24 -0.56
C MSE D 158 21.68 31.14 -0.70
O MSE D 158 22.27 31.69 -1.62
CB MSE D 158 19.84 32.32 0.44
CG MSE D 158 18.39 32.43 0.68
SE MSE D 158 18.02 33.98 1.64
CE MSE D 158 17.89 33.13 3.36
N LEU D 159 22.29 30.44 0.26
CA LEU D 159 23.73 30.28 0.23
C LEU D 159 24.16 29.57 -1.04
N ASP D 160 23.55 28.42 -1.32
CA ASP D 160 23.90 27.68 -2.53
C ASP D 160 23.90 28.61 -3.74
N VAL D 161 22.78 29.27 -3.96
CA VAL D 161 22.68 30.19 -5.08
C VAL D 161 23.86 31.16 -5.01
N ILE D 162 23.84 32.04 -4.00
CA ILE D 162 24.88 33.06 -3.79
C ILE D 162 26.26 32.55 -4.08
N PHE D 163 26.62 31.44 -3.43
CA PHE D 163 27.92 30.85 -3.63
C PHE D 163 28.20 30.55 -5.08
N ARG D 164 27.27 29.88 -5.74
CA ARG D 164 27.46 29.57 -7.15
C ARG D 164 27.62 30.89 -7.90
N PHE D 165 26.82 31.89 -7.54
CA PHE D 165 26.90 33.19 -8.19
C PHE D 165 28.33 33.68 -8.18
N LEU D 166 28.90 33.73 -6.98
CA LEU D 166 30.27 34.18 -6.79
C LEU D 166 31.20 33.18 -7.45
N SER D 167 30.93 31.90 -7.21
CA SER D 167 31.72 30.84 -7.77
C SER D 167 31.83 31.00 -9.28
N GLU D 168 30.72 31.38 -9.92
CA GLU D 168 30.71 31.54 -11.38
C GLU D 168 31.49 32.74 -11.87
N HIS D 169 31.19 33.92 -11.35
CA HIS D 169 31.88 35.12 -11.79
C HIS D 169 33.39 35.02 -11.71
N GLU D 170 33.93 34.73 -10.53
CA GLU D 170 35.38 34.57 -10.47
C GLU D 170 35.96 34.00 -9.19
N MSE E 1 -6.61 -19.95 -40.04
CA MSE E 1 -7.17 -21.33 -40.21
C MSE E 1 -8.27 -21.59 -39.16
O MSE E 1 -8.15 -21.14 -38.03
CB MSE E 1 -6.07 -22.38 -40.04
CG MSE E 1 -6.50 -23.81 -40.40
SE MSE E 1 -6.12 -25.17 -39.04
CE MSE E 1 -7.91 -25.70 -38.58
N GLY E 2 -9.30 -22.34 -39.55
CA GLY E 2 -10.41 -22.65 -38.64
C GLY E 2 -10.13 -22.81 -37.14
N GLU E 3 -9.06 -23.52 -36.79
CA GLU E 3 -8.69 -23.71 -35.39
C GLU E 3 -7.77 -22.58 -34.94
N ALA E 4 -6.61 -22.49 -35.57
CA ALA E 4 -5.63 -21.45 -35.25
C ALA E 4 -6.21 -20.03 -35.37
N ALA E 5 -7.15 -19.85 -36.29
CA ALA E 5 -7.77 -18.55 -36.49
C ALA E 5 -8.65 -18.18 -35.31
N ILE E 6 -9.17 -19.18 -34.59
CA ILE E 6 -10.00 -18.89 -33.42
C ILE E 6 -9.14 -19.01 -32.18
N GLU E 7 -8.08 -19.81 -32.30
CA GLU E 7 -7.15 -20.02 -31.22
C GLU E 7 -6.40 -18.71 -31.04
N ALA E 8 -6.19 -18.01 -32.16
CA ALA E 8 -5.50 -16.73 -32.15
C ALA E 8 -6.40 -15.68 -31.51
N VAL E 9 -7.70 -15.87 -31.63
CA VAL E 9 -8.63 -14.93 -31.03
C VAL E 9 -8.50 -15.10 -29.51
N GLU E 10 -8.38 -16.36 -29.07
CA GLU E 10 -8.25 -16.67 -27.65
C GLU E 10 -6.97 -16.08 -27.06
N GLU E 11 -5.89 -16.13 -27.82
CA GLU E 11 -4.63 -15.57 -27.36
C GLU E 11 -4.87 -14.12 -26.96
N MSE E 12 -5.49 -13.35 -27.86
CA MSE E 12 -5.79 -11.95 -27.58
C MSE E 12 -6.56 -11.83 -26.28
O MSE E 12 -6.15 -11.09 -25.38
CB MSE E 12 -6.61 -11.34 -28.71
CG MSE E 12 -5.87 -11.20 -30.03
SE MSE E 12 -6.85 -10.08 -31.26
CE MSE E 12 -5.96 -8.39 -30.97
N GLU E 13 -7.68 -12.54 -26.18
CA GLU E 13 -8.46 -12.51 -24.96
C GLU E 13 -7.53 -12.66 -23.77
N ARG E 14 -6.67 -13.68 -23.84
CA ARG E 14 -5.70 -13.95 -22.78
C ARG E 14 -4.96 -12.66 -22.49
N LEU E 15 -4.07 -12.27 -23.41
CA LEU E 15 -3.28 -11.06 -23.32
C LEU E 15 -4.04 -9.93 -22.63
N LEU E 16 -5.19 -9.55 -23.19
CA LEU E 16 -5.98 -8.49 -22.60
C LEU E 16 -6.40 -8.87 -21.18
N ARG E 17 -7.15 -9.95 -21.04
CA ARG E 17 -7.63 -10.39 -19.73
C ARG E 17 -6.50 -10.50 -18.72
N GLU E 18 -5.35 -10.96 -19.18
CA GLU E 18 -4.17 -11.13 -18.34
C GLU E 18 -3.67 -9.81 -17.77
N ALA E 19 -3.26 -8.90 -18.67
CA ALA E 19 -2.74 -7.59 -18.31
C ALA E 19 -3.73 -6.74 -17.52
N SER E 20 -4.98 -6.71 -17.97
CA SER E 20 -5.99 -5.93 -17.28
C SER E 20 -6.17 -6.51 -15.89
N SER E 21 -5.73 -7.77 -15.75
CA SER E 21 -5.83 -8.47 -14.48
C SER E 21 -4.75 -8.05 -13.50
N ILE E 22 -3.49 -8.14 -13.92
CA ILE E 22 -2.39 -7.78 -13.03
C ILE E 22 -2.58 -6.40 -12.42
N LEU E 23 -3.39 -5.55 -13.05
CA LEU E 23 -3.65 -4.19 -12.53
C LEU E 23 -4.98 -4.14 -11.84
N ARG E 24 -5.68 -5.26 -11.87
CA ARG E 24 -7.00 -5.42 -11.26
C ARG E 24 -8.00 -4.38 -11.73
N VAL E 25 -8.38 -4.46 -13.00
CA VAL E 25 -9.34 -3.53 -13.56
C VAL E 25 -10.11 -4.26 -14.65
N GLU E 26 -11.35 -3.83 -14.89
CA GLU E 26 -12.15 -4.46 -15.93
C GLU E 26 -11.40 -4.13 -17.21
N PRO E 27 -11.24 -5.13 -18.08
CA PRO E 27 -10.53 -4.98 -19.36
C PRO E 27 -10.80 -3.68 -20.12
N ALA E 28 -12.02 -3.16 -19.99
CA ALA E 28 -12.40 -1.92 -20.68
C ALA E 28 -11.75 -0.70 -20.03
N LYS E 29 -11.73 -0.69 -18.70
CA LYS E 29 -11.14 0.41 -17.99
C LYS E 29 -9.62 0.26 -17.96
N LEU E 30 -9.05 -0.42 -18.94
CA LEU E 30 -7.60 -0.64 -18.94
C LEU E 30 -6.73 0.49 -19.46
N PRO E 31 -6.89 0.89 -20.73
CA PRO E 31 -6.02 1.97 -21.18
C PRO E 31 -5.96 3.13 -20.20
N LYS E 32 -7.13 3.63 -19.81
CA LYS E 32 -7.22 4.75 -18.88
C LYS E 32 -6.35 4.52 -17.63
N THR E 33 -6.36 3.30 -17.11
CA THR E 33 -5.54 3.01 -15.93
C THR E 33 -4.09 2.71 -16.33
N VAL E 34 -3.86 2.10 -17.49
CA VAL E 34 -2.49 1.83 -17.89
C VAL E 34 -1.85 3.18 -18.15
N GLU E 35 -2.70 4.19 -18.28
CA GLU E 35 -2.21 5.54 -18.53
C GLU E 35 -1.86 6.24 -17.23
N ARG E 36 -2.84 6.37 -16.33
CA ARG E 36 -2.63 7.03 -15.07
C ARG E 36 -1.52 6.36 -14.28
N PHE E 37 -1.21 5.11 -14.63
CA PHE E 37 -0.13 4.41 -13.93
C PHE E 37 1.18 4.78 -14.58
N PHE E 38 1.20 4.71 -15.91
CA PHE E 38 2.38 5.06 -16.66
C PHE E 38 2.75 6.50 -16.36
N GLU E 39 1.75 7.35 -16.19
CA GLU E 39 2.01 8.74 -15.85
C GLU E 39 2.73 8.73 -14.51
N GLU E 40 2.10 8.13 -13.50
CA GLU E 40 2.71 8.05 -12.19
C GLU E 40 4.14 7.52 -12.27
N TRP E 41 4.35 6.48 -13.06
CA TRP E 41 5.68 5.91 -13.21
C TRP E 41 6.63 7.03 -13.63
N LYS E 42 6.21 7.81 -14.62
CA LYS E 42 7.01 8.92 -15.08
C LYS E 42 7.38 9.87 -13.93
N ASP E 43 6.37 10.43 -13.26
CA ASP E 43 6.60 11.36 -12.15
C ASP E 43 7.54 10.80 -11.10
N GLN E 44 7.25 9.60 -10.61
CA GLN E 44 8.10 9.00 -9.59
C GLN E 44 9.54 8.95 -10.04
N ARG E 45 9.74 8.53 -11.29
CA ARG E 45 11.09 8.46 -11.85
C ARG E 45 11.76 9.83 -11.72
N LYS E 46 10.98 10.88 -11.95
CA LYS E 46 11.47 12.26 -11.87
C LYS E 46 11.80 12.60 -10.43
N GLU E 47 10.87 12.30 -9.54
CA GLU E 47 11.02 12.57 -8.13
C GLU E 47 12.29 11.96 -7.53
N ILE E 48 12.59 10.69 -7.83
CA ILE E 48 13.79 10.05 -7.28
C ILE E 48 15.03 10.76 -7.79
N GLU E 49 14.90 11.43 -8.93
CA GLU E 49 16.01 12.17 -9.52
C GLU E 49 16.22 13.45 -8.74
N ARG E 50 15.14 14.17 -8.49
CA ARG E 50 15.22 15.39 -7.72
C ARG E 50 15.73 15.02 -6.32
N LEU E 51 15.17 13.98 -5.72
CA LEU E 51 15.62 13.58 -4.39
C LEU E 51 17.09 13.29 -4.38
N LYS E 52 17.54 12.47 -5.33
CA LYS E 52 18.96 12.14 -5.40
C LYS E 52 19.80 13.40 -5.56
N SER E 53 19.18 14.45 -6.07
CA SER E 53 19.87 15.73 -6.25
C SER E 53 20.00 16.37 -4.86
N VAL E 54 18.91 16.38 -4.12
CA VAL E 54 18.86 16.94 -2.77
C VAL E 54 19.80 16.23 -1.81
N ILE E 55 19.84 14.90 -1.87
CA ILE E 55 20.72 14.16 -0.99
C ILE E 55 22.17 14.52 -1.28
N ALA E 56 22.50 14.69 -2.56
CA ALA E 56 23.86 15.05 -2.93
C ALA E 56 24.18 16.45 -2.44
N ASP E 57 23.33 17.40 -2.78
CA ASP E 57 23.55 18.78 -2.38
C ASP E 57 23.83 18.91 -0.90
N LEU E 58 23.30 17.99 -0.09
CA LEU E 58 23.50 18.03 1.35
C LEU E 58 24.84 17.42 1.74
N TRP E 59 25.17 16.31 1.07
CA TRP E 59 26.42 15.61 1.28
C TRP E 59 27.53 16.66 1.10
N ALA E 60 27.49 17.31 -0.07
CA ALA E 60 28.44 18.34 -0.41
C ALA E 60 28.62 19.30 0.76
N ASP E 61 27.54 19.64 1.43
CA ASP E 61 27.60 20.55 2.57
C ASP E 61 28.18 19.91 3.82
N ILE E 62 27.91 18.64 4.07
CA ILE E 62 28.46 17.99 5.25
C ILE E 62 29.93 17.69 4.97
N LEU E 63 30.40 18.15 3.81
CA LEU E 63 31.78 17.98 3.38
C LEU E 63 32.52 19.28 3.54
N MSE E 64 31.83 20.38 3.25
CA MSE E 64 32.41 21.70 3.41
C MSE E 64 32.65 21.87 4.89
O MSE E 64 33.23 22.86 5.34
CB MSE E 64 31.44 22.78 2.95
CG MSE E 64 31.08 22.70 1.49
SE MSE E 64 32.60 23.10 0.41
CE MSE E 64 32.29 24.97 0.10
N GLU E 65 32.15 20.90 5.63
CA GLU E 65 32.25 20.85 7.08
C GLU E 65 33.63 20.31 7.43
N ARG E 66 34.07 19.30 6.68
CA ARG E 66 35.37 18.70 6.88
C ARG E 66 36.33 19.27 5.84
N ALA E 67 36.07 20.50 5.40
CA ALA E 67 36.90 21.13 4.38
C ALA E 67 38.13 21.83 4.93
N GLU E 68 39.27 21.54 4.32
CA GLU E 68 40.53 22.15 4.72
C GLU E 68 40.66 23.48 3.99
N GLU E 69 41.78 24.18 4.14
CA GLU E 69 41.90 25.47 3.48
C GLU E 69 43.30 25.80 2.92
N PHE E 70 43.28 26.51 1.79
CA PHE E 70 44.51 26.93 1.12
C PHE E 70 44.27 28.32 0.55
N ASP E 71 44.85 29.34 1.14
CA ASP E 71 44.67 30.68 0.63
C ASP E 71 43.21 31.10 0.53
N SER E 72 42.42 30.73 1.53
CA SER E 72 41.01 31.09 1.56
C SER E 72 40.12 30.25 0.65
N MSE E 73 40.74 29.42 -0.18
CA MSE E 73 40.00 28.56 -1.07
C MSE E 73 39.78 27.29 -0.28
O MSE E 73 40.60 26.93 0.57
CB MSE E 73 40.81 28.26 -2.33
CG MSE E 73 41.15 29.48 -3.14
SE MSE E 73 41.95 29.01 -4.83
CE MSE E 73 43.74 29.70 -4.55
N LYS E 74 38.68 26.60 -0.52
CA LYS E 74 38.43 25.43 0.27
C LYS E 74 38.68 24.12 -0.47
N VAL E 75 39.63 23.32 0.03
CA VAL E 75 39.91 22.04 -0.63
C VAL E 75 39.14 20.98 0.11
N VAL E 76 38.75 19.93 -0.61
CA VAL E 76 38.01 18.84 -0.01
C VAL E 76 38.47 17.53 -0.59
N ALA E 77 38.90 16.65 0.29
CA ALA E 77 39.36 15.36 -0.13
C ALA E 77 38.76 14.39 0.85
N GLU E 78 38.29 13.25 0.34
CA GLU E 78 37.68 12.23 1.18
C GLU E 78 37.43 10.96 0.39
N VAL E 79 37.44 9.84 1.09
CA VAL E 79 37.16 8.58 0.44
C VAL E 79 35.66 8.49 0.68
N VAL E 80 34.90 8.05 -0.33
CA VAL E 80 33.46 7.96 -0.23
C VAL E 80 32.88 6.65 -0.78
N ASP E 81 31.83 6.16 -0.14
CA ASP E 81 31.13 4.95 -0.57
C ASP E 81 30.09 5.51 -1.53
N ALA E 82 30.34 5.35 -2.82
CA ALA E 82 29.46 5.88 -3.83
C ALA E 82 29.80 5.37 -5.23
N ASP E 83 28.77 5.18 -6.05
CA ASP E 83 28.94 4.73 -7.41
C ASP E 83 29.51 5.88 -8.20
N MSE E 84 30.08 5.59 -9.36
CA MSE E 84 30.69 6.62 -10.16
C MSE E 84 29.77 7.82 -10.35
O MSE E 84 30.15 8.95 -10.02
CB MSE E 84 31.11 6.06 -11.52
CG MSE E 84 31.66 7.12 -12.47
SE MSE E 84 33.24 8.07 -11.86
CE MSE E 84 34.52 7.32 -13.08
N GLN E 85 28.57 7.58 -10.87
CA GLN E 85 27.62 8.66 -11.11
C GLN E 85 27.34 9.46 -9.86
N ALA E 86 27.38 8.78 -8.72
CA ALA E 86 27.13 9.43 -7.45
C ALA E 86 28.21 10.48 -7.23
N LEU E 87 29.46 10.02 -7.15
CA LEU E 87 30.60 10.90 -6.95
C LEU E 87 30.50 12.05 -7.94
N GLN E 88 30.21 11.72 -9.19
CA GLN E 88 30.09 12.75 -10.22
C GLN E 88 29.17 13.87 -9.76
N LYS E 89 28.05 13.50 -9.15
CA LYS E 89 27.10 14.48 -8.67
C LYS E 89 27.74 15.39 -7.63
N LEU E 90 28.26 14.78 -6.56
CA LEU E 90 28.94 15.53 -5.50
C LEU E 90 29.97 16.45 -6.12
N ALA E 91 30.80 15.88 -6.99
CA ALA E 91 31.83 16.65 -7.66
C ALA E 91 31.23 17.93 -8.23
N GLU E 92 30.27 17.80 -9.15
CA GLU E 92 29.64 18.96 -9.75
C GLU E 92 29.15 19.89 -8.66
N ARG E 93 28.63 19.33 -7.59
CA ARG E 93 28.14 20.15 -6.51
C ARG E 93 29.25 20.88 -5.76
N LEU E 94 30.22 20.13 -5.23
CA LEU E 94 31.34 20.75 -4.50
C LEU E 94 31.97 21.87 -5.29
N ALA E 95 32.14 21.66 -6.58
CA ALA E 95 32.76 22.65 -7.44
C ALA E 95 31.92 23.94 -7.58
N GLU E 96 30.61 23.83 -7.45
CA GLU E 96 29.74 24.99 -7.57
C GLU E 96 29.78 25.83 -6.29
N LYS E 97 30.37 25.26 -5.26
CA LYS E 97 30.49 25.93 -4.00
C LYS E 97 31.86 26.63 -3.92
N GLY E 98 32.65 26.51 -4.98
CA GLY E 98 33.96 27.13 -5.02
C GLY E 98 35.04 26.30 -4.35
N ALA E 99 34.84 24.98 -4.36
CA ALA E 99 35.76 24.03 -3.75
C ALA E 99 36.65 23.34 -4.79
N VAL E 100 37.76 22.79 -4.32
CA VAL E 100 38.69 22.08 -5.17
C VAL E 100 39.08 20.83 -4.42
N GLY E 101 39.31 19.75 -5.13
CA GLY E 101 39.69 18.53 -4.44
C GLY E 101 39.51 17.26 -5.22
N CYS E 102 39.19 16.19 -4.51
CA CYS E 102 39.03 14.89 -5.11
C CYS E 102 38.29 13.92 -4.18
N LEU E 103 37.53 13.01 -4.77
CA LEU E 103 36.80 12.00 -3.99
C LEU E 103 37.21 10.68 -4.63
N MSE E 104 37.16 9.58 -3.89
CA MSE E 104 37.54 8.31 -4.46
C MSE E 104 36.69 7.21 -3.86
O MSE E 104 36.34 7.27 -2.70
CB MSE E 104 39.02 8.01 -4.21
CG MSE E 104 40.00 8.64 -5.23
SE MSE E 104 41.91 8.28 -4.88
CE MSE E 104 42.08 6.46 -5.56
N ALA E 105 36.35 6.20 -4.66
CA ALA E 105 35.55 5.13 -4.13
C ALA E 105 36.03 3.78 -4.65
N LYS E 106 35.78 2.73 -3.88
CA LYS E 106 36.20 1.39 -4.26
C LYS E 106 35.09 0.63 -4.96
N GLY E 107 34.90 0.89 -6.25
CA GLY E 107 33.87 0.17 -6.97
C GLY E 107 34.20 -1.32 -6.93
N GLU E 108 33.26 -2.15 -7.33
CA GLU E 108 33.51 -3.59 -7.37
C GLU E 108 34.56 -3.75 -8.47
N GLY E 109 35.78 -4.07 -8.05
CA GLY E 109 36.87 -4.21 -8.99
C GLY E 109 37.89 -3.17 -8.58
N LYS E 110 38.24 -2.24 -9.48
CA LYS E 110 39.21 -1.20 -9.15
C LYS E 110 38.57 0.09 -8.60
N VAL E 111 39.40 1.10 -8.39
CA VAL E 111 38.98 2.38 -7.81
C VAL E 111 38.50 3.45 -8.78
N PHE E 112 37.50 4.21 -8.35
CA PHE E 112 36.98 5.32 -9.16
C PHE E 112 37.48 6.61 -8.55
N VAL E 113 37.86 7.53 -9.42
CA VAL E 113 38.42 8.82 -9.04
C VAL E 113 37.62 9.99 -9.60
N VAL E 114 37.53 11.08 -8.83
CA VAL E 114 36.82 12.25 -9.29
C VAL E 114 37.46 13.53 -8.80
N THR E 115 37.76 14.42 -9.73
CA THR E 115 38.35 15.69 -9.35
C THR E 115 37.33 16.79 -9.66
N PHE E 116 37.37 17.86 -8.87
CA PHE E 116 36.46 18.99 -9.06
C PHE E 116 37.17 20.27 -8.71
N SER E 117 36.94 21.30 -9.53
CA SER E 117 37.61 22.58 -9.34
C SER E 117 36.74 23.81 -9.51
N GLY E 118 36.03 24.21 -8.47
CA GLY E 118 35.20 25.40 -8.58
C GLY E 118 36.06 26.66 -8.57
N GLN E 119 37.33 26.48 -8.94
CA GLN E 119 38.27 27.58 -8.96
C GLN E 119 38.99 27.69 -10.28
N LYS E 120 39.89 28.65 -10.32
CA LYS E 120 40.70 28.90 -11.48
C LYS E 120 41.47 27.67 -11.99
N TYR E 121 41.48 26.56 -11.25
CA TYR E 121 42.24 25.38 -11.70
C TYR E 121 41.47 24.45 -12.61
N ASP E 122 42.19 23.50 -13.21
CA ASP E 122 41.57 22.55 -14.13
C ASP E 122 41.46 21.13 -13.57
N ALA E 123 40.23 20.71 -13.28
CA ALA E 123 40.01 19.38 -12.73
C ALA E 123 40.77 18.28 -13.47
N ARG E 124 40.90 18.42 -14.80
CA ARG E 124 41.62 17.43 -15.59
C ARG E 124 43.08 17.33 -15.13
N GLU E 125 43.78 18.46 -15.16
CA GLU E 125 45.18 18.50 -14.74
C GLU E 125 45.38 17.78 -13.42
N LEU E 126 44.65 18.24 -12.40
CA LEU E 126 44.73 17.66 -11.07
C LEU E 126 44.48 16.15 -11.15
N LEU E 127 43.50 15.76 -11.96
CA LEU E 127 43.18 14.36 -12.11
C LEU E 127 44.41 13.64 -12.66
N ARG E 128 45.04 14.24 -13.67
CA ARG E 128 46.23 13.67 -14.29
C ARG E 128 47.28 13.39 -13.24
N GLU E 129 47.49 14.38 -12.37
CA GLU E 129 48.45 14.28 -11.29
C GLU E 129 48.12 13.08 -10.40
N ILE E 130 47.02 13.15 -9.67
CA ILE E 130 46.70 12.02 -8.80
C ILE E 130 46.54 10.73 -9.60
N GLY E 131 46.68 10.83 -10.91
CA GLY E 131 46.57 9.64 -11.76
C GLY E 131 47.96 9.05 -11.92
N ARG E 132 48.93 9.95 -12.03
CA ARG E 132 50.32 9.58 -12.17
C ARG E 132 50.68 8.91 -10.84
N VAL E 133 50.14 9.49 -9.79
CA VAL E 133 50.40 9.01 -8.44
C VAL E 133 49.87 7.61 -8.17
N ALA E 134 48.59 7.40 -8.45
CA ALA E 134 47.97 6.11 -8.18
C ALA E 134 47.82 5.21 -9.41
N LYS E 135 48.45 5.58 -10.52
CA LYS E 135 48.37 4.78 -11.73
C LYS E 135 46.91 4.73 -12.21
N GLY E 136 46.55 5.66 -13.09
CA GLY E 136 45.18 5.72 -13.60
C GLY E 136 45.06 6.71 -14.73
N SER E 137 43.85 6.91 -15.24
CA SER E 137 43.62 7.84 -16.36
C SER E 137 42.17 8.30 -16.39
N GLY E 138 41.80 9.02 -17.44
CA GLY E 138 40.42 9.48 -17.53
C GLY E 138 40.26 10.77 -18.31
N GLY E 139 39.21 11.51 -17.98
CA GLY E 139 38.92 12.77 -18.65
C GLY E 139 37.79 13.50 -17.97
N GLY E 140 37.42 14.65 -18.51
CA GLY E 140 36.34 15.44 -17.93
C GLY E 140 36.39 16.89 -18.39
N ARG E 141 36.13 17.82 -17.49
CA ARG E 141 36.18 19.22 -17.86
C ARG E 141 36.90 20.07 -16.83
N LYS E 142 37.08 21.34 -17.18
CA LYS E 142 37.74 22.30 -16.31
C LYS E 142 37.15 22.22 -14.92
N ASP E 143 35.85 21.96 -14.82
CA ASP E 143 35.19 21.89 -13.53
C ASP E 143 35.14 20.54 -12.86
N VAL E 144 34.96 19.49 -13.63
CA VAL E 144 34.93 18.15 -13.05
C VAL E 144 35.51 17.08 -13.97
N ALA E 145 36.29 16.18 -13.38
CA ALA E 145 36.89 15.12 -14.17
C ALA E 145 36.63 13.81 -13.48
N GLN E 146 36.57 12.76 -14.28
CA GLN E 146 36.31 11.42 -13.79
C GLN E 146 37.50 10.55 -14.14
N GLY E 147 37.61 9.39 -13.50
CA GLY E 147 38.71 8.51 -13.83
C GLY E 147 38.75 7.25 -12.98
N ALA E 148 39.49 6.27 -13.46
CA ALA E 148 39.64 5.03 -12.72
C ALA E 148 41.10 4.93 -12.32
N VAL E 149 41.37 4.21 -11.24
CA VAL E 149 42.74 4.06 -10.76
C VAL E 149 42.92 2.68 -10.17
N GLN E 150 44.16 2.21 -10.13
CA GLN E 150 44.40 0.89 -9.55
C GLN E 150 44.91 1.00 -8.12
N GLN E 151 45.02 2.23 -7.64
CA GLN E 151 45.50 2.51 -6.31
C GLN E 151 44.50 3.37 -5.54
N LEU E 152 44.25 3.04 -4.27
CA LEU E 152 43.32 3.83 -3.47
C LEU E 152 44.11 4.73 -2.54
N LEU E 153 43.90 6.02 -2.70
CA LEU E 153 44.60 7.00 -1.89
C LEU E 153 43.94 7.29 -0.56
N ASP E 154 44.80 7.64 0.40
CA ASP E 154 44.43 8.00 1.76
C ASP E 154 44.03 9.48 1.71
N ARG E 155 43.32 9.96 2.72
CA ARG E 155 42.89 11.37 2.73
C ARG E 155 44.09 12.29 2.70
N GLU E 156 44.98 12.07 3.66
CA GLU E 156 46.18 12.86 3.80
C GLU E 156 46.89 12.80 2.45
N GLU E 157 47.10 11.57 1.95
CA GLU E 157 47.75 11.37 0.66
C GLU E 157 47.16 12.29 -0.41
N MSE E 158 45.84 12.21 -0.60
CA MSE E 158 45.16 13.03 -1.60
C MSE E 158 45.41 14.48 -1.32
O MSE E 158 45.89 15.22 -2.18
CB MSE E 158 43.64 12.80 -1.56
CG MSE E 158 43.20 11.43 -2.08
SE MSE E 158 41.29 11.25 -2.22
CE MSE E 158 40.95 10.15 -0.68
N LEU E 159 45.10 14.87 -0.10
CA LEU E 159 45.29 16.25 0.34
C LEU E 159 46.69 16.74 0.02
N ASP E 160 47.69 15.91 0.28
CA ASP E 160 49.08 16.28 0.00
C ASP E 160 49.19 16.62 -1.49
N VAL E 161 48.69 15.71 -2.33
CA VAL E 161 48.76 15.91 -3.77
C VAL E 161 48.03 17.15 -4.27
N ILE E 162 46.76 17.26 -3.92
CA ILE E 162 45.99 18.41 -4.39
C ILE E 162 46.58 19.70 -3.82
N PHE E 163 47.25 19.61 -2.67
CA PHE E 163 47.83 20.82 -2.11
C PHE E 163 49.08 21.21 -2.87
N ARG E 164 49.89 20.21 -3.20
CA ARG E 164 51.12 20.43 -3.95
C ARG E 164 50.71 21.00 -5.29
N PHE E 165 49.75 20.33 -5.92
CA PHE E 165 49.26 20.79 -7.19
C PHE E 165 48.82 22.26 -7.09
N LEU E 166 48.09 22.59 -6.03
CA LEU E 166 47.58 23.96 -5.85
C LEU E 166 48.64 25.03 -5.77
N SER E 167 49.73 24.73 -5.07
CA SER E 167 50.79 25.70 -4.91
C SER E 167 51.53 25.87 -6.24
N GLU E 168 51.84 24.77 -6.90
CA GLU E 168 52.55 24.82 -8.17
C GLU E 168 51.88 25.65 -9.26
N HIS E 169 50.69 26.17 -8.99
CA HIS E 169 49.99 26.97 -9.99
C HIS E 169 49.74 28.43 -9.58
N GLU E 170 49.24 28.64 -8.36
CA GLU E 170 49.00 29.99 -7.88
C GLU E 170 48.81 30.01 -6.35
N MSE F 1 -27.59 -9.31 -34.48
CA MSE F 1 -27.46 -10.79 -34.58
C MSE F 1 -26.00 -11.24 -34.52
O MSE F 1 -25.42 -11.32 -33.43
CB MSE F 1 -28.15 -11.29 -35.86
CG MSE F 1 -28.05 -10.37 -37.08
SE MSE F 1 -29.15 -10.90 -38.65
CE MSE F 1 -30.87 -10.17 -38.14
N GLY F 2 -25.40 -11.53 -35.68
CA GLY F 2 -24.01 -11.97 -35.73
C GLY F 2 -23.08 -10.79 -35.84
N GLU F 3 -23.70 -9.61 -35.76
CA GLU F 3 -23.03 -8.33 -35.83
C GLU F 3 -22.63 -7.93 -34.42
N ALA F 4 -22.82 -8.85 -33.48
CA ALA F 4 -22.50 -8.59 -32.09
C ALA F 4 -21.07 -9.08 -31.86
N ALA F 5 -20.59 -9.91 -32.77
CA ALA F 5 -19.25 -10.43 -32.67
C ALA F 5 -18.33 -9.38 -33.26
N ILE F 6 -18.78 -8.76 -34.34
CA ILE F 6 -18.00 -7.72 -34.98
C ILE F 6 -17.82 -6.60 -33.96
N GLU F 7 -18.91 -6.25 -33.29
CA GLU F 7 -18.87 -5.20 -32.30
C GLU F 7 -17.97 -5.56 -31.13
N ALA F 8 -17.83 -6.87 -30.87
CA ALA F 8 -17.00 -7.35 -29.77
C ALA F 8 -15.52 -7.41 -30.14
N VAL F 9 -15.19 -8.07 -31.24
CA VAL F 9 -13.80 -8.16 -31.67
C VAL F 9 -13.22 -6.74 -31.79
N GLU F 10 -14.00 -5.83 -32.37
CA GLU F 10 -13.56 -4.46 -32.51
C GLU F 10 -13.29 -3.87 -31.12
N GLU F 11 -14.34 -3.71 -30.32
CA GLU F 11 -14.21 -3.19 -28.95
C GLU F 11 -13.01 -3.84 -28.23
N MSE F 12 -12.75 -5.10 -28.54
CA MSE F 12 -11.65 -5.84 -27.91
C MSE F 12 -10.27 -5.41 -28.39
O MSE F 12 -9.44 -4.95 -27.61
CB MSE F 12 -11.84 -7.34 -28.14
CG MSE F 12 -11.03 -8.21 -27.23
SE MSE F 12 -10.18 -9.60 -28.24
CE MSE F 12 -8.59 -8.62 -28.74
N GLU F 13 -10.01 -5.58 -29.69
CA GLU F 13 -8.74 -5.22 -30.27
C GLU F 13 -8.42 -3.76 -29.92
N ARG F 14 -9.35 -2.87 -30.23
CA ARG F 14 -9.18 -1.45 -29.93
C ARG F 14 -8.63 -1.32 -28.51
N LEU F 15 -9.31 -1.93 -27.55
CA LEU F 15 -8.87 -1.88 -26.16
C LEU F 15 -7.49 -2.42 -25.96
N LEU F 16 -7.13 -3.47 -26.68
CA LEU F 16 -5.81 -4.04 -26.49
C LEU F 16 -4.69 -3.25 -27.16
N ARG F 17 -4.89 -2.85 -28.41
CA ARG F 17 -3.87 -2.11 -29.14
C ARG F 17 -3.71 -0.71 -28.55
N GLU F 18 -4.69 -0.31 -27.76
CA GLU F 18 -4.69 0.99 -27.11
C GLU F 18 -3.72 0.96 -25.92
N ALA F 19 -4.01 0.13 -24.94
CA ALA F 19 -3.17 0.00 -23.76
C ALA F 19 -1.73 -0.35 -24.12
N SER F 20 -1.55 -1.24 -25.08
CA SER F 20 -0.21 -1.60 -25.46
C SER F 20 0.51 -0.51 -26.24
N SER F 21 -0.26 0.48 -26.72
CA SER F 21 0.35 1.58 -27.48
C SER F 21 0.76 2.73 -26.56
N ILE F 22 -0.01 2.98 -25.51
CA ILE F 22 0.34 4.05 -24.59
C ILE F 22 1.60 3.65 -23.83
N LEU F 23 1.87 2.36 -23.77
CA LEU F 23 3.05 1.86 -23.06
C LEU F 23 4.18 1.59 -24.03
N ARG F 24 3.86 1.68 -25.31
CA ARG F 24 4.86 1.45 -26.34
C ARG F 24 5.47 0.05 -26.27
N VAL F 25 4.67 -0.96 -26.58
CA VAL F 25 5.18 -2.31 -26.58
C VAL F 25 4.28 -3.07 -27.53
N GLU F 26 4.67 -4.28 -27.91
CA GLU F 26 3.81 -5.05 -28.80
C GLU F 26 2.66 -5.55 -27.96
N PRO F 27 1.48 -5.72 -28.56
CA PRO F 27 0.34 -6.21 -27.80
C PRO F 27 0.61 -7.60 -27.23
N ALA F 28 1.44 -8.37 -27.95
CA ALA F 28 1.81 -9.72 -27.54
C ALA F 28 2.72 -9.73 -26.32
N LYS F 29 3.32 -8.58 -26.02
CA LYS F 29 4.22 -8.47 -24.87
C LYS F 29 3.59 -7.67 -23.73
N LEU F 30 2.43 -7.07 -23.99
CA LEU F 30 1.73 -6.25 -23.01
C LEU F 30 1.64 -6.83 -21.61
N PRO F 31 1.00 -7.99 -21.47
CA PRO F 31 0.89 -8.61 -20.14
C PRO F 31 2.22 -8.60 -19.40
N LYS F 32 3.24 -9.15 -20.06
CA LYS F 32 4.57 -9.23 -19.50
C LYS F 32 5.10 -7.86 -19.05
N THR F 33 5.02 -6.85 -19.92
CA THR F 33 5.56 -5.56 -19.51
C THR F 33 4.73 -4.87 -18.42
N VAL F 34 3.42 -4.86 -18.54
CA VAL F 34 2.60 -4.21 -17.50
C VAL F 34 3.02 -4.75 -16.14
N GLU F 35 3.57 -5.96 -16.13
CA GLU F 35 4.03 -6.56 -14.90
C GLU F 35 5.20 -5.73 -14.47
N ARG F 36 6.29 -5.82 -15.23
CA ARG F 36 7.52 -5.10 -14.95
C ARG F 36 7.24 -3.64 -14.51
N PHE F 37 6.35 -2.95 -15.22
CA PHE F 37 6.02 -1.57 -14.86
C PHE F 37 5.35 -1.49 -13.51
N PHE F 38 4.32 -2.31 -13.29
CA PHE F 38 3.63 -2.30 -12.02
C PHE F 38 4.62 -2.60 -10.90
N GLU F 39 5.61 -3.42 -11.19
CA GLU F 39 6.63 -3.75 -10.20
C GLU F 39 7.36 -2.46 -9.85
N GLU F 40 8.05 -1.90 -10.83
CA GLU F 40 8.80 -0.66 -10.64
C GLU F 40 7.94 0.37 -9.94
N TRP F 41 6.67 0.45 -10.34
CA TRP F 41 5.75 1.41 -9.75
C TRP F 41 5.69 1.24 -8.24
N LYS F 42 5.99 0.03 -7.78
CA LYS F 42 5.98 -0.26 -6.35
C LYS F 42 7.30 0.10 -5.70
N ASP F 43 8.40 -0.33 -6.32
CA ASP F 43 9.74 -0.03 -5.79
C ASP F 43 9.93 1.47 -5.75
N GLN F 44 9.59 2.13 -6.84
CA GLN F 44 9.72 3.57 -6.89
C GLN F 44 9.11 4.18 -5.64
N ARG F 45 7.86 3.85 -5.36
CA ARG F 45 7.17 4.39 -4.19
C ARG F 45 7.95 4.13 -2.91
N LYS F 46 8.37 2.90 -2.73
CA LYS F 46 9.15 2.51 -1.54
C LYS F 46 10.43 3.35 -1.54
N GLU F 47 11.00 3.51 -2.73
CA GLU F 47 12.24 4.26 -2.95
C GLU F 47 12.19 5.74 -2.53
N ILE F 48 11.28 6.52 -3.09
CA ILE F 48 11.20 7.94 -2.74
C ILE F 48 10.90 8.04 -1.27
N GLU F 49 10.41 6.96 -0.69
CA GLU F 49 10.08 7.00 0.72
C GLU F 49 11.36 6.91 1.54
N ARG F 50 12.30 6.08 1.07
CA ARG F 50 13.57 5.88 1.74
C ARG F 50 14.37 7.16 1.60
N LEU F 51 14.54 7.60 0.34
CA LEU F 51 15.26 8.82 0.07
C LEU F 51 14.74 9.92 0.97
N LYS F 52 13.43 10.16 0.92
CA LYS F 52 12.84 11.18 1.78
C LYS F 52 13.46 11.05 3.16
N SER F 53 13.56 9.82 3.64
CA SER F 53 14.08 9.57 4.97
C SER F 53 15.54 9.94 5.16
N VAL F 54 16.35 9.68 4.15
CA VAL F 54 17.77 10.01 4.23
C VAL F 54 17.96 11.51 4.21
N ILE F 55 17.20 12.17 3.35
CA ILE F 55 17.28 13.61 3.23
C ILE F 55 16.98 14.24 4.58
N ALA F 56 16.28 13.53 5.46
CA ALA F 56 15.97 14.07 6.77
C ALA F 56 17.19 13.96 7.66
N ASP F 57 17.68 12.73 7.84
CA ASP F 57 18.86 12.49 8.66
C ASP F 57 19.93 13.55 8.39
N LEU F 58 20.27 13.75 7.13
CA LEU F 58 21.27 14.76 6.76
C LEU F 58 20.83 16.16 7.17
N TRP F 59 19.67 16.57 6.67
CA TRP F 59 19.10 17.87 6.95
C TRP F 59 18.97 18.15 8.44
N ALA F 60 18.93 17.10 9.23
CA ALA F 60 18.81 17.30 10.67
C ALA F 60 20.18 17.58 11.23
N ASP F 61 21.20 17.01 10.61
CA ASP F 61 22.57 17.19 11.05
C ASP F 61 23.09 18.57 10.71
N ILE F 62 22.90 18.99 9.47
CA ILE F 62 23.35 20.30 9.06
C ILE F 62 22.50 21.37 9.79
N LEU F 63 21.41 20.95 10.41
CA LEU F 63 20.57 21.89 11.15
C LEU F 63 21.16 21.96 12.56
N MSE F 64 22.02 21.00 12.87
CA MSE F 64 22.68 20.91 14.17
C MSE F 64 23.93 21.78 14.20
O MSE F 64 24.34 22.24 15.26
CB MSE F 64 23.05 19.46 14.45
CG MSE F 64 21.89 18.63 14.98
SE MSE F 64 21.28 19.30 16.71
CE MSE F 64 22.16 18.01 17.86
N GLU F 65 24.53 22.00 13.04
CA GLU F 65 25.74 22.79 12.98
C GLU F 65 25.51 24.31 13.11
N ARG F 66 24.31 24.70 13.52
CA ARG F 66 23.96 26.11 13.72
C ARG F 66 23.16 26.19 15.02
N ALA F 67 23.28 25.14 15.83
CA ALA F 67 22.57 25.05 17.10
C ALA F 67 23.24 25.90 18.18
N GLU F 68 22.41 26.52 19.00
CA GLU F 68 22.90 27.37 20.07
C GLU F 68 23.00 26.57 21.37
N GLU F 69 23.56 27.21 22.41
CA GLU F 69 23.74 26.57 23.72
C GLU F 69 23.09 27.35 24.87
N PHE F 70 22.21 26.69 25.61
CA PHE F 70 21.51 27.30 26.75
C PHE F 70 21.52 26.29 27.90
N ASP F 71 22.42 26.47 28.85
CA ASP F 71 22.56 25.57 30.00
C ASP F 71 23.08 24.21 29.55
N SER F 72 24.21 24.22 28.84
CA SER F 72 24.81 23.00 28.32
C SER F 72 23.74 22.16 27.64
N MSE F 73 22.93 22.85 26.84
CA MSE F 73 21.85 22.25 26.06
C MSE F 73 21.96 22.78 24.63
O MSE F 73 22.76 23.66 24.34
CB MSE F 73 20.48 22.61 26.64
CG MSE F 73 20.13 21.95 27.97
SE MSE F 73 18.24 22.15 28.37
CE MSE F 73 18.27 23.93 29.14
N LYS F 74 21.14 22.23 23.75
CA LYS F 74 21.17 22.66 22.36
C LYS F 74 19.78 23.09 21.94
N VAL F 75 19.66 24.34 21.55
CA VAL F 75 18.37 24.85 21.09
C VAL F 75 18.54 25.08 19.59
N VAL F 76 17.46 24.86 18.86
CA VAL F 76 17.49 25.01 17.41
C VAL F 76 16.27 25.77 16.94
N ALA F 77 16.50 26.76 16.09
CA ALA F 77 15.43 27.56 15.51
C ALA F 77 15.91 28.03 14.17
N GLU F 78 15.11 27.77 13.15
CA GLU F 78 15.45 28.18 11.79
C GLU F 78 14.25 28.13 10.88
N VAL F 79 14.21 29.05 9.92
CA VAL F 79 13.13 29.10 8.96
C VAL F 79 13.53 28.10 7.87
N VAL F 80 12.67 27.13 7.62
CA VAL F 80 12.98 26.12 6.62
C VAL F 80 12.01 26.07 5.42
N ASP F 81 12.47 25.45 4.33
CA ASP F 81 11.67 25.31 3.12
C ASP F 81 11.27 23.84 3.07
N ALA F 82 10.20 23.51 3.77
CA ALA F 82 9.69 22.15 3.85
C ALA F 82 8.21 22.11 4.21
N ASP F 83 7.54 21.02 3.86
CA ASP F 83 6.14 20.88 4.18
C ASP F 83 6.00 20.30 5.57
N MSE F 84 4.79 20.28 6.07
CA MSE F 84 4.54 19.78 7.41
C MSE F 84 5.10 18.38 7.61
O MSE F 84 5.60 18.05 8.69
CB MSE F 84 3.07 19.78 7.72
CG MSE F 84 2.75 19.26 9.10
SE MSE F 84 3.81 20.13 10.45
CE MSE F 84 2.76 21.75 10.66
N GLN F 85 5.00 17.54 6.59
CA GLN F 85 5.50 16.18 6.70
C GLN F 85 7.02 16.14 6.93
N ALA F 86 7.73 17.00 6.21
CA ALA F 86 9.17 17.07 6.34
C ALA F 86 9.53 17.65 7.70
N LEU F 87 8.90 18.77 8.05
CA LEU F 87 9.17 19.40 9.34
C LEU F 87 9.21 18.32 10.41
N GLN F 88 8.14 17.54 10.49
CA GLN F 88 8.03 16.50 11.47
C GLN F 88 9.17 15.48 11.48
N LYS F 89 9.56 14.95 10.33
CA LYS F 89 10.64 13.98 10.32
C LYS F 89 11.88 14.63 10.94
N LEU F 90 12.05 15.93 10.71
CA LEU F 90 13.18 16.66 11.27
C LEU F 90 12.98 16.77 12.77
N ALA F 91 11.81 17.29 13.16
CA ALA F 91 11.46 17.47 14.55
C ALA F 91 11.89 16.28 15.39
N GLU F 92 11.36 15.12 15.07
CA GLU F 92 11.70 13.94 15.83
C GLU F 92 13.19 13.70 15.83
N ARG F 93 13.78 13.68 14.63
CA ARG F 93 15.23 13.44 14.50
C ARG F 93 16.11 14.34 15.37
N LEU F 94 15.74 15.62 15.46
CA LEU F 94 16.48 16.59 16.27
C LEU F 94 16.26 16.23 17.73
N ALA F 95 15.04 15.77 18.02
CA ALA F 95 14.70 15.37 19.38
C ALA F 95 15.48 14.11 19.74
N GLU F 96 15.56 13.17 18.80
CA GLU F 96 16.30 11.93 19.04
C GLU F 96 17.78 12.23 19.28
N LYS F 97 18.28 13.31 18.69
CA LYS F 97 19.68 13.69 18.90
C LYS F 97 19.74 14.40 20.24
N GLY F 98 18.58 14.54 20.86
CA GLY F 98 18.47 15.15 22.17
C GLY F 98 18.58 16.65 22.29
N ALA F 99 17.74 17.38 21.55
CA ALA F 99 17.80 18.84 21.63
C ALA F 99 16.43 19.49 21.74
N VAL F 100 16.43 20.77 22.07
CA VAL F 100 15.19 21.53 22.18
C VAL F 100 15.18 22.59 21.10
N GLY F 101 13.99 22.97 20.63
CA GLY F 101 13.92 23.99 19.60
C GLY F 101 12.60 24.18 18.87
N CYS F 102 12.68 24.92 17.77
CA CYS F 102 11.53 25.22 16.93
C CYS F 102 11.93 25.14 15.48
N LEU F 103 10.96 25.04 14.59
CA LEU F 103 11.23 24.93 13.17
C LEU F 103 9.98 25.36 12.39
N MSE F 104 10.01 26.59 11.88
CA MSE F 104 8.87 27.11 11.12
C MSE F 104 9.13 27.09 9.62
O MSE F 104 10.26 27.27 9.17
CB MSE F 104 8.57 28.55 11.53
CG MSE F 104 8.15 28.70 12.96
SE MSE F 104 7.80 30.53 13.33
CE MSE F 104 5.87 30.49 13.22
N ALA F 105 8.07 26.87 8.86
CA ALA F 105 8.14 26.82 7.40
C ALA F 105 7.00 27.63 6.83
N LYS F 106 7.14 28.13 5.61
CA LYS F 106 6.07 28.90 5.00
C LYS F 106 5.05 27.99 4.33
N GLY F 107 3.84 27.98 4.88
CA GLY F 107 2.80 27.16 4.30
C GLY F 107 1.96 28.01 3.38
N GLU F 108 0.96 27.39 2.77
CA GLU F 108 0.09 28.11 1.84
C GLU F 108 -1.03 28.81 2.60
N GLY F 109 -0.97 30.14 2.64
CA GLY F 109 -2.01 30.88 3.34
C GLY F 109 -1.73 31.06 4.83
N LYS F 110 -0.86 30.21 5.37
CA LYS F 110 -0.49 30.28 6.78
C LYS F 110 0.90 29.70 6.97
N VAL F 111 1.40 29.72 8.20
CA VAL F 111 2.75 29.21 8.51
C VAL F 111 2.69 27.89 9.26
N PHE F 112 3.50 26.94 8.84
CA PHE F 112 3.54 25.65 9.52
C PHE F 112 4.58 25.82 10.62
N VAL F 113 4.34 25.21 11.79
CA VAL F 113 5.25 25.32 12.90
C VAL F 113 5.53 23.93 13.44
N VAL F 114 6.65 23.77 14.13
CA VAL F 114 7.05 22.50 14.69
C VAL F 114 8.03 22.71 15.84
N THR F 115 7.66 22.21 17.04
CA THR F 115 8.50 22.31 18.23
C THR F 115 9.00 20.91 18.60
N PHE F 116 10.13 20.82 19.27
CA PHE F 116 10.67 19.52 19.61
C PHE F 116 11.57 19.58 20.83
N SER F 117 11.48 18.55 21.66
CA SER F 117 12.26 18.49 22.88
C SER F 117 13.11 17.23 22.95
N GLY F 118 14.20 17.31 23.71
CA GLY F 118 15.11 16.19 23.90
C GLY F 118 15.33 16.10 25.40
N GLN F 119 14.94 17.19 26.09
CA GLN F 119 15.04 17.32 27.53
C GLN F 119 13.66 17.37 28.19
N LYS F 120 13.63 17.52 29.50
CA LYS F 120 12.38 17.55 30.24
C LYS F 120 11.24 18.35 29.63
N TYR F 121 11.51 19.58 29.21
CA TYR F 121 10.48 20.45 28.66
C TYR F 121 9.50 19.77 27.70
N ASP F 122 8.24 20.18 27.82
CA ASP F 122 7.18 19.63 26.98
C ASP F 122 6.94 20.47 25.75
N ALA F 123 7.09 19.82 24.60
CA ALA F 123 6.89 20.45 23.30
C ALA F 123 5.57 21.24 23.19
N ARG F 124 4.45 20.63 23.57
CA ARG F 124 3.15 21.30 23.50
C ARG F 124 3.21 22.67 24.14
N GLU F 125 4.02 22.77 25.19
CA GLU F 125 4.19 24.02 25.93
C GLU F 125 4.94 25.02 25.06
N LEU F 126 6.21 24.71 24.79
CA LEU F 126 7.05 25.57 23.95
C LEU F 126 6.33 25.92 22.66
N LEU F 127 5.33 25.13 22.32
CA LEU F 127 4.54 25.36 21.12
C LEU F 127 3.47 26.43 21.36
N ARG F 128 2.78 26.36 22.49
CA ARG F 128 1.75 27.36 22.80
C ARG F 128 2.39 28.70 23.15
N GLU F 129 3.62 28.63 23.65
CA GLU F 129 4.39 29.82 24.02
C GLU F 129 4.47 30.74 22.81
N ILE F 130 5.08 30.23 21.75
CA ILE F 130 5.23 30.98 20.52
C ILE F 130 3.90 30.96 19.77
N GLY F 131 2.96 30.17 20.28
CA GLY F 131 1.65 30.09 19.66
C GLY F 131 0.89 31.37 19.87
N ARG F 132 1.05 31.96 21.05
CA ARG F 132 0.36 33.21 21.36
C ARG F 132 1.21 34.37 20.83
N VAL F 133 2.44 34.05 20.43
CA VAL F 133 3.37 35.03 19.90
C VAL F 133 3.11 35.32 18.43
N ALA F 134 3.25 34.29 17.60
CA ALA F 134 3.03 34.43 16.18
C ALA F 134 1.56 34.23 15.84
N LYS F 135 0.73 34.10 16.87
CA LYS F 135 -0.70 33.89 16.69
C LYS F 135 -1.04 32.60 15.93
N GLY F 136 -1.27 31.53 16.70
CA GLY F 136 -1.60 30.23 16.13
C GLY F 136 -2.02 29.27 17.23
N SER F 137 -2.31 28.03 16.85
CA SER F 137 -2.73 26.99 17.80
C SER F 137 -1.94 25.71 17.48
N GLY F 138 -1.89 24.75 18.40
CA GLY F 138 -1.14 23.54 18.09
C GLY F 138 -1.47 22.31 18.91
N GLY F 139 -0.82 21.19 18.60
CA GLY F 139 -1.04 19.94 19.31
C GLY F 139 0.12 18.99 19.07
N GLY F 140 0.20 17.89 19.81
CA GLY F 140 1.29 16.94 19.62
C GLY F 140 1.66 16.19 20.88
N ARG F 141 2.93 15.82 21.03
CA ARG F 141 3.39 15.09 22.21
C ARG F 141 4.27 15.90 23.18
N LYS F 142 4.92 15.20 24.11
CA LYS F 142 5.78 15.83 25.11
C LYS F 142 7.15 16.17 24.55
N ASP F 143 7.41 15.74 23.33
CA ASP F 143 8.69 16.00 22.71
C ASP F 143 8.57 16.52 21.28
N VAL F 144 7.37 16.43 20.70
CA VAL F 144 7.15 16.92 19.33
C VAL F 144 5.74 17.46 19.16
N ALA F 145 5.60 18.55 18.41
CA ALA F 145 4.30 19.15 18.21
C ALA F 145 4.21 19.94 16.92
N GLN F 146 3.02 19.94 16.32
CA GLN F 146 2.78 20.66 15.08
C GLN F 146 1.66 21.68 15.29
N GLY F 147 1.46 22.54 14.30
CA GLY F 147 0.42 23.55 14.42
C GLY F 147 0.60 24.69 13.45
N ALA F 148 -0.53 25.26 13.01
CA ALA F 148 -0.50 26.37 12.07
C ALA F 148 -0.32 27.70 12.78
N VAL F 149 0.03 28.72 12.02
CA VAL F 149 0.21 30.07 12.54
C VAL F 149 0.03 31.07 11.40
N GLN F 150 -0.07 32.35 11.75
CA GLN F 150 -0.24 33.36 10.74
C GLN F 150 1.04 34.15 10.53
N GLN F 151 1.71 34.46 11.63
CA GLN F 151 2.95 35.22 11.56
C GLN F 151 4.18 34.31 11.49
N LEU F 152 5.11 34.62 10.58
CA LEU F 152 6.35 33.84 10.43
C LEU F 152 7.42 34.56 11.26
N LEU F 153 8.12 33.81 12.12
CA LEU F 153 9.12 34.43 12.98
C LEU F 153 10.58 34.27 12.56
N ASP F 154 11.32 35.36 12.75
CA ASP F 154 12.74 35.43 12.46
C ASP F 154 13.48 34.46 13.37
N ARG F 155 14.59 33.90 12.92
CA ARG F 155 15.34 32.96 13.76
C ARG F 155 15.60 33.52 15.17
N GLU F 156 15.94 34.81 15.23
CA GLU F 156 16.21 35.46 16.50
C GLU F 156 14.97 35.37 17.36
N GLU F 157 13.89 35.91 16.83
CA GLU F 157 12.60 35.88 17.51
C GLU F 157 12.39 34.52 18.15
N MSE F 158 12.55 33.46 17.36
CA MSE F 158 12.40 32.10 17.86
C MSE F 158 13.43 31.82 18.95
O MSE F 158 13.07 31.35 20.03
CB MSE F 158 12.57 31.08 16.72
CG MSE F 158 11.47 31.08 15.66
SE MSE F 158 11.80 29.73 14.29
CE MSE F 158 12.60 30.84 12.91
N LEU F 159 14.71 32.08 18.67
CA LEU F 159 15.79 31.84 19.64
C LEU F 159 15.46 32.52 20.96
N ASP F 160 14.56 33.50 20.88
CA ASP F 160 14.13 34.27 22.03
C ASP F 160 12.99 33.59 22.80
N VAL F 161 11.83 33.44 22.17
CA VAL F 161 10.68 32.81 22.82
C VAL F 161 11.00 31.46 23.43
N ILE F 162 12.09 30.85 22.97
CA ILE F 162 12.52 29.56 23.48
C ILE F 162 13.37 29.79 24.73
N PHE F 163 14.22 30.82 24.68
CA PHE F 163 15.06 31.15 25.83
C PHE F 163 14.23 31.79 26.91
N ARG F 164 13.00 32.15 26.57
CA ARG F 164 12.08 32.77 27.50
C ARG F 164 11.21 31.66 28.11
N PHE F 165 11.30 30.49 27.50
CA PHE F 165 10.54 29.33 27.96
C PHE F 165 11.48 28.43 28.77
N LEU F 166 12.74 28.38 28.37
CA LEU F 166 13.72 27.55 29.06
C LEU F 166 14.05 27.97 30.49
N SER F 167 14.76 29.08 30.63
CA SER F 167 15.13 29.58 31.95
C SER F 167 13.89 29.60 32.84
N GLU F 168 12.82 30.18 32.31
CA GLU F 168 11.55 30.29 33.01
C GLU F 168 11.06 28.93 33.54
N GLY G 2 1.02 42.53 -31.05
CA GLY G 2 0.38 42.18 -29.74
C GLY G 2 -0.69 41.12 -29.89
N GLU G 3 -0.79 40.54 -31.08
CA GLU G 3 -1.76 39.49 -31.34
C GLU G 3 -1.43 38.21 -30.60
N ALA G 4 -0.15 37.82 -30.65
CA ALA G 4 0.32 36.63 -29.96
C ALA G 4 0.19 36.87 -28.47
N ALA G 5 0.55 38.07 -28.04
CA ALA G 5 0.47 38.44 -26.64
C ALA G 5 -0.91 38.11 -26.10
N ILE G 6 -1.92 38.81 -26.60
CA ILE G 6 -3.29 38.62 -26.16
C ILE G 6 -3.74 37.16 -26.16
N GLU G 7 -3.14 36.33 -27.01
CA GLU G 7 -3.52 34.92 -27.05
C GLU G 7 -2.79 34.04 -26.02
N ALA G 8 -1.52 34.35 -25.73
CA ALA G 8 -0.80 33.57 -24.75
C ALA G 8 -1.52 33.86 -23.46
N VAL G 9 -2.06 35.07 -23.36
CA VAL G 9 -2.77 35.44 -22.16
C VAL G 9 -4.05 34.66 -22.05
N GLU G 10 -4.77 34.56 -23.15
CA GLU G 10 -6.03 33.82 -23.16
C GLU G 10 -5.82 32.36 -22.81
N GLU G 11 -4.67 31.82 -23.20
CA GLU G 11 -4.34 30.44 -22.91
C GLU G 11 -4.18 30.31 -21.41
N MSE G 12 -3.41 31.24 -20.84
CA MSE G 12 -3.17 31.26 -19.41
C MSE G 12 -4.53 31.19 -18.70
O MSE G 12 -4.76 30.30 -17.90
CB MSE G 12 -2.41 32.53 -19.02
CG MSE G 12 -2.10 32.70 -17.55
SE MSE G 12 -3.58 33.39 -16.50
CE MSE G 12 -3.76 35.12 -17.33
N GLU G 13 -5.42 32.11 -19.04
CA GLU G 13 -6.75 32.14 -18.43
C GLU G 13 -7.39 30.76 -18.52
N ARG G 14 -7.37 30.22 -19.73
CA ARG G 14 -7.96 28.91 -20.03
C ARG G 14 -7.45 27.81 -19.10
N LEU G 15 -6.17 27.80 -18.77
CA LEU G 15 -5.67 26.76 -17.87
C LEU G 15 -6.18 26.99 -16.46
N LEU G 16 -5.94 28.17 -15.90
CA LEU G 16 -6.42 28.44 -14.55
C LEU G 16 -7.93 28.29 -14.49
N ARG G 17 -8.60 28.56 -15.61
CA ARG G 17 -10.05 28.44 -15.64
C ARG G 17 -10.48 26.97 -15.68
N GLU G 18 -9.79 26.17 -16.50
CA GLU G 18 -10.08 24.74 -16.65
C GLU G 18 -9.85 23.95 -15.36
N ALA G 19 -8.65 24.04 -14.82
CA ALA G 19 -8.36 23.31 -13.60
C ALA G 19 -9.42 23.66 -12.56
N SER G 20 -9.44 24.91 -12.11
CA SER G 20 -10.41 25.34 -11.10
C SER G 20 -11.82 24.84 -11.40
N SER G 21 -12.12 24.58 -12.67
CA SER G 21 -13.43 24.08 -13.05
C SER G 21 -13.61 22.61 -12.68
N ILE G 22 -12.56 21.81 -12.85
CA ILE G 22 -12.64 20.40 -12.52
C ILE G 22 -12.86 20.27 -11.00
N LEU G 23 -12.14 21.06 -10.22
CA LEU G 23 -12.34 21.01 -8.78
C LEU G 23 -13.69 21.64 -8.47
N ARG G 24 -14.38 22.09 -9.52
CA ARG G 24 -15.72 22.69 -9.39
C ARG G 24 -15.80 23.90 -8.45
N VAL G 25 -14.72 24.66 -8.34
CA VAL G 25 -14.68 25.82 -7.47
C VAL G 25 -14.36 27.15 -8.15
N GLU G 26 -14.23 28.20 -7.33
CA GLU G 26 -13.89 29.53 -7.80
C GLU G 26 -12.38 29.66 -7.85
N PRO G 27 -11.84 30.06 -9.01
CA PRO G 27 -10.38 30.20 -9.14
C PRO G 27 -9.90 31.25 -8.14
N ALA G 28 -10.86 31.86 -7.47
CA ALA G 28 -10.56 32.88 -6.48
C ALA G 28 -9.73 32.27 -5.37
N LYS G 29 -10.04 31.02 -5.03
CA LYS G 29 -9.31 30.33 -3.96
C LYS G 29 -8.83 28.94 -4.39
N LEU G 30 -8.49 28.79 -5.66
CA LEU G 30 -7.99 27.52 -6.15
C LEU G 30 -6.76 27.11 -5.36
N PRO G 31 -5.75 27.99 -5.27
CA PRO G 31 -4.54 27.62 -4.53
C PRO G 31 -4.87 27.06 -3.15
N LYS G 32 -5.98 27.52 -2.59
CA LYS G 32 -6.40 27.07 -1.28
C LYS G 32 -6.96 25.64 -1.35
N THR G 33 -8.02 25.40 -2.14
CA THR G 33 -8.57 24.03 -2.21
C THR G 33 -7.58 22.97 -2.71
N VAL G 34 -6.67 23.32 -3.61
CA VAL G 34 -5.69 22.35 -4.07
C VAL G 34 -4.79 22.10 -2.89
N GLU G 35 -4.45 23.17 -2.20
CA GLU G 35 -3.62 23.09 -1.01
C GLU G 35 -4.21 22.02 -0.09
N ARG G 36 -5.50 22.15 0.18
CA ARG G 36 -6.23 21.23 1.04
C ARG G 36 -6.15 19.81 0.49
N PHE G 37 -6.82 19.57 -0.63
CA PHE G 37 -6.79 18.25 -1.24
C PHE G 37 -5.40 17.65 -1.21
N PHE G 38 -4.39 18.44 -1.51
CA PHE G 38 -3.03 17.91 -1.52
C PHE G 38 -2.58 17.36 -0.17
N GLU G 39 -3.19 17.90 0.89
CA GLU G 39 -2.91 17.50 2.26
C GLU G 39 -3.61 16.18 2.54
N GLU G 40 -4.89 16.13 2.21
CA GLU G 40 -5.67 14.91 2.40
C GLU G 40 -4.99 13.79 1.62
N TRP G 41 -4.70 14.08 0.36
CA TRP G 41 -4.03 13.13 -0.51
C TRP G 41 -2.80 12.57 0.17
N LYS G 42 -2.17 13.38 1.01
CA LYS G 42 -0.98 12.92 1.73
C LYS G 42 -1.41 12.05 2.91
N ASP G 43 -2.34 12.55 3.70
CA ASP G 43 -2.85 11.82 4.86
C ASP G 43 -3.37 10.46 4.43
N GLN G 44 -4.31 10.46 3.49
CA GLN G 44 -4.88 9.22 3.00
C GLN G 44 -3.79 8.19 2.70
N ARG G 45 -2.74 8.64 2.02
CA ARG G 45 -1.64 7.75 1.68
C ARG G 45 -0.99 7.19 2.91
N LYS G 46 -0.92 7.99 3.97
CA LYS G 46 -0.30 7.49 5.20
C LYS G 46 -1.26 6.57 5.93
N GLU G 47 -2.54 6.95 5.91
CA GLU G 47 -3.61 6.19 6.55
C GLU G 47 -3.63 4.78 5.96
N ILE G 48 -3.75 4.73 4.64
CA ILE G 48 -3.77 3.48 3.93
C ILE G 48 -2.63 2.58 4.35
N GLU G 49 -1.55 3.19 4.82
CA GLU G 49 -0.39 2.40 5.25
C GLU G 49 -0.52 2.00 6.72
N ARG G 50 -1.33 2.75 7.46
CA ARG G 50 -1.54 2.49 8.88
C ARG G 50 -2.45 1.28 8.98
N LEU G 51 -3.51 1.29 8.18
CA LEU G 51 -4.46 0.20 8.15
C LEU G 51 -3.82 -1.07 7.60
N LYS G 52 -2.96 -0.91 6.60
CA LYS G 52 -2.29 -2.07 6.05
C LYS G 52 -1.46 -2.70 7.15
N SER G 53 -1.04 -1.90 8.13
CA SER G 53 -0.27 -2.44 9.25
C SER G 53 -1.21 -3.20 10.17
N VAL G 54 -2.33 -2.56 10.48
CA VAL G 54 -3.35 -3.16 11.32
C VAL G 54 -3.78 -4.50 10.75
N ILE G 55 -4.24 -4.47 9.51
CA ILE G 55 -4.70 -5.68 8.90
C ILE G 55 -3.62 -6.73 8.97
N ALA G 56 -2.39 -6.29 8.84
CA ALA G 56 -1.27 -7.21 8.90
C ALA G 56 -1.08 -7.84 10.27
N ASP G 57 -1.40 -7.09 11.33
CA ASP G 57 -1.27 -7.56 12.71
C ASP G 57 -2.35 -8.54 13.08
N LEU G 58 -3.58 -8.24 12.69
CA LEU G 58 -4.67 -9.14 12.97
C LEU G 58 -4.41 -10.48 12.30
N TRP G 59 -4.31 -10.43 10.98
CA TRP G 59 -4.05 -11.61 10.15
C TRP G 59 -3.02 -12.54 10.77
N ALA G 60 -1.92 -11.97 11.23
CA ALA G 60 -0.86 -12.74 11.85
C ALA G 60 -1.37 -13.50 13.06
N ASP G 61 -2.38 -12.96 13.71
CA ASP G 61 -2.95 -13.60 14.88
C ASP G 61 -3.97 -14.65 14.47
N ILE G 62 -4.96 -14.29 13.66
CA ILE G 62 -5.93 -15.29 13.23
C ILE G 62 -5.21 -16.39 12.43
N LEU G 63 -3.90 -16.24 12.22
CA LEU G 63 -3.13 -17.25 11.52
C LEU G 63 -2.47 -18.12 12.59
N MSE G 64 -2.27 -17.54 13.76
CA MSE G 64 -1.67 -18.28 14.86
C MSE G 64 -2.67 -19.29 15.39
O MSE G 64 -2.38 -20.04 16.33
CB MSE G 64 -1.27 -17.32 15.96
CG MSE G 64 -0.02 -16.54 15.64
SE MSE G 64 1.45 -17.74 15.58
CE MSE G 64 2.41 -17.24 17.13
N GLU G 65 -3.85 -19.34 14.77
CA GLU G 65 -4.91 -20.25 15.19
C GLU G 65 -4.78 -21.68 14.68
N ARG G 66 -4.72 -21.85 13.38
CA ARG G 66 -4.57 -23.19 12.84
C ARG G 66 -3.14 -23.61 13.08
N ALA G 67 -2.46 -22.94 14.03
CA ALA G 67 -1.05 -23.24 14.35
C ALA G 67 -0.78 -24.66 14.84
N GLU G 68 0.12 -25.35 14.13
CA GLU G 68 0.50 -26.71 14.51
C GLU G 68 1.71 -26.49 15.38
N GLU G 69 1.88 -27.35 16.36
CA GLU G 69 3.00 -27.20 17.27
C GLU G 69 4.03 -28.29 17.05
N PHE G 70 5.31 -27.92 17.16
CA PHE G 70 6.39 -28.89 17.03
C PHE G 70 7.46 -28.57 18.03
N ASP G 71 7.56 -29.40 19.05
CA ASP G 71 8.54 -29.21 20.11
C ASP G 71 8.24 -27.90 20.85
N SER G 72 6.96 -27.59 21.00
CA SER G 72 6.46 -26.39 21.69
C SER G 72 6.50 -25.11 20.87
N MSE G 73 6.92 -25.20 19.62
CA MSE G 73 6.98 -24.04 18.76
C MSE G 73 5.76 -24.02 17.85
O MSE G 73 5.35 -25.06 17.34
CB MSE G 73 8.22 -24.09 17.87
CG MSE G 73 9.53 -23.98 18.61
SE MSE G 73 10.99 -24.38 17.43
CE MSE G 73 11.85 -25.78 18.49
N LYS G 74 5.18 -22.85 17.66
CA LYS G 74 4.04 -22.76 16.78
C LYS G 74 4.56 -22.79 15.34
N VAL G 75 3.93 -23.60 14.51
CA VAL G 75 4.33 -23.69 13.11
C VAL G 75 3.15 -23.20 12.28
N VAL G 76 3.43 -22.32 11.32
CA VAL G 76 2.39 -21.77 10.47
C VAL G 76 2.72 -22.04 9.03
N ALA G 77 1.82 -22.71 8.33
CA ALA G 77 2.00 -23.02 6.92
C ALA G 77 0.64 -22.78 6.31
N GLU G 78 0.56 -21.85 5.38
CA GLU G 78 -0.74 -21.55 4.79
C GLU G 78 -0.62 -20.86 3.44
N VAL G 79 -1.61 -21.07 2.59
CA VAL G 79 -1.64 -20.40 1.29
C VAL G 79 -2.48 -19.17 1.50
N VAL G 80 -1.98 -18.02 1.07
CA VAL G 80 -2.69 -16.76 1.27
C VAL G 80 -3.04 -15.98 0.01
N ASP G 81 -4.05 -15.13 0.11
CA ASP G 81 -4.43 -14.31 -1.01
C ASP G 81 -3.86 -12.93 -0.72
N ALA G 82 -2.55 -12.81 -0.82
CA ALA G 82 -1.84 -11.56 -0.55
C ALA G 82 -0.70 -11.31 -1.53
N ASP G 83 -0.31 -10.06 -1.68
CA ASP G 83 0.79 -9.68 -2.57
C ASP G 83 2.10 -9.90 -1.82
N MSE G 84 3.22 -9.83 -2.52
CA MSE G 84 4.49 -10.05 -1.85
C MSE G 84 4.74 -9.09 -0.69
O MSE G 84 5.25 -9.50 0.34
CB MSE G 84 5.63 -9.99 -2.85
CG MSE G 84 7.03 -10.13 -2.22
SE MSE G 84 7.42 -11.80 -1.29
CE MSE G 84 7.88 -12.90 -2.79
N GLN G 85 4.37 -7.82 -0.84
CA GLN G 85 4.58 -6.84 0.23
C GLN G 85 3.89 -7.29 1.52
N ALA G 86 2.70 -7.86 1.35
CA ALA G 86 1.90 -8.35 2.47
C ALA G 86 2.59 -9.54 3.14
N LEU G 87 2.88 -10.57 2.35
CA LEU G 87 3.54 -11.78 2.84
C LEU G 87 4.77 -11.49 3.66
N GLN G 88 5.36 -10.33 3.45
CA GLN G 88 6.56 -9.96 4.21
C GLN G 88 6.15 -9.34 5.53
N LYS G 89 5.07 -8.59 5.51
CA LYS G 89 4.62 -7.98 6.74
C LYS G 89 4.24 -9.10 7.69
N LEU G 90 3.41 -10.01 7.20
CA LEU G 90 2.98 -11.17 7.98
C LEU G 90 4.20 -11.93 8.51
N ALA G 91 5.10 -12.28 7.60
CA ALA G 91 6.31 -13.02 7.91
C ALA G 91 7.05 -12.48 9.10
N GLU G 92 7.45 -11.22 9.01
CA GLU G 92 8.15 -10.58 10.10
C GLU G 92 7.29 -10.65 11.35
N ARG G 93 6.01 -10.31 11.22
CA ARG G 93 5.13 -10.36 12.38
C ARG G 93 5.01 -11.76 13.00
N LEU G 94 4.81 -12.76 12.14
CA LEU G 94 4.69 -14.14 12.58
C LEU G 94 5.96 -14.57 13.28
N ALA G 95 7.09 -14.12 12.75
CA ALA G 95 8.37 -14.44 13.34
C ALA G 95 8.47 -13.76 14.70
N GLU G 96 8.03 -12.50 14.77
CA GLU G 96 8.08 -11.73 16.02
C GLU G 96 7.31 -12.42 17.13
N LYS G 97 6.57 -13.46 16.78
CA LYS G 97 5.79 -14.20 17.74
C LYS G 97 6.43 -15.55 18.06
N GLY G 98 7.66 -15.74 17.58
CA GLY G 98 8.37 -16.98 17.82
C GLY G 98 7.92 -18.09 16.88
N ALA G 99 6.99 -17.76 16.00
CA ALA G 99 6.45 -18.71 15.04
C ALA G 99 7.41 -19.09 13.91
N VAL G 100 7.25 -20.30 13.41
CA VAL G 100 8.09 -20.79 12.33
C VAL G 100 7.20 -21.35 11.24
N GLY G 101 7.64 -21.23 9.99
CA GLY G 101 6.84 -21.75 8.89
C GLY G 101 6.95 -21.07 7.54
N CYS G 102 6.08 -21.48 6.62
CA CYS G 102 6.06 -20.93 5.29
C CYS G 102 4.71 -20.27 5.01
N LEU G 103 4.68 -19.45 3.96
CA LEU G 103 3.47 -18.72 3.60
C LEU G 103 3.56 -18.41 2.12
N MSE G 104 2.86 -19.18 1.29
CA MSE G 104 2.90 -18.97 -0.14
C MSE G 104 1.68 -18.24 -0.67
O MSE G 104 0.60 -18.32 -0.09
CB MSE G 104 3.03 -20.30 -0.86
CG MSE G 104 4.35 -21.00 -0.65
SE MSE G 104 4.23 -22.79 -1.23
CE MSE G 104 4.14 -22.48 -3.12
N ALA G 105 1.85 -17.53 -1.78
CA ALA G 105 0.75 -16.80 -2.38
C ALA G 105 0.89 -16.81 -3.88
N LYS G 106 -0.19 -17.11 -4.59
CA LYS G 106 -0.15 -17.12 -6.04
C LYS G 106 0.21 -15.73 -6.51
N GLY G 107 0.94 -15.66 -7.60
CA GLY G 107 1.32 -14.36 -8.13
C GLY G 107 0.99 -14.35 -9.60
N GLU G 108 1.02 -13.18 -10.22
CA GLU G 108 0.73 -13.13 -11.63
C GLU G 108 1.90 -13.85 -12.30
N GLY G 109 1.60 -14.98 -12.96
CA GLY G 109 2.64 -15.74 -13.62
C GLY G 109 3.42 -16.65 -12.70
N LYS G 110 3.96 -16.10 -11.62
CA LYS G 110 4.74 -16.90 -10.66
C LYS G 110 4.05 -17.14 -9.32
N VAL G 111 4.77 -17.77 -8.41
CA VAL G 111 4.25 -18.07 -7.08
C VAL G 111 5.21 -17.59 -6.00
N PHE G 112 4.84 -16.51 -5.32
CA PHE G 112 5.67 -15.95 -4.26
C PHE G 112 5.62 -16.81 -3.00
N VAL G 113 6.69 -16.75 -2.22
CA VAL G 113 6.82 -17.52 -1.01
C VAL G 113 7.61 -16.73 0.02
N VAL G 114 7.30 -16.94 1.30
CA VAL G 114 8.02 -16.28 2.38
C VAL G 114 8.14 -17.28 3.53
N THR G 115 9.30 -17.32 4.16
CA THR G 115 9.51 -18.25 5.27
C THR G 115 9.97 -17.44 6.47
N PHE G 116 9.81 -18.00 7.66
CA PHE G 116 10.16 -17.25 8.84
C PHE G 116 10.39 -18.16 10.05
N SER G 117 11.31 -17.73 10.92
CA SER G 117 11.67 -18.46 12.12
C SER G 117 11.87 -17.54 13.31
N GLY G 118 10.96 -17.62 14.28
CA GLY G 118 11.12 -16.81 15.47
C GLY G 118 11.91 -17.61 16.49
N GLN G 119 12.50 -18.71 16.01
CA GLN G 119 13.28 -19.60 16.86
C GLN G 119 14.71 -19.79 16.38
N LYS G 120 15.39 -20.76 16.97
CA LYS G 120 16.76 -21.00 16.61
C LYS G 120 16.99 -21.51 15.20
N TYR G 121 15.98 -21.48 14.34
CA TYR G 121 16.22 -21.99 13.00
C TYR G 121 16.39 -20.84 12.01
N ASP G 122 16.98 -21.15 10.86
CA ASP G 122 17.21 -20.13 9.83
C ASP G 122 16.16 -20.22 8.74
N ALA G 123 15.51 -19.11 8.46
CA ALA G 123 14.48 -19.10 7.44
C ALA G 123 15.00 -19.29 5.99
N ARG G 124 16.30 -19.10 5.76
CA ARG G 124 16.85 -19.29 4.42
C ARG G 124 17.03 -20.78 4.20
N GLU G 125 17.26 -21.50 5.29
CA GLU G 125 17.42 -22.94 5.26
C GLU G 125 16.09 -23.49 4.81
N LEU G 126 15.06 -23.19 5.60
CA LEU G 126 13.70 -23.64 5.30
C LEU G 126 13.34 -23.23 3.89
N LEU G 127 13.64 -22.00 3.55
CA LEU G 127 13.32 -21.47 2.23
C LEU G 127 13.96 -22.33 1.14
N ARG G 128 15.25 -22.62 1.30
CA ARG G 128 15.96 -23.42 0.30
C ARG G 128 15.32 -24.81 0.21
N GLU G 129 14.81 -25.30 1.33
CA GLU G 129 14.20 -26.60 1.34
C GLU G 129 12.90 -26.58 0.54
N ILE G 130 11.88 -25.88 1.05
CA ILE G 130 10.61 -25.82 0.34
C ILE G 130 10.81 -25.32 -1.09
N GLY G 131 11.90 -24.59 -1.31
CA GLY G 131 12.20 -24.09 -2.64
C GLY G 131 12.69 -25.20 -3.53
N ARG G 132 13.28 -26.24 -2.93
CA ARG G 132 13.81 -27.35 -3.70
C ARG G 132 12.74 -28.42 -3.95
N VAL G 133 11.56 -28.19 -3.39
CA VAL G 133 10.42 -29.10 -3.53
C VAL G 133 9.41 -28.48 -4.49
N ALA G 134 9.30 -27.15 -4.44
CA ALA G 134 8.40 -26.42 -5.31
C ALA G 134 9.21 -25.77 -6.41
N LYS G 135 10.52 -26.01 -6.37
CA LYS G 135 11.44 -25.49 -7.36
C LYS G 135 11.43 -23.98 -7.62
N GLY G 136 12.19 -23.26 -6.81
CA GLY G 136 12.31 -21.82 -6.92
C GLY G 136 13.54 -21.41 -6.12
N SER G 137 13.97 -20.16 -6.23
CA SER G 137 15.12 -19.72 -5.45
C SER G 137 14.74 -18.51 -4.61
N GLY G 138 15.53 -18.21 -3.59
CA GLY G 138 15.20 -17.06 -2.76
C GLY G 138 16.30 -16.60 -1.83
N GLY G 139 15.92 -15.84 -0.81
CA GLY G 139 16.87 -15.32 0.16
C GLY G 139 16.20 -14.37 1.13
N GLY G 140 16.87 -14.07 2.24
CA GLY G 140 16.33 -13.17 3.24
C GLY G 140 17.28 -13.04 4.42
N ARG G 141 16.83 -13.42 5.61
CA ARG G 141 17.66 -13.35 6.82
C ARG G 141 17.40 -14.56 7.71
N LYS G 142 18.08 -14.63 8.86
CA LYS G 142 17.89 -15.76 9.76
C LYS G 142 16.44 -15.90 10.14
N ASP G 143 15.75 -14.77 10.22
CA ASP G 143 14.34 -14.74 10.62
C ASP G 143 13.29 -14.62 9.51
N VAL G 144 13.64 -14.02 8.37
CA VAL G 144 12.67 -13.90 7.28
C VAL G 144 13.34 -13.95 5.92
N ALA G 145 12.86 -14.86 5.07
CA ALA G 145 13.40 -15.06 3.73
C ALA G 145 12.31 -15.00 2.66
N GLN G 146 12.58 -14.30 1.56
CA GLN G 146 11.61 -14.17 0.48
C GLN G 146 12.06 -14.98 -0.72
N GLY G 147 11.15 -15.21 -1.65
CA GLY G 147 11.51 -15.98 -2.84
C GLY G 147 10.33 -16.34 -3.74
N ALA G 148 10.65 -16.70 -4.98
CA ALA G 148 9.62 -17.08 -5.94
C ALA G 148 9.73 -18.59 -6.22
N VAL G 149 8.64 -19.18 -6.68
CA VAL G 149 8.60 -20.60 -6.97
C VAL G 149 7.62 -20.86 -8.10
N GLN G 150 7.70 -22.04 -8.71
CA GLN G 150 6.82 -22.38 -9.80
C GLN G 150 5.62 -23.23 -9.36
N GLN G 151 5.80 -24.00 -8.29
CA GLN G 151 4.76 -24.88 -7.79
C GLN G 151 4.09 -24.35 -6.50
N LEU G 152 2.76 -24.47 -6.43
CA LEU G 152 1.99 -24.03 -5.27
C LEU G 152 1.65 -25.25 -4.42
N LEU G 153 2.10 -25.25 -3.17
CA LEU G 153 1.87 -26.39 -2.28
C LEU G 153 0.69 -26.25 -1.30
N ASP G 154 0.18 -27.37 -0.81
CA ASP G 154 -0.91 -27.37 0.16
C ASP G 154 -0.30 -26.99 1.49
N ARG G 155 -1.16 -26.80 2.49
CA ARG G 155 -0.68 -26.53 3.81
C ARG G 155 -0.14 -27.86 4.27
N GLU G 156 -0.60 -28.90 3.59
CA GLU G 156 -0.21 -30.27 3.89
C GLU G 156 1.20 -30.48 3.35
N GLU G 157 1.35 -30.26 2.05
CA GLU G 157 2.66 -30.41 1.42
C GLU G 157 3.69 -29.53 2.12
N MSE G 158 3.28 -28.33 2.54
CA MSE G 158 4.19 -27.44 3.24
C MSE G 158 4.55 -27.97 4.61
O MSE G 158 5.73 -28.09 4.94
CB MSE G 158 3.58 -26.06 3.39
CG MSE G 158 3.52 -25.26 2.11
SE MSE G 158 2.97 -23.44 2.47
CE MSE G 158 1.20 -23.51 1.71
N LEU G 159 3.55 -28.26 5.42
CA LEU G 159 3.80 -28.78 6.76
C LEU G 159 4.71 -29.99 6.69
N ASP G 160 4.46 -30.84 5.71
CA ASP G 160 5.25 -32.05 5.53
C ASP G 160 6.72 -31.66 5.40
N VAL G 161 6.99 -30.63 4.62
CA VAL G 161 8.35 -30.16 4.41
C VAL G 161 8.94 -29.49 5.64
N ILE G 162 8.13 -28.66 6.29
CA ILE G 162 8.56 -27.94 7.48
C ILE G 162 8.86 -28.87 8.65
N PHE G 163 8.01 -29.87 8.86
CA PHE G 163 8.24 -30.79 9.97
C PHE G 163 9.45 -31.68 9.80
N ARG G 164 9.69 -32.15 8.58
CA ARG G 164 10.83 -33.02 8.40
C ARG G 164 12.08 -32.16 8.48
N PHE G 165 11.92 -30.87 8.21
CA PHE G 165 13.01 -29.91 8.28
C PHE G 165 13.32 -29.63 9.75
N LEU G 166 12.31 -29.22 10.51
CA LEU G 166 12.49 -28.93 11.91
C LEU G 166 13.12 -30.09 12.63
N SER G 167 12.51 -31.26 12.48
CA SER G 167 13.01 -32.46 13.11
C SER G 167 14.39 -32.85 12.57
N GLU G 168 14.68 -32.44 11.33
CA GLU G 168 15.94 -32.75 10.69
C GLU G 168 17.10 -32.12 11.43
N HIS G 169 17.03 -30.80 11.61
CA HIS G 169 18.08 -30.07 12.31
C HIS G 169 18.08 -30.36 13.79
N GLU G 170 17.04 -29.96 14.47
CA GLU G 170 17.04 -30.25 15.88
C GLU G 170 15.89 -31.13 16.33
N GLY G 171 14.66 -30.63 16.22
CA GLY G 171 13.51 -31.42 16.63
C GLY G 171 13.36 -31.50 18.14
N MSE H 1 -9.31 53.00 -10.30
CA MSE H 1 -9.59 52.50 -11.68
C MSE H 1 -8.30 52.58 -12.52
O MSE H 1 -7.23 52.93 -12.01
CB MSE H 1 -10.70 53.33 -12.33
CG MSE H 1 -11.19 52.86 -13.71
SE MSE H 1 -12.13 51.14 -13.76
CE MSE H 1 -13.97 51.77 -13.78
N GLY H 2 -8.40 52.24 -13.80
CA GLY H 2 -7.26 52.32 -14.69
C GLY H 2 -6.69 51.01 -15.19
N GLU H 3 -6.10 50.25 -14.28
CA GLU H 3 -5.49 48.99 -14.63
C GLU H 3 -6.45 47.82 -14.41
N ALA H 4 -7.73 48.13 -14.44
CA ALA H 4 -8.79 47.14 -14.24
C ALA H 4 -8.47 45.74 -14.76
N ALA H 5 -8.18 45.64 -16.06
CA ALA H 5 -7.87 44.36 -16.68
C ALA H 5 -6.50 43.84 -16.27
N ILE H 6 -5.48 44.70 -16.31
CA ILE H 6 -4.15 44.26 -15.91
C ILE H 6 -4.18 43.62 -14.53
N GLU H 7 -4.70 44.33 -13.54
CA GLU H 7 -4.78 43.80 -12.19
C GLU H 7 -5.47 42.44 -12.24
N ALA H 8 -6.60 42.38 -12.94
CA ALA H 8 -7.35 41.13 -13.08
C ALA H 8 -6.43 40.03 -13.57
N VAL H 9 -5.99 40.19 -14.81
CA VAL H 9 -5.10 39.23 -15.44
C VAL H 9 -3.92 38.88 -14.54
N GLU H 10 -3.30 39.89 -13.94
CA GLU H 10 -2.15 39.63 -13.09
C GLU H 10 -2.48 38.73 -11.91
N GLU H 11 -3.74 38.77 -11.46
CA GLU H 11 -4.17 37.94 -10.33
C GLU H 11 -4.21 36.47 -10.71
N MSE H 12 -4.87 36.19 -11.84
CA MSE H 12 -4.97 34.84 -12.35
C MSE H 12 -3.55 34.31 -12.47
O MSE H 12 -3.19 33.35 -11.80
CB MSE H 12 -5.65 34.86 -13.72
CG MSE H 12 -7.02 35.54 -13.70
SE MSE H 12 -8.09 35.31 -15.30
CE MSE H 12 -7.62 36.90 -16.26
N GLU H 13 -2.73 34.96 -13.28
CA GLU H 13 -1.35 34.54 -13.48
C GLU H 13 -0.68 34.13 -12.18
N ARG H 14 -0.93 34.88 -11.11
CA ARG H 14 -0.33 34.58 -9.83
C ARG H 14 -1.09 33.41 -9.19
N LEU H 15 -2.43 33.43 -9.32
CA LEU H 15 -3.22 32.34 -8.78
C LEU H 15 -2.76 31.03 -9.40
N LEU H 16 -2.80 30.99 -10.73
CA LEU H 16 -2.39 29.82 -11.48
C LEU H 16 -0.96 29.41 -11.16
N ARG H 17 -0.11 30.37 -10.83
CA ARG H 17 1.29 30.07 -10.52
C ARG H 17 1.33 29.42 -9.14
N GLU H 18 0.45 29.89 -8.27
CA GLU H 18 0.31 29.39 -6.89
C GLU H 18 -0.17 27.96 -6.85
N ALA H 19 -1.35 27.71 -7.41
CA ALA H 19 -1.91 26.36 -7.46
C ALA H 19 -0.83 25.46 -8.06
N SER H 20 -0.44 25.80 -9.28
CA SER H 20 0.57 25.06 -10.00
C SER H 20 1.86 24.90 -9.20
N SER H 21 2.06 25.69 -8.16
CA SER H 21 3.27 25.57 -7.38
C SER H 21 3.18 24.54 -6.26
N ILE H 22 2.07 24.54 -5.54
CA ILE H 22 1.89 23.59 -4.44
C ILE H 22 1.91 22.19 -5.00
N LEU H 23 1.28 22.01 -6.14
CA LEU H 23 1.23 20.72 -6.80
C LEU H 23 2.62 20.43 -7.38
N ARG H 24 3.48 21.44 -7.36
CA ARG H 24 4.84 21.34 -7.88
C ARG H 24 4.88 20.75 -9.29
N VAL H 25 4.36 21.50 -10.24
CA VAL H 25 4.35 21.05 -11.62
C VAL H 25 4.45 22.22 -12.60
N GLU H 26 4.13 21.94 -13.85
CA GLU H 26 4.16 22.94 -14.89
C GLU H 26 2.81 23.62 -14.96
N PRO H 27 2.76 24.95 -14.78
CA PRO H 27 1.51 25.72 -14.83
C PRO H 27 0.77 25.40 -16.10
N ALA H 28 1.49 24.88 -17.07
CA ALA H 28 0.90 24.52 -18.35
C ALA H 28 0.21 23.19 -18.15
N LYS H 29 0.91 22.26 -17.50
CA LYS H 29 0.41 20.91 -17.23
C LYS H 29 -0.46 20.80 -15.97
N LEU H 30 -0.70 21.91 -15.30
CA LEU H 30 -1.50 21.92 -14.08
C LEU H 30 -2.81 21.15 -14.22
N PRO H 31 -3.64 21.52 -15.20
CA PRO H 31 -4.90 20.82 -15.38
C PRO H 31 -4.77 19.29 -15.25
N LYS H 32 -4.02 18.68 -16.15
CA LYS H 32 -3.83 17.24 -16.12
C LYS H 32 -3.36 16.82 -14.73
N THR H 33 -2.24 17.35 -14.29
CA THR H 33 -1.70 17.00 -12.99
C THR H 33 -2.69 17.14 -11.83
N VAL H 34 -3.66 18.05 -11.94
CA VAL H 34 -4.65 18.22 -10.88
C VAL H 34 -5.80 17.29 -11.17
N GLU H 35 -6.11 17.13 -12.44
CA GLU H 35 -7.16 16.22 -12.85
C GLU H 35 -6.77 14.83 -12.33
N ARG H 36 -5.54 14.43 -12.64
CA ARG H 36 -4.98 13.14 -12.23
C ARG H 36 -5.01 13.01 -10.71
N PHE H 37 -4.69 14.07 -9.99
CA PHE H 37 -4.71 14.01 -8.54
C PHE H 37 -6.08 13.81 -7.97
N PHE H 38 -7.07 14.49 -8.50
CA PHE H 38 -8.40 14.31 -7.96
C PHE H 38 -8.82 12.86 -8.03
N GLU H 39 -8.31 12.13 -9.01
CA GLU H 39 -8.66 10.72 -9.14
C GLU H 39 -7.99 9.95 -8.02
N GLU H 40 -6.65 10.02 -7.95
CA GLU H 40 -5.89 9.33 -6.91
C GLU H 40 -6.47 9.61 -5.54
N TRP H 41 -7.32 10.63 -5.46
CA TRP H 41 -7.94 10.98 -4.21
C TRP H 41 -9.10 10.04 -3.95
N LYS H 42 -10.04 10.02 -4.89
CA LYS H 42 -11.22 9.16 -4.78
C LYS H 42 -10.80 7.73 -4.50
N ASP H 43 -9.82 7.24 -5.27
CA ASP H 43 -9.34 5.87 -5.08
C ASP H 43 -8.90 5.62 -3.66
N GLN H 44 -8.19 6.58 -3.09
CA GLN H 44 -7.71 6.45 -1.73
C GLN H 44 -8.87 6.59 -0.77
N ARG H 45 -9.94 7.22 -1.22
CA ARG H 45 -11.12 7.38 -0.38
C ARG H 45 -11.71 5.97 -0.33
N LYS H 46 -11.80 5.35 -1.51
CA LYS H 46 -12.32 3.98 -1.63
C LYS H 46 -11.41 3.05 -0.83
N GLU H 47 -10.17 2.90 -1.29
CA GLU H 47 -9.17 2.06 -0.65
C GLU H 47 -9.25 2.01 0.87
N ILE H 48 -9.30 3.17 1.52
CA ILE H 48 -9.36 3.11 2.99
C ILE H 48 -10.68 2.51 3.41
N GLU H 49 -11.74 2.81 2.67
CA GLU H 49 -13.03 2.25 3.03
C GLU H 49 -12.97 0.73 2.94
N ARG H 50 -12.33 0.21 1.90
CA ARG H 50 -12.18 -1.24 1.74
C ARG H 50 -11.37 -1.76 2.92
N LEU H 51 -10.21 -1.16 3.13
CA LEU H 51 -9.32 -1.53 4.22
C LEU H 51 -10.00 -1.52 5.58
N LYS H 52 -11.09 -0.78 5.68
CA LYS H 52 -11.81 -0.73 6.93
C LYS H 52 -12.58 -2.03 7.07
N SER H 53 -13.30 -2.43 6.01
CA SER H 53 -14.07 -3.67 6.04
C SER H 53 -13.17 -4.85 6.35
N VAL H 54 -12.00 -4.89 5.73
CA VAL H 54 -11.09 -5.99 5.98
C VAL H 54 -10.85 -6.05 7.46
N ILE H 55 -10.63 -4.90 8.06
CA ILE H 55 -10.38 -4.86 9.49
C ILE H 55 -11.62 -5.21 10.28
N ALA H 56 -12.77 -4.81 9.77
CA ALA H 56 -14.01 -5.11 10.48
C ALA H 56 -14.19 -6.61 10.47
N ASP H 57 -13.86 -7.21 9.33
CA ASP H 57 -14.01 -8.63 9.19
C ASP H 57 -12.97 -9.35 10.01
N LEU H 58 -11.72 -8.95 9.89
CA LEU H 58 -10.69 -9.60 10.69
C LEU H 58 -10.99 -9.55 12.18
N TRP H 59 -11.46 -8.39 12.63
CA TRP H 59 -11.77 -8.22 14.04
C TRP H 59 -12.93 -9.10 14.43
N ALA H 60 -13.92 -9.17 13.54
CA ALA H 60 -15.10 -10.01 13.76
C ALA H 60 -14.59 -11.42 13.97
N ASP H 61 -13.85 -11.92 12.99
CA ASP H 61 -13.27 -13.25 13.05
C ASP H 61 -12.70 -13.55 14.42
N ILE H 62 -11.83 -12.69 14.91
CA ILE H 62 -11.22 -12.92 16.21
C ILE H 62 -12.26 -13.16 17.29
N LEU H 63 -13.41 -12.50 17.16
CA LEU H 63 -14.50 -12.64 18.14
C LEU H 63 -15.19 -14.00 18.15
N MSE H 64 -15.17 -14.69 17.02
CA MSE H 64 -15.80 -16.00 16.88
C MSE H 64 -15.25 -17.14 17.74
O MSE H 64 -16.03 -17.91 18.28
CB MSE H 64 -15.74 -16.46 15.42
CG MSE H 64 -16.35 -15.51 14.41
SE MSE H 64 -18.11 -15.05 14.88
CE MSE H 64 -19.21 -16.25 13.87
N GLU H 65 -13.93 -17.27 17.85
CA GLU H 65 -13.37 -18.36 18.65
C GLU H 65 -13.52 -18.06 20.13
N ARG H 66 -13.57 -16.77 20.45
CA ARG H 66 -13.70 -16.31 21.82
C ARG H 66 -15.17 -16.23 22.24
N ALA H 67 -16.03 -16.68 21.34
CA ALA H 67 -17.48 -16.64 21.54
C ALA H 67 -18.08 -17.85 22.20
N GLU H 68 -19.14 -17.59 22.94
CA GLU H 68 -19.90 -18.62 23.61
C GLU H 68 -20.83 -19.09 22.51
N GLU H 69 -21.55 -20.19 22.74
CA GLU H 69 -22.47 -20.66 21.74
C GLU H 69 -23.73 -21.13 22.44
N PHE H 70 -24.85 -20.99 21.75
CA PHE H 70 -26.13 -21.39 22.29
C PHE H 70 -26.81 -22.29 21.28
N ASP H 71 -26.98 -23.57 21.62
CA ASP H 71 -27.62 -24.52 20.73
C ASP H 71 -26.92 -24.59 19.38
N SER H 72 -25.59 -24.78 19.40
CA SER H 72 -24.76 -24.88 18.19
C SER H 72 -24.60 -23.57 17.41
N MSE H 73 -25.07 -22.47 17.99
CA MSE H 73 -24.98 -21.13 17.38
C MSE H 73 -24.00 -20.29 18.16
O MSE H 73 -23.91 -20.45 19.37
CB MSE H 73 -26.31 -20.42 17.43
CG MSE H 73 -27.35 -21.04 16.57
SE MSE H 73 -29.04 -20.22 16.84
CE MSE H 73 -29.55 -21.19 18.43
N LYS H 74 -23.30 -19.38 17.50
CA LYS H 74 -22.34 -18.60 18.26
C LYS H 74 -22.92 -17.25 18.73
N VAL H 75 -22.61 -16.88 19.96
CA VAL H 75 -23.11 -15.62 20.53
C VAL H 75 -21.99 -14.73 21.01
N VAL H 76 -21.84 -13.60 20.32
CA VAL H 76 -20.81 -12.65 20.66
C VAL H 76 -21.49 -11.49 21.34
N ALA H 77 -20.87 -10.97 22.39
CA ALA H 77 -21.43 -9.87 23.13
C ALA H 77 -20.27 -9.25 23.84
N GLU H 78 -19.87 -8.06 23.41
CA GLU H 78 -18.72 -7.39 24.01
C GLU H 78 -18.94 -5.88 24.00
N VAL H 79 -18.10 -5.17 24.76
CA VAL H 79 -18.15 -3.70 24.81
C VAL H 79 -16.98 -3.23 23.99
N VAL H 80 -17.25 -2.46 22.94
CA VAL H 80 -16.19 -1.97 22.06
C VAL H 80 -15.85 -0.50 22.12
N ASP H 81 -14.60 -0.20 21.74
CA ASP H 81 -14.08 1.16 21.71
C ASP H 81 -14.21 1.60 20.26
N ALA H 82 -15.43 1.80 19.80
CA ALA H 82 -15.65 2.21 18.43
C ALA H 82 -16.82 3.17 18.27
N ASP H 83 -16.87 3.84 17.14
CA ASP H 83 -17.95 4.78 16.86
C ASP H 83 -19.11 4.00 16.31
N MSE H 84 -20.29 4.57 16.37
CA MSE H 84 -21.46 3.89 15.85
C MSE H 84 -21.24 3.37 14.43
O MSE H 84 -21.82 2.35 14.06
CB MSE H 84 -22.67 4.82 15.88
CG MSE H 84 -23.90 4.24 15.23
SE MSE H 84 -24.54 2.64 16.07
CE MSE H 84 -25.94 3.38 17.17
N GLN H 85 -20.40 4.04 13.64
CA GLN H 85 -20.15 3.58 12.27
C GLN H 85 -19.33 2.31 12.29
N ALA H 86 -18.39 2.26 13.23
CA ALA H 86 -17.54 1.08 13.39
C ALA H 86 -18.40 -0.09 13.86
N LEU H 87 -19.22 0.15 14.88
CA LEU H 87 -20.07 -0.88 15.40
C LEU H 87 -20.94 -1.52 14.34
N GLN H 88 -21.67 -0.72 13.59
CA GLN H 88 -22.55 -1.29 12.59
C GLN H 88 -21.86 -2.21 11.62
N LYS H 89 -20.58 -1.96 11.34
CA LYS H 89 -19.85 -2.83 10.40
C LYS H 89 -19.61 -4.19 11.05
N LEU H 90 -19.02 -4.21 12.24
CA LEU H 90 -18.81 -5.49 12.93
C LEU H 90 -20.11 -6.27 12.95
N ALA H 91 -21.23 -5.58 13.12
CA ALA H 91 -22.52 -6.23 13.17
C ALA H 91 -22.86 -6.82 11.82
N GLU H 92 -22.64 -6.07 10.75
CA GLU H 92 -22.91 -6.56 9.40
C GLU H 92 -22.13 -7.87 9.25
N ARG H 93 -20.81 -7.77 9.41
CA ARG H 93 -20.01 -8.96 9.29
C ARG H 93 -20.48 -10.06 10.21
N LEU H 94 -20.35 -9.89 11.53
CA LEU H 94 -20.81 -10.92 12.48
C LEU H 94 -22.07 -11.63 12.06
N ALA H 95 -23.04 -10.88 11.56
CA ALA H 95 -24.29 -11.49 11.14
C ALA H 95 -24.08 -12.39 9.94
N GLU H 96 -23.30 -11.92 8.97
CA GLU H 96 -23.05 -12.69 7.76
C GLU H 96 -22.33 -13.99 8.08
N LYS H 97 -21.67 -14.03 9.22
CA LYS H 97 -20.95 -15.22 9.64
C LYS H 97 -21.82 -16.12 10.52
N GLY H 98 -23.14 -15.89 10.49
CA GLY H 98 -24.09 -16.70 11.26
C GLY H 98 -24.07 -16.58 12.78
N ALA H 99 -23.78 -15.38 13.29
CA ALA H 99 -23.73 -15.16 14.73
C ALA H 99 -24.83 -14.22 15.30
N VAL H 100 -25.07 -14.34 16.60
CA VAL H 100 -26.08 -13.56 17.25
C VAL H 100 -25.51 -12.93 18.50
N GLY H 101 -25.85 -11.67 18.73
CA GLY H 101 -25.35 -11.00 19.91
C GLY H 101 -25.56 -9.52 19.79
N CYS H 102 -24.65 -8.74 20.35
CA CYS H 102 -24.74 -7.30 20.29
C CYS H 102 -23.48 -6.65 20.87
N LEU H 103 -23.14 -5.49 20.31
CA LEU H 103 -22.00 -4.73 20.77
C LEU H 103 -22.52 -3.41 21.32
N MSE H 104 -21.77 -2.82 22.24
CA MSE H 104 -22.12 -1.56 22.87
C MSE H 104 -20.85 -0.80 23.12
O MSE H 104 -19.91 -1.34 23.73
CB MSE H 104 -22.81 -1.75 24.22
CG MSE H 104 -24.31 -1.97 24.14
SE MSE H 104 -25.07 -2.20 25.90
CE MSE H 104 -25.24 -0.34 26.38
N ALA H 105 -20.83 0.45 22.67
CA ALA H 105 -19.68 1.31 22.83
C ALA H 105 -20.14 2.59 23.53
N LYS H 106 -19.26 3.21 24.30
CA LYS H 106 -19.64 4.46 24.97
C LYS H 106 -19.37 5.57 23.98
N GLY H 107 -20.34 6.44 23.81
CA GLY H 107 -20.20 7.55 22.90
C GLY H 107 -20.25 8.82 23.70
N GLU H 108 -19.84 9.92 23.07
CA GLU H 108 -19.86 11.18 23.78
C GLU H 108 -21.29 11.59 24.08
N GLY H 109 -21.73 11.36 25.32
CA GLY H 109 -23.08 11.73 25.70
C GLY H 109 -24.04 10.59 25.96
N LYS H 110 -24.04 9.58 25.08
CA LYS H 110 -24.92 8.41 25.25
C LYS H 110 -24.21 7.12 24.93
N VAL H 111 -24.96 6.03 24.87
CA VAL H 111 -24.38 4.73 24.56
C VAL H 111 -24.98 4.11 23.31
N PHE H 112 -24.10 3.54 22.51
CA PHE H 112 -24.46 2.91 21.25
C PHE H 112 -24.60 1.39 21.37
N VAL H 113 -25.62 0.86 20.70
CA VAL H 113 -25.93 -0.55 20.74
C VAL H 113 -26.20 -1.05 19.35
N VAL H 114 -25.69 -2.24 19.05
CA VAL H 114 -25.93 -2.82 17.75
C VAL H 114 -26.21 -4.28 17.97
N THR H 115 -27.37 -4.75 17.55
CA THR H 115 -27.66 -6.17 17.68
C THR H 115 -27.65 -6.79 16.29
N PHE H 116 -27.09 -7.98 16.20
CA PHE H 116 -26.97 -8.71 14.94
C PHE H 116 -27.42 -10.14 15.10
N SER H 117 -27.88 -10.70 14.00
CA SER H 117 -28.36 -12.07 13.99
C SER H 117 -28.14 -12.76 12.67
N GLY H 118 -27.29 -13.77 12.66
CA GLY H 118 -27.03 -14.54 11.46
C GLY H 118 -27.92 -15.77 11.42
N GLN H 119 -28.69 -15.97 12.49
CA GLN H 119 -29.57 -17.11 12.58
C GLN H 119 -30.99 -16.66 12.35
N LYS H 120 -31.95 -17.52 12.64
CA LYS H 120 -33.35 -17.16 12.40
C LYS H 120 -33.95 -16.14 13.35
N TYR H 121 -33.19 -15.67 14.32
CA TYR H 121 -33.71 -14.70 15.26
C TYR H 121 -33.67 -13.25 14.74
N ASP H 122 -34.53 -12.38 15.28
CA ASP H 122 -34.60 -10.98 14.84
C ASP H 122 -33.77 -9.98 15.64
N ALA H 123 -32.80 -9.34 14.99
CA ALA H 123 -31.95 -8.37 15.68
C ALA H 123 -32.77 -7.23 16.31
N ARG H 124 -33.85 -6.87 15.65
CA ARG H 124 -34.69 -5.80 16.16
C ARG H 124 -35.31 -6.19 17.48
N GLU H 125 -35.77 -7.43 17.58
CA GLU H 125 -36.39 -7.87 18.81
C GLU H 125 -35.34 -7.91 19.92
N LEU H 126 -34.15 -8.42 19.61
CA LEU H 126 -33.09 -8.46 20.60
C LEU H 126 -32.87 -7.03 21.13
N LEU H 127 -32.70 -6.08 20.21
CA LEU H 127 -32.48 -4.68 20.61
C LEU H 127 -33.53 -4.25 21.61
N ARG H 128 -34.81 -4.37 21.20
CA ARG H 128 -35.94 -4.00 22.04
C ARG H 128 -35.77 -4.61 23.42
N GLU H 129 -35.40 -5.89 23.41
CA GLU H 129 -35.20 -6.62 24.63
C GLU H 129 -34.15 -5.97 25.51
N ILE H 130 -32.97 -5.68 24.97
CA ILE H 130 -31.96 -5.07 25.81
C ILE H 130 -32.26 -3.59 26.05
N GLY H 131 -33.01 -2.98 25.14
CA GLY H 131 -33.35 -1.56 25.28
C GLY H 131 -34.23 -1.41 26.50
N ARG H 132 -35.13 -2.36 26.66
CA ARG H 132 -36.02 -2.37 27.79
C ARG H 132 -35.20 -2.53 29.09
N VAL H 133 -33.88 -2.54 28.98
CA VAL H 133 -33.07 -2.75 30.18
C VAL H 133 -32.07 -1.61 30.40
N ALA H 134 -31.39 -1.23 29.34
CA ALA H 134 -30.42 -0.16 29.41
C ALA H 134 -31.12 1.14 29.05
N LYS H 135 -32.45 1.07 28.96
CA LYS H 135 -33.25 2.23 28.65
C LYS H 135 -32.82 2.82 27.32
N GLY H 136 -33.37 2.27 26.25
CA GLY H 136 -33.08 2.74 24.92
C GLY H 136 -34.21 2.36 23.98
N SER H 137 -34.00 2.64 22.71
CA SER H 137 -34.96 2.34 21.64
C SER H 137 -34.14 2.41 20.37
N GLY H 138 -34.56 1.71 19.33
CA GLY H 138 -33.81 1.75 18.09
C GLY H 138 -34.54 1.11 16.94
N GLY H 139 -33.80 0.52 16.01
CA GLY H 139 -34.43 -0.12 14.87
C GLY H 139 -33.42 -0.65 13.89
N GLY H 140 -33.90 -1.06 12.71
CA GLY H 140 -33.00 -1.58 11.70
C GLY H 140 -33.65 -2.72 10.93
N ARG H 141 -32.83 -3.59 10.37
CA ARG H 141 -33.34 -4.73 9.62
C ARG H 141 -33.42 -5.89 10.60
N LYS H 142 -33.72 -7.08 10.08
CA LYS H 142 -33.83 -8.28 10.91
C LYS H 142 -32.45 -8.85 11.19
N ASP H 143 -31.47 -8.54 10.37
CA ASP H 143 -30.12 -9.04 10.54
C ASP H 143 -29.24 -8.12 11.35
N VAL H 144 -29.50 -6.82 11.28
CA VAL H 144 -28.72 -5.83 12.07
C VAL H 144 -29.58 -4.68 12.59
N ALA H 145 -29.38 -4.34 13.86
CA ALA H 145 -30.14 -3.27 14.47
C ALA H 145 -29.31 -2.27 15.30
N GLN H 146 -29.64 -0.98 15.16
CA GLN H 146 -28.95 0.09 15.90
C GLN H 146 -29.94 0.75 16.85
N GLY H 147 -29.39 1.47 17.83
CA GLY H 147 -30.22 2.14 18.80
C GLY H 147 -29.37 2.86 19.83
N ALA H 148 -30.00 3.74 20.61
CA ALA H 148 -29.28 4.49 21.64
C ALA H 148 -29.71 3.98 22.98
N VAL H 149 -28.80 4.06 23.93
CA VAL H 149 -29.16 3.57 25.21
C VAL H 149 -28.55 4.37 26.34
N GLN H 150 -29.28 4.46 27.45
CA GLN H 150 -28.83 5.18 28.62
C GLN H 150 -27.74 4.42 29.36
N GLN H 151 -28.08 3.24 29.88
CA GLN H 151 -27.13 2.43 30.65
C GLN H 151 -26.23 1.53 29.80
N LEU H 152 -24.95 1.46 30.17
CA LEU H 152 -23.98 0.63 29.47
C LEU H 152 -23.95 -0.73 30.16
N LEU H 153 -23.84 -1.82 29.40
CA LEU H 153 -23.88 -3.13 30.02
C LEU H 153 -22.65 -4.03 29.97
N ASP H 154 -22.61 -4.97 30.92
CA ASP H 154 -21.56 -5.97 31.03
C ASP H 154 -21.71 -7.02 29.96
N ARG H 155 -20.65 -7.80 29.75
CA ARG H 155 -20.77 -8.89 28.80
C ARG H 155 -21.68 -9.89 29.51
N GLU H 156 -21.40 -10.12 30.79
CA GLU H 156 -22.19 -11.06 31.56
C GLU H 156 -23.65 -10.63 31.52
N GLU H 157 -23.86 -9.31 31.57
CA GLU H 157 -25.20 -8.75 31.55
C GLU H 157 -25.86 -8.89 30.17
N MSE H 158 -25.08 -8.72 29.11
CA MSE H 158 -25.61 -8.84 27.76
C MSE H 158 -25.89 -10.29 27.44
O MSE H 158 -26.92 -10.63 26.85
CB MSE H 158 -24.62 -8.32 26.74
CG MSE H 158 -24.59 -6.81 26.66
SE MSE H 158 -23.36 -6.15 25.34
CE MSE H 158 -21.88 -5.81 26.54
N LEU H 159 -24.96 -11.14 27.82
CA LEU H 159 -25.13 -12.55 27.56
C LEU H 159 -26.34 -13.06 28.28
N ASP H 160 -26.53 -12.56 29.49
CA ASP H 160 -27.64 -12.95 30.34
C ASP H 160 -28.97 -12.62 29.59
N VAL H 161 -28.96 -11.53 28.83
CA VAL H 161 -30.12 -11.08 28.11
C VAL H 161 -30.34 -11.81 26.81
N ILE H 162 -29.25 -12.05 26.09
CA ILE H 162 -29.32 -12.74 24.84
C ILE H 162 -29.77 -14.18 25.00
N PHE H 163 -29.27 -14.87 26.01
CA PHE H 163 -29.66 -16.24 26.23
C PHE H 163 -31.13 -16.41 26.58
N ARG H 164 -31.62 -15.58 27.51
CA ARG H 164 -33.04 -15.66 27.88
C ARG H 164 -33.83 -15.45 26.59
N PHE H 165 -33.33 -14.57 25.73
CA PHE H 165 -33.96 -14.27 24.45
C PHE H 165 -34.02 -15.45 23.48
N LEU H 166 -32.89 -16.13 23.33
CA LEU H 166 -32.78 -17.25 22.43
C LEU H 166 -33.57 -18.44 22.96
N SER H 167 -33.63 -18.59 24.27
CA SER H 167 -34.42 -19.71 24.77
C SER H 167 -35.88 -19.36 24.56
N GLU H 168 -36.29 -18.18 25.03
CA GLU H 168 -37.69 -17.75 24.93
C GLU H 168 -38.23 -17.73 23.52
N HIS H 169 -37.42 -18.13 22.56
CA HIS H 169 -37.89 -18.16 21.18
C HIS H 169 -37.87 -19.56 20.63
N GLU H 170 -36.69 -20.18 20.55
CA GLU H 170 -36.72 -21.54 20.06
C GLU H 170 -35.79 -22.43 20.84
N GLY H 171 -34.51 -22.09 20.75
CA GLY H 171 -33.45 -22.84 21.43
C GLY H 171 -33.87 -23.71 22.64
S SO4 I . -36.84 -59.86 -22.06
O1 SO4 I . -37.22 -58.56 -21.50
O2 SO4 I . -37.73 -60.20 -23.18
O3 SO4 I . -35.44 -59.79 -22.53
O4 SO4 I . -36.99 -60.91 -21.02
S SO4 J . -12.96 -61.31 -16.70
O1 SO4 J . -13.66 -60.76 -15.52
O2 SO4 J . -11.64 -60.67 -16.85
O3 SO4 J . -12.77 -62.77 -16.53
O4 SO4 J . -13.77 -61.07 -17.92
S SO4 K . 14.78 48.77 30.37
O1 SO4 K . 14.34 50.05 30.98
O2 SO4 K . 13.78 47.71 30.63
O3 SO4 K . 14.96 48.95 28.92
O4 SO4 K . 16.07 48.38 30.98
S SO4 L . 19.95 54.90 6.74
O1 SO4 L . 19.36 54.79 8.18
O2 SO4 L . 20.54 56.36 6.56
O3 SO4 L . 21.06 53.82 6.49
O4 SO4 L . 18.84 54.68 5.66
S SO4 M . 10.88 8.65 9.20
O1 SO4 M . 10.77 9.69 10.25
O2 SO4 M . 11.40 9.24 7.95
O3 SO4 M . 11.77 7.56 9.66
O4 SO4 M . 9.53 8.09 8.94
S SO4 N . 5.05 -2.92 8.94
O1 SO4 N . 4.80 -2.08 10.13
O2 SO4 N . 5.86 -2.16 7.99
O3 SO4 N . 5.78 -4.13 9.35
O4 SO4 N . 3.77 -3.30 8.32
#